data_8S50
#
_entry.id   8S50
#
_cell.length_a   1.00
_cell.length_b   1.00
_cell.length_c   1.00
_cell.angle_alpha   90.00
_cell.angle_beta   90.00
_cell.angle_gamma   90.00
#
_symmetry.space_group_name_H-M   'P 1'
#
loop_
_entity.id
_entity.type
_entity.pdbx_description
1 polymer 'Pentraxin-related protein PTX3'
2 non-polymer 2-acetamido-2-deoxy-beta-D-glucopyranose
3 water water
#
_entity_poly.entity_id   1
_entity_poly.type   'polypeptide(L)'
_entity_poly.pdbx_seq_one_letter_code
;ENSDDYDLMYVNLDNEIDNGLHPTEDPTPCDCGQEHSEWDKLFIMLENSQMRERMLLQATDDVLRGELQRLREELGRLAE
SLARPCAPGAPAEARLTSALDELLQATRDAGRRLARMEGAEAQRPEEAGRALAAVLEELRQTRADLHAVQGWAARSWLPA
GCETAILFPMRSKKIFGSVHPVRPMRLESFSACIWVKATDVLNKTILFSYGTKRNPYEIQLYLSYQSIVFVVGGEENKLV
AEAMVSLGRWTHLCGTWNSEEGLTSLWVNGELAATTVEMATGHIVPEGGILQIGQEKNGCCVGGGFDETLAFSGRLTGFN
IWDSVLSNEEIRETGGAESCHIRGNIVGWGVTEIQPHGGAQYVS
;
_entity_poly.pdbx_strand_id   B,A,C,D,F,G,J,K
#
# COMPACT_ATOMS: atom_id res chain seq x y z
N ALA A 134 -39.15 47.26 -16.06
CA ALA A 134 -39.21 45.96 -16.73
C ALA A 134 -37.89 45.21 -16.56
N VAL A 135 -36.85 45.65 -17.27
CA VAL A 135 -35.55 45.03 -17.15
C VAL A 135 -35.02 45.16 -15.73
N LEU A 136 -35.24 46.32 -15.11
CA LEU A 136 -34.78 46.54 -13.75
C LEU A 136 -35.43 45.56 -12.79
N GLU A 137 -36.73 45.30 -12.96
CA GLU A 137 -37.43 44.38 -12.08
C GLU A 137 -36.84 42.98 -12.16
N GLU A 138 -36.63 42.47 -13.38
CA GLU A 138 -36.08 41.12 -13.52
C GLU A 138 -34.61 41.07 -13.10
N LEU A 139 -33.92 42.21 -13.15
CA LEU A 139 -32.54 42.24 -12.69
C LEU A 139 -32.43 41.89 -11.22
N ARG A 140 -33.46 42.20 -10.42
CA ARG A 140 -33.44 41.84 -9.01
C ARG A 140 -33.38 40.33 -8.84
N GLN A 141 -34.23 39.60 -9.57
CA GLN A 141 -34.20 38.15 -9.49
C GLN A 141 -32.92 37.58 -10.09
N THR A 142 -32.39 38.20 -11.14
CA THR A 142 -31.11 37.73 -11.68
C THR A 142 -30.01 37.85 -10.64
N ARG A 143 -29.97 38.97 -9.92
CA ARG A 143 -28.97 39.15 -8.87
C ARG A 143 -29.20 38.17 -7.73
N ALA A 144 -30.46 37.94 -7.35
CA ALA A 144 -30.75 36.96 -6.30
C ALA A 144 -30.25 35.58 -6.72
N ASP A 145 -30.41 35.23 -7.99
CA ASP A 145 -29.92 33.95 -8.49
C ASP A 145 -28.40 33.89 -8.41
N LEU A 146 -27.73 34.94 -8.91
CA LEU A 146 -26.27 34.98 -8.87
C LEU A 146 -25.74 35.00 -7.45
N HIS A 147 -26.56 35.33 -6.47
CA HIS A 147 -26.13 35.29 -5.08
C HIS A 147 -25.69 33.89 -4.67
N ALA A 148 -26.43 32.86 -5.12
CA ALA A 148 -26.09 31.50 -4.74
C ALA A 148 -24.69 31.09 -5.22
N VAL A 149 -24.20 31.69 -6.30
CA VAL A 149 -22.87 31.38 -6.81
C VAL A 149 -21.82 32.38 -6.34
N GLN A 150 -22.23 33.56 -5.88
CA GLN A 150 -21.27 34.53 -5.35
C GLN A 150 -20.35 33.88 -4.33
N GLY A 151 -20.91 33.40 -3.22
CA GLY A 151 -20.08 32.84 -2.17
C GLY A 151 -19.37 31.57 -2.59
N TRP A 152 -20.02 30.75 -3.41
CA TRP A 152 -19.41 29.50 -3.84
C TRP A 152 -18.16 29.76 -4.67
N ALA A 153 -18.19 30.79 -5.51
CA ALA A 153 -16.99 31.17 -6.25
C ALA A 153 -15.97 31.88 -5.37
N ALA A 154 -16.44 32.69 -4.41
CA ALA A 154 -15.51 33.43 -3.56
C ALA A 154 -14.71 32.50 -2.66
N ARG A 155 -15.34 31.45 -2.13
CA ARG A 155 -14.64 30.61 -1.16
C ARG A 155 -13.48 29.86 -1.78
N SER A 156 -13.61 29.40 -3.03
CA SER A 156 -12.57 28.65 -3.70
C SER A 156 -11.68 29.53 -4.58
N TRP A 157 -11.78 30.85 -4.43
CA TRP A 157 -10.94 31.76 -5.18
C TRP A 157 -9.48 31.58 -4.78
N LEU A 158 -8.58 31.71 -5.76
CA LEU A 158 -7.15 31.60 -5.54
C LEU A 158 -6.46 32.89 -5.95
N PRO A 159 -5.40 33.28 -5.26
CA PRO A 159 -4.77 34.58 -5.54
C PRO A 159 -3.85 34.49 -6.74
N ALA A 160 -3.43 35.67 -7.20
CA ALA A 160 -2.59 35.76 -8.39
C ALA A 160 -3.32 35.03 -9.52
N GLY A 161 -2.58 34.48 -10.47
CA GLY A 161 -3.18 33.67 -11.51
C GLY A 161 -3.03 32.20 -11.20
N CYS A 162 -2.84 31.87 -9.93
CA CYS A 162 -2.51 30.51 -9.53
C CYS A 162 -3.73 29.61 -9.71
N GLU A 163 -3.53 28.50 -10.41
CA GLU A 163 -4.59 27.54 -10.68
C GLU A 163 -4.55 26.34 -9.75
N THR A 164 -3.58 26.26 -8.84
CA THR A 164 -3.45 25.13 -7.94
C THR A 164 -2.87 25.60 -6.62
N ALA A 165 -3.22 24.90 -5.54
CA ALA A 165 -2.75 25.25 -4.22
C ALA A 165 -2.80 24.00 -3.34
N ILE A 166 -2.08 24.06 -2.22
CA ILE A 166 -2.03 22.96 -1.27
C ILE A 166 -2.91 23.30 -0.08
N LEU A 167 -3.75 22.36 0.32
CA LEU A 167 -4.68 22.54 1.43
C LEU A 167 -4.21 21.69 2.60
N PHE A 168 -4.04 22.33 3.77
CA PHE A 168 -3.74 21.64 5.02
C PHE A 168 -5.02 21.63 5.84
N PRO A 169 -5.87 20.61 5.69
CA PRO A 169 -7.19 20.67 6.34
C PRO A 169 -7.12 20.75 7.84
N MET A 170 -6.04 20.26 8.45
CA MET A 170 -5.99 20.09 9.89
C MET A 170 -4.55 20.23 10.37
N ARG A 171 -4.40 20.40 11.68
CA ARG A 171 -3.08 20.42 12.31
C ARG A 171 -2.75 19.02 12.82
N SER A 172 -2.50 18.11 11.88
CA SER A 172 -2.19 16.75 12.24
C SER A 172 -0.83 16.68 12.92
N LYS A 173 -0.58 15.55 13.57
CA LYS A 173 0.75 15.26 14.11
C LYS A 173 1.77 15.02 13.00
N LYS A 174 1.32 14.81 11.75
CA LYS A 174 2.20 14.39 10.68
C LYS A 174 1.90 15.07 9.34
N ILE A 175 1.27 16.25 9.36
CA ILE A 175 0.91 16.96 8.13
C ILE A 175 2.03 17.92 7.77
N PHE A 176 2.45 17.89 6.51
CA PHE A 176 3.48 18.81 6.03
C PHE A 176 3.57 18.67 4.52
N GLY A 177 4.50 19.39 3.92
CA GLY A 177 4.80 19.19 2.52
C GLY A 177 6.29 19.27 2.22
N SER A 178 6.87 18.21 1.68
CA SER A 178 8.28 18.22 1.37
C SER A 178 8.53 18.98 0.08
N VAL A 179 9.59 19.79 0.05
CA VAL A 179 10.02 20.48 -1.16
C VAL A 179 11.40 19.98 -1.53
N HIS A 180 11.61 19.69 -2.80
CA HIS A 180 12.85 19.08 -3.29
C HIS A 180 13.42 19.95 -4.40
N PRO A 181 14.11 21.03 -4.05
CA PRO A 181 14.70 21.90 -5.08
C PRO A 181 15.76 21.16 -5.88
N VAL A 182 15.72 21.34 -7.20
CA VAL A 182 16.76 20.76 -8.06
C VAL A 182 18.09 21.47 -7.82
N ARG A 183 18.07 22.79 -7.76
CA ARG A 183 19.28 23.55 -7.50
C ARG A 183 19.64 23.47 -6.01
N PRO A 184 20.90 23.27 -5.66
CA PRO A 184 21.26 23.20 -4.23
C PRO A 184 21.03 24.53 -3.53
N MET A 185 20.76 24.45 -2.24
CA MET A 185 20.46 25.62 -1.42
C MET A 185 21.70 26.35 -0.94
N ARG A 186 22.85 26.17 -1.60
CA ARG A 186 24.08 26.87 -1.23
C ARG A 186 23.94 28.32 -1.66
N LEU A 187 23.13 29.06 -0.91
CA LEU A 187 22.76 30.42 -1.26
C LEU A 187 23.19 31.38 -0.16
N GLU A 188 23.69 32.55 -0.56
CA GLU A 188 24.06 33.61 0.37
C GLU A 188 22.98 34.67 0.49
N SER A 189 22.30 35.00 -0.59
CA SER A 189 21.19 35.94 -0.59
C SER A 189 19.98 35.27 -1.22
N PHE A 190 18.81 35.47 -0.62
CA PHE A 190 17.61 34.82 -1.10
C PHE A 190 16.39 35.66 -0.76
N SER A 191 15.41 35.60 -1.65
CA SER A 191 14.07 36.16 -1.42
C SER A 191 13.06 35.05 -1.60
N ALA A 192 12.20 34.86 -0.61
CA ALA A 192 11.23 33.77 -0.59
C ALA A 192 9.84 34.32 -0.38
N CYS A 193 8.95 34.11 -1.34
CA CYS A 193 7.56 34.55 -1.29
C CYS A 193 6.64 33.36 -1.05
N ILE A 194 5.44 33.66 -0.58
CA ILE A 194 4.41 32.63 -0.43
C ILE A 194 3.06 33.32 -0.23
N TRP A 195 2.03 32.79 -0.88
CA TRP A 195 0.65 33.18 -0.64
C TRP A 195 0.07 32.25 0.41
N VAL A 196 -0.45 32.81 1.49
CA VAL A 196 -0.89 32.04 2.64
C VAL A 196 -2.29 32.47 3.05
N LYS A 197 -3.12 31.50 3.43
CA LYS A 197 -4.43 31.76 4.01
C LYS A 197 -4.57 30.84 5.21
N ALA A 198 -4.41 31.39 6.41
CA ALA A 198 -4.30 30.59 7.63
C ALA A 198 -5.68 30.49 8.29
N THR A 199 -6.16 29.25 8.48
CA THR A 199 -7.43 29.07 9.17
C THR A 199 -7.29 29.35 10.67
N ASP A 200 -6.19 28.89 11.28
CA ASP A 200 -5.96 29.14 12.69
C ASP A 200 -4.46 29.29 12.91
N VAL A 201 -4.07 30.35 13.63
CA VAL A 201 -2.68 30.68 13.87
C VAL A 201 -2.42 30.60 15.37
N LEU A 202 -1.43 29.81 15.76
CA LEU A 202 -1.09 29.59 17.16
C LEU A 202 0.09 30.49 17.54
N ASN A 203 0.66 30.23 18.73
CA ASN A 203 1.88 30.90 19.15
C ASN A 203 3.02 30.70 18.16
N LYS A 204 3.00 29.63 17.38
CA LYS A 204 4.07 29.33 16.45
C LYS A 204 3.48 28.42 15.36
N THR A 205 3.30 28.96 14.16
CA THR A 205 2.76 28.19 13.05
C THR A 205 3.67 28.37 11.84
N ILE A 206 4.23 27.28 11.34
CA ILE A 206 5.30 27.33 10.34
C ILE A 206 4.67 27.37 8.94
N LEU A 207 5.02 28.39 8.17
CA LEU A 207 4.65 28.39 6.76
C LEU A 207 5.62 27.54 5.95
N PHE A 208 6.90 27.89 5.97
CA PHE A 208 7.94 27.08 5.37
C PHE A 208 9.19 27.15 6.25
N SER A 209 10.03 26.13 6.12
CA SER A 209 11.20 26.01 6.97
C SER A 209 12.26 25.15 6.28
N TYR A 210 13.48 25.66 6.20
CA TYR A 210 14.62 24.92 5.69
C TYR A 210 15.60 24.70 6.83
N GLY A 211 15.97 23.44 7.05
CA GLY A 211 16.86 23.12 8.16
C GLY A 211 17.80 21.96 7.88
N THR A 212 19.06 22.13 8.24
CA THR A 212 20.06 21.08 8.06
C THR A 212 20.11 20.19 9.29
N LYS A 213 20.95 19.15 9.23
CA LYS A 213 21.08 18.23 10.35
C LYS A 213 21.61 18.95 11.59
N ARG A 214 22.66 19.76 11.41
CA ARG A 214 23.28 20.42 12.55
C ARG A 214 22.39 21.52 13.12
N ASN A 215 21.81 22.34 12.24
CA ASN A 215 21.00 23.49 12.64
C ASN A 215 19.68 23.43 11.90
N PRO A 216 18.59 23.01 12.55
CA PRO A 216 17.31 22.90 11.85
C PRO A 216 16.61 24.22 11.57
N TYR A 217 17.19 25.36 11.98
CA TYR A 217 16.54 26.66 11.89
C TYR A 217 17.23 27.57 10.89
N GLU A 218 17.71 27.01 9.78
CA GLU A 218 18.42 27.81 8.80
C GLU A 218 17.52 28.92 8.26
N ILE A 219 16.46 28.53 7.56
CA ILE A 219 15.44 29.47 7.08
C ILE A 219 14.10 28.98 7.63
N GLN A 220 13.32 29.90 8.20
CA GLN A 220 12.05 29.52 8.80
C GLN A 220 11.15 30.74 8.86
N LEU A 221 10.08 30.73 8.06
CA LEU A 221 9.06 31.76 8.13
C LEU A 221 7.86 31.18 8.86
N TYR A 222 7.40 31.89 9.90
CA TYR A 222 6.27 31.39 10.67
C TYR A 222 5.44 32.56 11.15
N LEU A 223 4.36 32.24 11.84
CA LEU A 223 3.38 33.21 12.31
C LEU A 223 3.21 33.03 13.81
N SER A 224 3.28 34.13 14.55
CA SER A 224 2.89 34.16 15.95
C SER A 224 1.39 34.39 16.02
N TYR A 225 0.87 34.70 17.20
CA TYR A 225 -0.56 34.92 17.35
C TYR A 225 -1.07 35.94 16.33
N GLN A 226 -0.34 37.03 16.15
CA GLN A 226 -0.74 38.08 15.22
C GLN A 226 0.38 38.60 14.36
N SER A 227 1.64 38.27 14.65
CA SER A 227 2.78 38.79 13.91
C SER A 227 3.38 37.74 13.00
N ILE A 228 4.26 38.18 12.11
CA ILE A 228 4.96 37.32 11.17
C ILE A 228 6.44 37.37 11.52
N VAL A 229 7.07 36.20 11.60
CA VAL A 229 8.45 36.07 12.05
C VAL A 229 9.26 35.41 10.96
N PHE A 230 10.42 35.99 10.66
CA PHE A 230 11.36 35.48 9.68
C PHE A 230 12.65 35.14 10.42
N VAL A 231 13.11 33.90 10.29
CA VAL A 231 14.28 33.41 10.99
C VAL A 231 15.29 32.95 9.94
N VAL A 232 16.50 33.49 10.01
CA VAL A 232 17.60 33.11 9.13
C VAL A 232 18.83 32.87 9.98
N GLY A 233 19.49 31.73 9.76
CA GLY A 233 20.70 31.41 10.51
C GLY A 233 20.42 30.67 11.80
N GLY A 234 19.78 31.34 12.75
CA GLY A 234 19.46 30.72 14.03
C GLY A 234 18.27 31.40 14.68
N GLU A 235 17.72 30.72 15.69
CA GLU A 235 16.55 31.25 16.37
C GLU A 235 16.85 32.57 17.08
N GLU A 236 18.09 32.78 17.51
CA GLU A 236 18.40 33.99 18.27
C GLU A 236 18.16 35.24 17.45
N ASN A 237 18.57 35.23 16.18
CA ASN A 237 18.38 36.38 15.29
C ASN A 237 17.14 36.15 14.44
N LYS A 238 16.20 37.10 14.51
CA LYS A 238 14.95 36.98 13.78
C LYS A 238 14.37 38.37 13.56
N LEU A 239 13.44 38.45 12.62
CA LEU A 239 12.74 39.68 12.27
C LEU A 239 11.26 39.47 12.53
N VAL A 240 10.63 40.43 13.21
CA VAL A 240 9.23 40.32 13.60
C VAL A 240 8.48 41.52 13.04
N ALA A 241 7.33 41.25 12.41
CA ALA A 241 6.44 42.30 11.91
C ALA A 241 5.09 42.11 12.56
N GLU A 242 4.62 43.14 13.27
CA GLU A 242 3.48 43.00 14.18
C GLU A 242 2.17 43.25 13.46
N ALA A 243 1.24 42.29 13.56
CA ALA A 243 -0.19 42.49 13.34
C ALA A 243 -0.48 43.04 11.94
N MET A 244 -0.13 42.23 10.93
CA MET A 244 -0.61 42.47 9.58
C MET A 244 -0.95 41.17 8.85
N VAL A 245 -1.41 40.16 9.58
CA VAL A 245 -1.85 38.91 8.99
C VAL A 245 -3.29 38.65 9.43
N SER A 246 -4.18 38.42 8.46
CA SER A 246 -5.55 38.05 8.72
C SER A 246 -5.75 36.57 8.45
N LEU A 247 -6.73 35.97 9.15
CA LEU A 247 -6.87 34.53 9.12
C LEU A 247 -7.41 34.04 7.78
N GLY A 248 -8.63 34.45 7.43
CA GLY A 248 -9.30 33.87 6.29
C GLY A 248 -9.05 34.56 4.97
N ARG A 249 -8.00 35.39 4.91
CA ARG A 249 -7.69 36.17 3.71
CA ARG A 249 -7.69 36.17 3.71
C ARG A 249 -6.29 35.82 3.21
N TRP A 250 -6.17 35.70 1.90
CA TRP A 250 -4.86 35.45 1.31
C TRP A 250 -3.95 36.63 1.53
N THR A 251 -2.71 36.35 1.90
CA THR A 251 -1.68 37.37 2.07
C THR A 251 -0.40 36.89 1.41
N HIS A 252 0.31 37.81 0.77
CA HIS A 252 1.54 37.50 0.04
C HIS A 252 2.72 37.91 0.91
N LEU A 253 3.23 36.96 1.68
CA LEU A 253 4.34 37.21 2.59
C LEU A 253 5.64 36.86 1.87
N CYS A 254 6.58 37.80 1.81
CA CYS A 254 7.85 37.55 1.16
C CYS A 254 8.98 38.12 2.00
N GLY A 255 9.92 37.25 2.38
CA GLY A 255 11.07 37.66 3.17
C GLY A 255 12.34 37.60 2.34
N THR A 256 13.12 38.67 2.40
CA THR A 256 14.37 38.77 1.66
C THR A 256 15.53 38.93 2.64
N TRP A 257 16.70 38.42 2.26
CA TRP A 257 17.86 38.49 3.14
C TRP A 257 19.13 38.31 2.32
N ASN A 258 20.09 39.20 2.51
CA ASN A 258 21.40 39.12 1.87
C ASN A 258 22.47 39.06 2.95
N SER A 259 23.47 38.21 2.72
CA SER A 259 24.47 37.94 3.75
C SER A 259 25.58 38.99 3.82
N GLU A 260 25.59 39.97 2.91
CA GLU A 260 26.65 40.97 2.94
C GLU A 260 26.65 41.73 4.26
N GLU A 261 25.48 42.14 4.72
CA GLU A 261 25.36 42.78 6.03
C GLU A 261 24.11 42.33 6.78
N GLY A 262 23.48 41.23 6.37
CA GLY A 262 22.29 40.77 7.05
C GLY A 262 21.08 41.66 6.87
N LEU A 263 21.02 42.43 5.79
CA LEU A 263 19.90 43.32 5.56
C LEU A 263 18.66 42.52 5.18
N THR A 264 17.85 42.19 6.17
CA THR A 264 16.65 41.38 5.97
C THR A 264 15.40 42.25 5.99
N SER A 265 14.42 41.86 5.17
CA SER A 265 13.19 42.63 5.03
C SER A 265 12.01 41.68 4.91
N LEU A 266 10.85 42.14 5.35
CA LEU A 266 9.59 41.42 5.21
C LEU A 266 8.60 42.31 4.47
N TRP A 267 8.01 41.78 3.40
CA TRP A 267 7.02 42.47 2.61
C TRP A 267 5.71 41.70 2.70
N VAL A 268 4.65 42.40 3.12
CA VAL A 268 3.32 41.81 3.23
C VAL A 268 2.42 42.50 2.21
N ASN A 269 1.88 41.74 1.27
CA ASN A 269 0.98 42.25 0.25
C ASN A 269 1.64 43.29 -0.64
N GLY A 270 2.98 43.33 -0.67
CA GLY A 270 3.71 44.21 -1.55
C GLY A 270 4.31 45.43 -0.89
N GLU A 271 3.84 45.80 0.31
CA GLU A 271 4.38 46.94 1.04
C GLU A 271 5.23 46.46 2.19
N LEU A 272 6.40 47.08 2.37
CA LEU A 272 7.35 46.63 3.36
C LEU A 272 6.73 46.62 4.75
N ALA A 273 7.01 45.56 5.51
CA ALA A 273 6.47 45.37 6.85
C ALA A 273 7.48 45.69 7.94
N ALA A 274 8.66 45.08 7.88
CA ALA A 274 9.68 45.31 8.89
C ALA A 274 11.03 44.92 8.32
N THR A 275 12.05 45.73 8.60
CA THR A 275 13.39 45.52 8.09
C THR A 275 14.41 45.67 9.23
N THR A 276 15.49 44.89 9.12
CA THR A 276 16.57 44.95 10.09
C THR A 276 17.89 44.71 9.37
N VAL A 277 18.98 45.08 10.04
CA VAL A 277 20.32 44.97 9.46
C VAL A 277 21.23 44.28 10.47
N GLU A 278 22.29 43.67 9.95
CA GLU A 278 23.24 42.91 10.76
C GLU A 278 22.52 41.90 11.65
N MET A 279 21.82 40.97 11.01
CA MET A 279 21.28 39.80 11.68
C MET A 279 21.61 38.58 10.84
N ALA A 280 22.29 37.61 11.45
CA ALA A 280 22.83 36.46 10.74
C ALA A 280 23.80 36.89 9.64
N THR A 281 24.48 38.02 9.86
CA THR A 281 25.41 38.55 8.87
C THR A 281 26.59 37.59 8.68
N GLY A 282 27.10 37.57 7.46
CA GLY A 282 28.23 36.69 7.16
C GLY A 282 27.91 35.23 7.39
N HIS A 283 26.69 34.81 7.08
CA HIS A 283 26.24 33.45 7.28
C HIS A 283 25.85 32.85 5.93
N ILE A 284 26.09 31.55 5.77
CA ILE A 284 25.75 30.84 4.55
C ILE A 284 24.95 29.60 4.93
N VAL A 285 23.75 29.47 4.38
CA VAL A 285 22.92 28.30 4.61
C VAL A 285 23.49 27.17 3.75
N PRO A 286 23.90 26.05 4.34
CA PRO A 286 24.56 24.99 3.55
C PRO A 286 23.54 24.12 2.83
N GLU A 287 24.06 23.09 2.16
CA GLU A 287 23.24 22.19 1.38
C GLU A 287 22.76 21.04 2.24
N GLY A 288 22.06 20.08 1.61
CA GLY A 288 21.58 18.90 2.29
C GLY A 288 20.41 19.12 3.22
N GLY A 289 20.11 20.36 3.59
CA GLY A 289 19.02 20.60 4.50
C GLY A 289 17.68 20.27 3.88
N ILE A 290 16.74 19.88 4.73
CA ILE A 290 15.39 19.53 4.31
C ILE A 290 14.54 20.79 4.36
N LEU A 291 13.79 21.04 3.28
CA LEU A 291 12.89 22.18 3.20
C LEU A 291 11.45 21.67 3.16
N GLN A 292 10.61 22.22 4.02
CA GLN A 292 9.23 21.79 4.12
C GLN A 292 8.33 23.01 4.18
N ILE A 293 7.06 22.78 3.89
CA ILE A 293 6.01 23.79 4.01
C ILE A 293 5.00 23.28 5.03
N GLY A 294 4.70 24.11 6.03
CA GLY A 294 3.73 23.77 7.04
C GLY A 294 4.28 23.08 8.27
N GLN A 295 5.57 22.78 8.33
CA GLN A 295 6.15 22.11 9.48
C GLN A 295 7.64 22.42 9.57
N GLU A 296 8.23 22.00 10.68
CA GLU A 296 9.66 22.12 10.91
C GLU A 296 10.36 20.83 10.46
N LYS A 297 11.67 20.76 10.71
CA LYS A 297 12.44 19.55 10.44
C LYS A 297 12.43 18.69 11.70
N ASN A 298 11.53 17.70 11.73
CA ASN A 298 11.48 16.74 12.82
C ASN A 298 11.50 15.30 12.37
N GLY A 299 11.38 15.02 11.08
CA GLY A 299 11.42 13.66 10.59
C GLY A 299 10.11 12.92 10.83
N CYS A 300 9.79 12.02 9.90
CA CYS A 300 8.56 11.24 9.96
C CYS A 300 8.86 9.74 9.90
N CYS A 301 10.08 9.35 10.26
CA CYS A 301 10.42 7.93 10.37
C CYS A 301 9.76 7.26 11.58
N VAL A 302 9.19 8.05 12.50
CA VAL A 302 8.47 7.51 13.65
C VAL A 302 6.97 7.45 13.39
N GLY A 303 6.54 7.51 12.13
CA GLY A 303 5.13 7.57 11.82
C GLY A 303 4.56 8.95 12.10
N GLY A 304 5.36 9.98 11.88
CA GLY A 304 4.98 11.34 12.19
C GLY A 304 5.96 11.99 13.14
N GLY A 305 5.51 12.30 14.35
CA GLY A 305 6.36 12.90 15.35
C GLY A 305 6.47 14.40 15.27
N PHE A 306 6.05 15.01 14.16
CA PHE A 306 6.05 16.46 14.06
C PHE A 306 5.19 17.05 15.18
N ASP A 307 5.69 18.12 15.79
CA ASP A 307 4.91 18.77 16.83
C ASP A 307 3.60 19.30 16.25
N GLU A 308 2.50 18.97 16.90
CA GLU A 308 1.20 19.38 16.39
C GLU A 308 1.05 20.88 16.38
N THR A 309 1.52 21.56 17.44
CA THR A 309 1.30 22.99 17.56
C THR A 309 1.96 23.76 16.43
N LEU A 310 3.17 23.36 16.03
CA LEU A 310 3.88 24.07 14.98
C LEU A 310 3.23 23.88 13.61
N ALA A 311 2.36 22.89 13.46
CA ALA A 311 1.80 22.60 12.16
C ALA A 311 1.05 23.81 11.60
N PHE A 312 0.76 23.75 10.31
CA PHE A 312 0.01 24.78 9.62
C PHE A 312 -1.28 24.18 9.09
N SER A 313 -2.40 24.86 9.32
CA SER A 313 -3.70 24.43 8.83
C SER A 313 -4.32 25.58 8.05
N GLY A 314 -4.52 25.37 6.75
CA GLY A 314 -5.03 26.42 5.89
C GLY A 314 -4.77 26.15 4.42
N ARG A 315 -4.32 27.16 3.70
CA ARG A 315 -4.02 27.01 2.28
C ARG A 315 -2.74 27.73 1.93
N LEU A 316 -1.93 27.12 1.07
CA LEU A 316 -0.67 27.70 0.64
C LEU A 316 -0.57 27.62 -0.87
N THR A 317 0.10 28.62 -1.46
CA THR A 317 0.33 28.62 -2.89
C THR A 317 1.47 29.59 -3.19
N GLY A 318 1.89 29.58 -4.45
CA GLY A 318 2.89 30.54 -4.91
C GLY A 318 4.17 30.52 -4.10
N PHE A 319 4.66 29.34 -3.73
CA PHE A 319 5.89 29.22 -2.96
C PHE A 319 7.08 29.34 -3.89
N ASN A 320 7.83 30.44 -3.79
CA ASN A 320 8.97 30.71 -4.64
C ASN A 320 10.15 31.14 -3.79
N ILE A 321 11.34 30.69 -4.16
CA ILE A 321 12.58 31.08 -3.51
C ILE A 321 13.57 31.49 -4.59
N TRP A 322 14.23 32.61 -4.41
CA TRP A 322 15.18 33.14 -5.38
C TRP A 322 16.59 33.07 -4.82
N ASP A 323 17.57 33.09 -5.73
CA ASP A 323 18.97 33.08 -5.37
C ASP A 323 19.54 34.47 -5.17
N SER A 324 18.76 35.51 -5.43
CA SER A 324 19.21 36.89 -5.26
C SER A 324 18.08 37.71 -4.65
N VAL A 325 18.45 38.71 -3.86
CA VAL A 325 17.46 39.59 -3.25
C VAL A 325 16.70 40.31 -4.35
N LEU A 326 15.40 40.12 -4.39
CA LEU A 326 14.57 40.74 -5.42
C LEU A 326 14.52 42.25 -5.24
N SER A 327 14.32 42.95 -6.35
CA SER A 327 14.14 44.38 -6.30
C SER A 327 12.75 44.73 -5.79
N ASN A 328 12.57 45.99 -5.39
CA ASN A 328 11.28 46.41 -4.84
C ASN A 328 10.17 46.24 -5.85
N GLU A 329 10.41 46.65 -7.10
CA GLU A 329 9.40 46.49 -8.14
C GLU A 329 9.10 45.02 -8.38
N GLU A 330 10.14 44.17 -8.39
CA GLU A 330 9.91 42.74 -8.55
C GLU A 330 9.11 42.17 -7.38
N ILE A 331 9.40 42.65 -6.16
CA ILE A 331 8.63 42.19 -5.00
C ILE A 331 7.16 42.56 -5.16
N ARG A 332 6.89 43.80 -5.59
CA ARG A 332 5.51 44.20 -5.81
CA ARG A 332 5.51 44.20 -5.81
C ARG A 332 4.84 43.37 -6.89
N GLU A 333 5.55 43.11 -7.99
CA GLU A 333 4.98 42.37 -9.09
C GLU A 333 4.73 40.91 -8.75
N THR A 334 5.52 40.34 -7.83
CA THR A 334 5.32 38.94 -7.47
C THR A 334 3.95 38.71 -6.84
N GLY A 335 3.42 39.70 -6.13
CA GLY A 335 2.15 39.55 -5.47
C GLY A 335 1.03 40.33 -6.13
N GLY A 336 1.01 40.32 -7.46
CA GLY A 336 0.02 41.05 -8.23
C GLY A 336 -1.24 40.24 -8.49
N ALA A 337 -1.91 40.58 -9.58
CA ALA A 337 -3.14 39.90 -9.98
C ALA A 337 -2.87 38.73 -10.91
N GLU A 338 -2.25 39.01 -12.06
CA GLU A 338 -1.78 37.95 -12.96
C GLU A 338 -0.31 37.67 -12.73
N SER A 339 0.02 37.30 -11.48
CA SER A 339 1.41 37.18 -11.05
C SER A 339 1.81 35.75 -10.70
N CYS A 340 0.99 34.75 -11.03
CA CYS A 340 1.39 33.36 -10.80
C CYS A 340 2.09 32.79 -12.03
N HIS A 341 3.06 33.53 -12.52
CA HIS A 341 3.99 33.03 -13.54
C HIS A 341 5.41 33.52 -13.31
N ILE A 342 5.66 34.25 -12.24
CA ILE A 342 7.01 34.65 -11.83
C ILE A 342 7.43 33.68 -10.73
N ARG A 343 8.36 32.79 -11.04
CA ARG A 343 8.78 31.75 -10.12
C ARG A 343 10.29 31.82 -9.94
N GLY A 344 10.74 31.42 -8.75
CA GLY A 344 12.14 31.49 -8.44
C GLY A 344 12.94 30.39 -9.11
N ASN A 345 14.26 30.62 -9.19
CA ASN A 345 15.14 29.65 -9.83
C ASN A 345 15.37 28.44 -8.92
N ILE A 346 15.46 28.66 -7.61
CA ILE A 346 15.71 27.55 -6.69
C ILE A 346 14.43 26.74 -6.49
N VAL A 347 13.39 27.37 -5.96
CA VAL A 347 12.10 26.74 -5.77
C VAL A 347 11.07 27.55 -6.55
N GLY A 348 10.34 26.89 -7.43
CA GLY A 348 9.32 27.56 -8.23
C GLY A 348 7.98 26.86 -8.16
N TRP A 349 6.93 27.59 -7.81
CA TRP A 349 5.62 26.99 -7.71
C TRP A 349 5.18 26.45 -9.07
N GLY A 350 4.70 25.21 -9.08
CA GLY A 350 4.32 24.55 -10.31
C GLY A 350 5.47 23.97 -11.10
N VAL A 351 6.70 24.08 -10.60
CA VAL A 351 7.88 23.51 -11.25
C VAL A 351 8.63 22.58 -10.30
N THR A 352 8.84 23.01 -9.06
CA THR A 352 9.58 22.21 -8.10
C THR A 352 8.73 21.07 -7.55
N GLU A 353 9.40 20.04 -7.07
CA GLU A 353 8.76 18.85 -6.51
C GLU A 353 8.27 19.19 -5.11
N ILE A 354 6.96 19.41 -4.97
CA ILE A 354 6.32 19.60 -3.68
C ILE A 354 5.37 18.43 -3.46
N GLN A 355 5.68 17.62 -2.45
CA GLN A 355 4.88 16.43 -2.13
C GLN A 355 4.18 16.64 -0.79
N PRO A 356 2.87 16.82 -0.77
CA PRO A 356 2.17 16.88 0.52
C PRO A 356 2.15 15.51 1.20
N HIS A 357 2.06 15.53 2.53
CA HIS A 357 2.05 14.32 3.32
C HIS A 357 1.22 14.53 4.58
N GLY A 358 0.58 13.46 5.02
CA GLY A 358 -0.13 13.45 6.29
C GLY A 358 -1.57 13.89 6.24
N GLY A 359 -2.05 14.35 5.09
CA GLY A 359 -3.41 14.85 4.99
C GLY A 359 -3.50 16.07 4.10
N ALA A 360 -2.37 16.72 3.87
CA ALA A 360 -2.32 17.82 2.91
C ALA A 360 -2.56 17.29 1.51
N GLN A 361 -3.22 18.09 0.68
CA GLN A 361 -3.59 17.65 -0.66
C GLN A 361 -3.59 18.85 -1.59
N TYR A 362 -3.45 18.56 -2.88
CA TYR A 362 -3.49 19.59 -3.92
C TYR A 362 -4.94 19.94 -4.20
N VAL A 363 -5.34 21.15 -3.82
CA VAL A 363 -6.67 21.66 -4.14
C VAL A 363 -6.57 22.48 -5.42
N SER A 364 -6.77 21.82 -6.56
CA SER A 364 -6.69 22.49 -7.84
C SER A 364 -7.81 23.51 -8.00
N ALA B 134 34.99 -51.38 12.89
CA ALA B 134 33.61 -51.50 12.43
C ALA B 134 32.84 -50.21 12.68
N VAL B 135 32.65 -49.88 13.95
CA VAL B 135 31.92 -48.66 14.29
C VAL B 135 32.68 -47.43 13.84
N LEU B 136 34.02 -47.48 13.92
CA LEU B 136 34.82 -46.32 13.51
C LEU B 136 34.67 -46.03 12.03
N GLU B 137 34.70 -47.07 11.19
CA GLU B 137 34.60 -46.85 9.75
C GLU B 137 33.29 -46.18 9.39
N GLU B 138 32.16 -46.70 9.89
CA GLU B 138 30.87 -46.08 9.60
C GLU B 138 30.76 -44.70 10.23
N LEU B 139 31.40 -44.50 11.39
CA LEU B 139 31.45 -43.17 11.99
C LEU B 139 32.11 -42.17 11.04
N ARG B 140 33.09 -42.63 10.25
CA ARG B 140 33.69 -41.76 9.26
C ARG B 140 32.62 -41.17 8.34
N GLN B 141 31.78 -42.02 7.76
CA GLN B 141 30.73 -41.52 6.87
C GLN B 141 29.64 -40.77 7.61
N THR B 142 29.37 -41.11 8.87
CA THR B 142 28.41 -40.34 9.64
C THR B 142 28.90 -38.90 9.81
N ARG B 143 30.18 -38.72 10.12
CA ARG B 143 30.75 -37.39 10.21
C ARG B 143 30.74 -36.70 8.86
N ALA B 144 31.06 -37.42 7.79
CA ALA B 144 30.99 -36.82 6.46
C ALA B 144 29.58 -36.33 6.16
N ASP B 145 28.57 -37.10 6.54
CA ASP B 145 27.18 -36.67 6.38
C ASP B 145 26.90 -35.41 7.19
N LEU B 146 27.26 -35.42 8.47
CA LEU B 146 26.99 -34.27 9.32
C LEU B 146 27.74 -33.03 8.86
N HIS B 147 28.79 -33.19 8.06
CA HIS B 147 29.51 -32.04 7.54
C HIS B 147 28.59 -31.12 6.76
N ALA B 148 27.62 -31.70 6.02
CA ALA B 148 26.72 -30.88 5.22
C ALA B 148 25.90 -29.94 6.08
N VAL B 149 25.43 -30.40 7.24
CA VAL B 149 24.65 -29.55 8.14
C VAL B 149 25.53 -28.71 9.05
N GLN B 150 26.82 -29.05 9.19
CA GLN B 150 27.72 -28.26 10.02
C GLN B 150 27.68 -26.78 9.63
N GLY B 151 28.08 -26.48 8.41
CA GLY B 151 28.14 -25.09 7.98
C GLY B 151 26.77 -24.44 7.93
N TRP B 152 25.75 -25.21 7.54
CA TRP B 152 24.40 -24.64 7.44
C TRP B 152 23.88 -24.21 8.81
N ALA B 153 24.19 -24.98 9.86
CA ALA B 153 23.81 -24.56 11.21
C ALA B 153 24.72 -23.45 11.73
N ALA B 154 26.00 -23.47 11.36
CA ALA B 154 26.92 -22.46 11.87
C ALA B 154 26.63 -21.08 11.30
N ARG B 155 26.20 -21.02 10.04
CA ARG B 155 26.01 -19.72 9.40
C ARG B 155 24.83 -18.95 9.99
N SER B 156 23.78 -19.64 10.42
CA SER B 156 22.60 -19.00 10.99
C SER B 156 22.61 -19.02 12.51
N TRP B 157 23.76 -19.34 13.12
CA TRP B 157 23.85 -19.34 14.58
C TRP B 157 23.70 -17.92 15.11
N LEU B 158 23.04 -17.80 16.26
CA LEU B 158 22.82 -16.52 16.90
C LEU B 158 23.49 -16.52 18.28
N PRO B 159 23.98 -15.37 18.73
CA PRO B 159 24.74 -15.34 19.99
C PRO B 159 23.81 -15.34 21.19
N ALA B 160 24.40 -15.56 22.36
CA ALA B 160 23.63 -15.65 23.59
C ALA B 160 22.53 -16.68 23.41
N GLY B 161 21.34 -16.39 23.91
CA GLY B 161 20.20 -17.26 23.68
C GLY B 161 19.15 -16.62 22.80
N CYS B 162 19.54 -15.58 22.06
CA CYS B 162 18.58 -14.85 21.25
C CYS B 162 18.07 -15.71 20.10
N GLU B 163 16.75 -15.76 19.95
CA GLU B 163 16.10 -16.50 18.89
C GLU B 163 15.67 -15.61 17.73
N THR B 164 15.97 -14.32 17.79
CA THR B 164 15.57 -13.39 16.74
C THR B 164 16.64 -12.31 16.60
N ALA B 165 16.77 -11.77 15.40
CA ALA B 165 17.75 -10.73 15.12
C ALA B 165 17.29 -9.95 13.89
N ILE B 166 17.89 -8.78 13.70
CA ILE B 166 17.59 -7.92 12.57
C ILE B 166 18.74 -8.01 11.58
N LEU B 167 18.41 -8.19 10.31
CA LEU B 167 19.38 -8.36 9.24
C LEU B 167 19.35 -7.13 8.35
N PHE B 168 20.50 -6.48 8.20
CA PHE B 168 20.66 -5.38 7.25
C PHE B 168 21.41 -5.91 6.04
N PRO B 169 20.71 -6.43 5.02
CA PRO B 169 21.41 -7.11 3.93
C PRO B 169 22.25 -6.19 3.04
N MET B 170 22.15 -4.88 3.23
CA MET B 170 22.70 -3.95 2.26
C MET B 170 22.88 -2.59 2.92
N ARG B 171 23.78 -1.78 2.34
CA ARG B 171 23.97 -0.40 2.77
C ARG B 171 23.15 0.48 1.83
N SER B 172 21.91 0.72 2.21
CA SER B 172 21.02 1.52 1.39
C SER B 172 21.01 2.98 1.86
N LYS B 173 20.31 3.82 1.11
CA LYS B 173 20.06 5.19 1.53
C LYS B 173 18.85 5.29 2.46
N LYS B 174 18.15 4.19 2.71
CA LYS B 174 16.92 4.22 3.50
C LYS B 174 16.82 3.07 4.49
N ILE B 175 17.88 2.29 4.68
CA ILE B 175 17.85 1.13 5.56
C ILE B 175 18.21 1.59 6.97
N PHE B 176 17.39 1.21 7.94
CA PHE B 176 17.67 1.50 9.35
C PHE B 176 16.65 0.74 10.19
N GLY B 177 16.69 0.94 11.50
CA GLY B 177 15.64 0.42 12.35
C GLY B 177 15.26 1.39 13.45
N SER B 178 13.99 1.76 13.52
CA SER B 178 13.55 2.75 14.50
C SER B 178 13.26 2.04 15.82
N VAL B 179 13.74 2.62 16.93
CA VAL B 179 13.47 2.11 18.27
C VAL B 179 12.60 3.10 19.00
N HIS B 180 11.61 2.60 19.73
CA HIS B 180 10.62 3.44 20.40
C HIS B 180 10.58 3.07 21.87
N PRO B 181 11.52 3.59 22.67
CA PRO B 181 11.51 3.29 24.11
C PRO B 181 10.25 3.83 24.78
N VAL B 182 9.63 3.00 25.61
CA VAL B 182 8.47 3.46 26.36
C VAL B 182 8.90 4.46 27.43
N ARG B 183 9.98 4.17 28.12
CA ARG B 183 10.50 5.08 29.15
C ARG B 183 11.22 6.25 28.48
N PRO B 184 11.01 7.48 28.93
CA PRO B 184 11.72 8.61 28.30
C PRO B 184 13.22 8.47 28.48
N MET B 185 13.95 9.04 27.53
CA MET B 185 15.41 8.97 27.51
C MET B 185 16.07 10.01 28.41
N ARG B 186 15.34 10.57 29.37
CA ARG B 186 15.88 11.56 30.31
C ARG B 186 16.80 10.83 31.28
N LEU B 187 17.97 10.43 30.78
CA LEU B 187 18.91 9.61 31.52
C LEU B 187 20.22 10.34 31.70
N GLU B 188 20.80 10.24 32.90
CA GLU B 188 22.11 10.81 33.18
C GLU B 188 23.21 9.77 33.08
N SER B 189 22.92 8.53 33.44
CA SER B 189 23.86 7.42 33.33
C SER B 189 23.20 6.29 32.57
N PHE B 190 23.95 5.67 31.66
CA PHE B 190 23.39 4.60 30.85
C PHE B 190 24.49 3.64 30.44
N SER B 191 24.10 2.37 30.25
CA SER B 191 24.98 1.32 29.75
C SER B 191 24.24 0.63 28.61
N ALA B 192 24.69 0.87 27.39
CA ALA B 192 24.03 0.36 26.18
C ALA B 192 24.85 -0.78 25.62
N CYS B 193 24.29 -1.98 25.65
CA CYS B 193 24.95 -3.17 25.12
C CYS B 193 24.36 -3.54 23.76
N ILE B 194 25.09 -4.32 22.97
CA ILE B 194 24.57 -4.76 21.68
C ILE B 194 25.42 -5.90 21.12
N TRP B 195 24.77 -6.84 20.45
CA TRP B 195 25.44 -7.90 19.70
C TRP B 195 25.44 -7.54 18.22
N VAL B 196 26.62 -7.51 17.61
CA VAL B 196 26.77 -7.04 16.24
C VAL B 196 27.62 -8.03 15.45
N LYS B 197 27.28 -8.18 14.17
CA LYS B 197 28.09 -8.94 13.22
C LYS B 197 28.10 -8.16 11.91
N ALA B 198 29.21 -7.48 11.63
CA ALA B 198 29.27 -6.53 10.53
C ALA B 198 29.87 -7.20 9.30
N THR B 199 29.14 -7.18 8.18
CA THR B 199 29.67 -7.74 6.95
C THR B 199 30.73 -6.84 6.34
N ASP B 200 30.51 -5.53 6.35
CA ASP B 200 31.48 -4.58 5.81
C ASP B 200 31.45 -3.32 6.67
N VAL B 201 32.63 -2.87 7.09
CA VAL B 201 32.77 -1.72 7.98
C VAL B 201 33.55 -0.64 7.23
N LEU B 202 32.96 0.54 7.15
CA LEU B 202 33.57 1.67 6.44
C LEU B 202 34.29 2.59 7.43
N ASN B 203 34.68 3.76 6.94
CA ASN B 203 35.25 4.80 7.80
C ASN B 203 34.30 5.18 8.92
N LYS B 204 33.00 4.99 8.75
CA LYS B 204 32.01 5.40 9.75
C LYS B 204 30.76 4.56 9.51
N THR B 205 30.49 3.60 10.39
CA THR B 205 29.31 2.74 10.28
C THR B 205 28.56 2.76 11.60
N ILE B 206 27.33 3.23 11.57
CA ILE B 206 26.55 3.46 12.79
C ILE B 206 25.89 2.16 13.23
N LEU B 207 26.17 1.72 14.46
CA LEU B 207 25.43 0.59 15.02
C LEU B 207 24.10 1.07 15.58
N PHE B 208 24.14 1.95 16.58
CA PHE B 208 22.95 2.60 17.10
C PHE B 208 23.28 4.05 17.39
N SER B 209 22.24 4.89 17.37
CA SER B 209 22.44 6.33 17.53
C SER B 209 21.17 6.97 18.04
N TYR B 210 21.31 7.77 19.11
CA TYR B 210 20.22 8.58 19.64
C TYR B 210 20.53 10.05 19.39
N GLY B 211 19.59 10.76 18.77
CA GLY B 211 19.82 12.15 18.43
C GLY B 211 18.57 13.01 18.50
N THR B 212 18.68 14.14 19.19
CA THR B 212 17.57 15.08 19.29
C THR B 212 17.60 16.05 18.13
N LYS B 213 16.59 16.93 18.07
CA LYS B 213 16.51 17.89 16.99
C LYS B 213 17.70 18.85 17.01
N ARG B 214 18.06 19.36 18.20
CA ARG B 214 19.13 20.34 18.28
C ARG B 214 20.49 19.71 18.05
N ASN B 215 20.75 18.55 18.66
CA ASN B 215 22.05 17.89 18.61
C ASN B 215 21.82 16.44 18.19
N PRO B 216 22.17 16.06 16.96
CA PRO B 216 21.92 14.68 16.52
C PRO B 216 22.91 13.65 17.06
N TYR B 217 23.93 14.07 17.81
CA TYR B 217 25.00 13.18 18.27
C TYR B 217 24.93 12.94 19.77
N GLU B 218 23.72 12.80 20.32
CA GLU B 218 23.59 12.59 21.76
C GLU B 218 24.29 11.31 22.17
N ILE B 219 23.80 10.17 21.68
CA ILE B 219 24.44 8.87 21.87
C ILE B 219 24.64 8.25 20.50
N GLN B 220 25.84 7.77 20.24
CA GLN B 220 26.14 7.20 18.93
C GLN B 220 27.30 6.22 19.06
N LEU B 221 27.02 4.93 18.92
CA LEU B 221 28.04 3.90 18.85
C LEU B 221 28.25 3.56 17.39
N TYR B 222 29.50 3.61 16.93
CA TYR B 222 29.78 3.30 15.54
C TYR B 222 31.14 2.64 15.43
N LEU B 223 31.47 2.25 14.20
CA LEU B 223 32.68 1.50 13.89
C LEU B 223 33.46 2.26 12.84
N SER B 224 34.75 2.44 13.09
CA SER B 224 35.68 2.93 12.09
C SER B 224 36.19 1.73 11.29
N TYR B 225 37.24 1.94 10.48
CA TYR B 225 37.76 0.84 9.67
C TYR B 225 38.05 -0.39 10.53
N GLN B 226 38.70 -0.19 11.67
CA GLN B 226 39.03 -1.29 12.56
C GLN B 226 38.71 -1.03 14.03
N SER B 227 38.39 0.21 14.41
CA SER B 227 38.17 0.57 15.80
C SER B 227 36.68 0.80 16.07
N ILE B 228 36.36 0.90 17.35
CA ILE B 228 35.00 1.14 17.82
C ILE B 228 34.97 2.49 18.52
N VAL B 229 33.98 3.31 18.18
CA VAL B 229 33.89 4.67 18.68
C VAL B 229 32.56 4.84 19.40
N PHE B 230 32.62 5.46 20.58
CA PHE B 230 31.44 5.75 21.40
C PHE B 230 31.36 7.26 21.58
N VAL B 231 30.25 7.85 21.14
CA VAL B 231 30.04 9.29 21.19
C VAL B 231 28.88 9.56 22.14
N VAL B 232 29.12 10.43 23.12
CA VAL B 232 28.10 10.82 24.08
C VAL B 232 28.13 12.34 24.21
N GLY B 233 26.94 12.95 24.18
CA GLY B 233 26.84 14.39 24.33
C GLY B 233 27.05 15.15 23.03
N GLY B 234 28.29 15.20 22.56
CA GLY B 234 28.61 15.90 21.33
C GLY B 234 29.56 15.09 20.48
N GLU B 235 29.60 15.45 19.20
CA GLU B 235 30.45 14.72 18.26
C GLU B 235 31.93 14.83 18.62
N GLU B 236 32.31 15.90 19.32
CA GLU B 236 33.71 16.06 19.71
C GLU B 236 34.10 15.15 20.86
N ASN B 237 33.15 14.79 21.73
CA ASN B 237 33.43 13.92 22.87
C ASN B 237 33.24 12.48 22.43
N LYS B 238 34.33 11.80 22.12
CA LYS B 238 34.28 10.41 21.69
C LYS B 238 35.38 9.61 22.38
N LEU B 239 35.11 8.32 22.54
CA LEU B 239 36.07 7.36 23.08
C LEU B 239 36.31 6.30 22.01
N VAL B 240 37.58 6.01 21.74
CA VAL B 240 37.97 5.12 20.65
C VAL B 240 38.72 3.93 21.24
N ALA B 241 38.32 2.72 20.84
CA ALA B 241 39.01 1.50 21.19
C ALA B 241 39.50 0.84 19.90
N GLU B 242 40.80 0.61 19.80
CA GLU B 242 41.43 0.28 18.52
C GLU B 242 41.46 -1.22 18.29
N ALA B 243 40.95 -1.65 17.13
CA ALA B 243 41.24 -2.94 16.52
C ALA B 243 40.91 -4.11 17.45
N MET B 244 39.61 -4.22 17.77
CA MET B 244 39.10 -5.44 18.39
C MET B 244 37.72 -5.81 17.87
N VAL B 245 37.43 -5.51 16.60
CA VAL B 245 36.18 -5.89 15.96
C VAL B 245 36.51 -6.69 14.71
N SER B 246 35.93 -7.88 14.61
CA SER B 246 36.05 -8.73 13.43
C SER B 246 34.76 -8.65 12.62
N LEU B 247 34.87 -8.91 11.32
CA LEU B 247 33.74 -8.69 10.43
C LEU B 247 32.67 -9.76 10.60
N GLY B 248 32.99 -11.01 10.30
CA GLY B 248 31.98 -12.04 10.23
C GLY B 248 31.70 -12.76 11.54
N ARG B 249 32.12 -12.18 12.66
CA ARG B 249 31.97 -12.80 13.96
CA ARG B 249 31.97 -12.79 13.96
C ARG B 249 31.16 -11.89 14.87
N TRP B 250 30.27 -12.50 15.65
CA TRP B 250 29.49 -11.75 16.62
C TRP B 250 30.39 -11.21 17.72
N THR B 251 30.15 -9.97 18.13
CA THR B 251 30.88 -9.36 19.23
C THR B 251 29.91 -8.57 20.09
N HIS B 252 30.11 -8.65 21.40
CA HIS B 252 29.23 -7.97 22.36
C HIS B 252 29.83 -6.62 22.72
N LEU B 253 29.67 -5.66 21.82
CA LEU B 253 30.10 -4.29 22.07
C LEU B 253 29.14 -3.65 23.05
N CYS B 254 29.66 -3.01 24.08
CA CYS B 254 28.80 -2.37 25.07
C CYS B 254 29.50 -1.15 25.62
N GLY B 255 28.75 -0.06 25.78
CA GLY B 255 29.31 1.19 26.24
C GLY B 255 28.61 1.76 27.44
N THR B 256 29.38 2.13 28.45
CA THR B 256 28.86 2.64 29.72
C THR B 256 29.28 4.10 29.88
N TRP B 257 28.43 4.88 30.53
CA TRP B 257 28.73 6.30 30.74
C TRP B 257 27.88 6.83 31.88
N ASN B 258 28.51 7.56 32.79
CA ASN B 258 27.83 8.25 33.89
C ASN B 258 28.21 9.72 33.88
N SER B 259 27.23 10.58 34.11
CA SER B 259 27.42 12.02 33.97
C SER B 259 28.08 12.66 35.18
N GLU B 260 28.32 11.91 36.26
CA GLU B 260 28.93 12.51 37.45
C GLU B 260 30.31 13.08 37.14
N GLU B 261 31.14 12.31 36.42
CA GLU B 261 32.43 12.81 35.98
C GLU B 261 32.77 12.38 34.56
N GLY B 262 31.78 11.93 33.77
CA GLY B 262 32.05 11.51 32.41
C GLY B 262 32.86 10.25 32.30
N LEU B 263 32.83 9.39 33.32
CA LEU B 263 33.60 8.15 33.28
C LEU B 263 32.97 7.17 32.29
N THR B 264 33.46 7.17 31.06
CA THR B 264 32.91 6.33 30.01
C THR B 264 33.83 5.15 29.75
N SER B 265 33.23 4.03 29.35
CA SER B 265 33.97 2.80 29.10
C SER B 265 33.35 2.05 27.93
N LEU B 266 34.18 1.28 27.24
CA LEU B 266 33.73 0.33 26.22
C LEU B 266 34.25 -1.04 26.57
N TRP B 267 33.34 -2.01 26.69
CA TRP B 267 33.66 -3.40 26.89
C TRP B 267 33.34 -4.16 25.62
N VAL B 268 34.30 -4.94 25.14
CA VAL B 268 34.12 -5.79 23.95
C VAL B 268 34.22 -7.24 24.41
N ASN B 269 33.15 -8.00 24.17
CA ASN B 269 33.09 -9.42 24.51
C ASN B 269 33.24 -9.67 26.00
N GLY B 270 33.00 -8.67 26.83
CA GLY B 270 33.00 -8.81 28.27
C GLY B 270 34.23 -8.27 28.98
N GLU B 271 35.33 -8.05 28.27
CA GLU B 271 36.55 -7.51 28.85
C GLU B 271 36.73 -6.06 28.42
N LEU B 272 37.27 -5.26 29.34
CA LEU B 272 37.43 -3.84 29.07
C LEU B 272 38.21 -3.61 27.79
N ALA B 273 37.65 -2.77 26.91
CA ALA B 273 38.32 -2.41 25.67
C ALA B 273 38.91 -1.00 25.75
N ALA B 274 38.20 -0.06 26.37
CA ALA B 274 38.72 1.29 26.51
C ALA B 274 37.99 2.01 27.63
N THR B 275 38.57 3.11 28.08
CA THR B 275 37.97 3.89 29.16
C THR B 275 38.57 5.29 29.16
N THR B 276 37.75 6.27 29.51
CA THR B 276 38.20 7.65 29.68
C THR B 276 37.35 8.32 30.74
N VAL B 277 37.83 9.46 31.23
CA VAL B 277 37.16 10.21 32.28
C VAL B 277 37.04 11.67 31.86
N GLU B 278 36.05 12.35 32.43
CA GLU B 278 35.75 13.75 32.09
C GLU B 278 35.64 13.94 30.59
N MET B 279 34.65 13.27 30.01
CA MET B 279 34.23 13.52 28.63
C MET B 279 32.71 13.63 28.61
N ALA B 280 32.22 14.76 28.11
CA ALA B 280 30.79 15.08 28.17
C ALA B 280 30.29 15.10 29.61
N THR B 281 31.17 15.47 30.55
CA THR B 281 30.80 15.50 31.96
C THR B 281 29.74 16.56 32.21
N GLY B 282 28.90 16.30 33.21
CA GLY B 282 27.83 17.23 33.53
C GLY B 282 26.88 17.47 32.38
N HIS B 283 26.58 16.42 31.63
CA HIS B 283 25.69 16.51 30.47
C HIS B 283 24.51 15.57 30.67
N ILE B 284 23.36 15.99 30.17
CA ILE B 284 22.12 15.21 30.26
C ILE B 284 21.54 15.11 28.86
N VAL B 285 21.35 13.88 28.38
CA VAL B 285 20.73 13.66 27.09
C VAL B 285 19.23 13.92 27.25
N PRO B 286 18.63 14.84 26.50
CA PRO B 286 17.23 15.19 26.73
C PRO B 286 16.29 14.19 26.06
N GLU B 287 15.00 14.47 26.17
CA GLU B 287 13.97 13.60 25.64
C GLU B 287 13.58 14.05 24.23
N GLY B 288 12.65 13.32 23.61
CA GLY B 288 12.16 13.65 22.31
C GLY B 288 13.10 13.27 21.16
N GLY B 289 14.28 12.77 21.47
CA GLY B 289 15.20 12.39 20.42
C GLY B 289 14.81 11.08 19.76
N ILE B 290 15.32 10.89 18.54
CA ILE B 290 15.05 9.72 17.74
C ILE B 290 16.21 8.74 17.92
N LEU B 291 15.88 7.49 18.23
CA LEU B 291 16.89 6.45 18.41
C LEU B 291 16.73 5.42 17.30
N GLN B 292 17.83 5.13 16.62
CA GLN B 292 17.83 4.20 15.51
C GLN B 292 18.98 3.23 15.65
N ILE B 293 18.87 2.11 14.94
CA ILE B 293 19.91 1.11 14.85
C ILE B 293 20.30 0.99 13.39
N GLY B 294 21.60 1.08 13.11
CA GLY B 294 22.12 0.97 11.77
C GLY B 294 22.21 2.27 11.00
N GLN B 295 21.75 3.39 11.56
CA GLN B 295 21.83 4.67 10.88
C GLN B 295 21.85 5.79 11.92
N GLU B 296 22.01 7.01 11.44
CA GLU B 296 21.99 8.20 12.27
C GLU B 296 20.77 9.06 11.92
N LYS B 297 20.49 10.02 12.78
CA LYS B 297 19.28 10.85 12.64
C LYS B 297 19.41 11.72 11.41
N ASN B 298 18.68 11.36 10.36
CA ASN B 298 18.61 12.19 9.16
C ASN B 298 17.17 12.36 8.70
N GLY B 299 16.32 11.40 9.03
CA GLY B 299 14.92 11.46 8.61
C GLY B 299 14.69 10.81 7.26
N CYS B 300 13.47 10.32 7.07
CA CYS B 300 13.08 9.62 5.84
C CYS B 300 11.74 10.14 5.34
N CYS B 301 11.60 11.46 5.29
CA CYS B 301 10.43 12.10 4.71
C CYS B 301 10.64 12.44 3.23
N VAL B 302 11.76 12.01 2.65
CA VAL B 302 12.03 12.20 1.23
C VAL B 302 12.16 10.88 0.50
N GLY B 303 11.90 9.76 1.15
CA GLY B 303 12.09 8.45 0.55
C GLY B 303 13.47 7.90 0.86
N GLY B 304 13.96 8.20 2.06
CA GLY B 304 15.31 7.85 2.43
C GLY B 304 16.10 9.05 2.90
N GLY B 305 17.14 9.40 2.15
CA GLY B 305 17.97 10.54 2.46
C GLY B 305 19.14 10.23 3.38
N PHE B 306 19.12 9.10 4.06
CA PHE B 306 20.24 8.72 4.92
C PHE B 306 21.50 8.57 4.08
N ASP B 307 22.64 8.92 4.66
CA ASP B 307 23.90 8.74 3.98
C ASP B 307 24.22 7.25 3.86
N GLU B 308 24.49 6.80 2.64
CA GLU B 308 24.77 5.38 2.42
C GLU B 308 26.01 4.93 3.19
N THR B 309 27.07 5.74 3.16
CA THR B 309 28.30 5.36 3.83
C THR B 309 28.10 5.18 5.33
N LEU B 310 27.16 5.91 5.92
CA LEU B 310 26.88 5.79 7.34
C LEU B 310 26.13 4.52 7.70
N ALA B 311 25.45 3.91 6.73
CA ALA B 311 24.58 2.79 7.02
C ALA B 311 25.36 1.62 7.61
N PHE B 312 24.62 0.64 8.12
CA PHE B 312 25.18 -0.59 8.65
C PHE B 312 24.63 -1.76 7.86
N SER B 313 25.50 -2.67 7.46
CA SER B 313 25.11 -3.88 6.73
C SER B 313 25.66 -5.09 7.48
N GLY B 314 24.75 -5.91 8.01
CA GLY B 314 25.15 -7.07 8.78
C GLY B 314 24.01 -7.64 9.59
N ARG B 315 24.27 -7.96 10.86
CA ARG B 315 23.25 -8.50 11.74
C ARG B 315 23.37 -7.87 13.11
N LEU B 316 22.21 -7.58 13.72
CA LEU B 316 22.16 -7.00 15.05
C LEU B 316 21.19 -7.78 15.91
N THR B 317 21.53 -7.90 17.19
CA THR B 317 20.67 -8.59 18.14
C THR B 317 21.02 -8.10 19.55
N GLY B 318 20.12 -8.39 20.48
CA GLY B 318 20.38 -8.07 21.88
C GLY B 318 20.68 -6.61 22.14
N PHE B 319 19.90 -5.70 21.56
CA PHE B 319 20.08 -4.27 21.79
C PHE B 319 19.41 -3.90 23.10
N ASN B 320 20.20 -3.53 24.11
CA ASN B 320 19.68 -3.18 25.42
C ASN B 320 20.32 -1.87 25.88
N ILE B 321 19.50 -1.02 26.52
CA ILE B 321 19.97 0.22 27.12
C ILE B 321 19.47 0.27 28.55
N TRP B 322 20.35 0.61 29.49
CA TRP B 322 20.01 0.67 30.89
C TRP B 322 20.02 2.11 31.37
N ASP B 323 19.33 2.34 32.49
CA ASP B 323 19.27 3.66 33.12
C ASP B 323 20.36 3.86 34.16
N SER B 324 21.19 2.84 34.41
CA SER B 324 22.25 2.93 35.40
C SER B 324 23.49 2.24 34.86
N VAL B 325 24.64 2.62 35.40
CA VAL B 325 25.91 2.01 35.00
C VAL B 325 25.92 0.58 35.50
N LEU B 326 25.97 -0.38 34.58
CA LEU B 326 26.02 -1.78 34.95
C LEU B 326 27.31 -2.10 35.68
N SER B 327 27.23 -3.02 36.63
CA SER B 327 28.41 -3.48 37.34
C SER B 327 29.24 -4.40 36.44
N ASN B 328 30.49 -4.61 36.83
CA ASN B 328 31.40 -5.38 35.99
C ASN B 328 30.86 -6.79 35.74
N GLU B 329 30.39 -7.45 36.79
CA GLU B 329 29.82 -8.78 36.62
C GLU B 329 28.58 -8.74 35.74
N GLU B 330 27.76 -7.68 35.88
CA GLU B 330 26.58 -7.57 35.03
C GLU B 330 26.95 -7.43 33.57
N ILE B 331 27.98 -6.63 33.26
CA ILE B 331 28.42 -6.50 31.88
C ILE B 331 28.97 -7.83 31.38
N ARG B 332 29.71 -8.54 32.23
CA ARG B 332 30.24 -9.83 31.82
CA ARG B 332 30.24 -9.83 31.82
C ARG B 332 29.13 -10.82 31.50
N GLU B 333 28.09 -10.85 32.33
CA GLU B 333 27.00 -11.80 32.14
C GLU B 333 25.98 -11.34 31.11
N THR B 334 26.05 -10.09 30.64
CA THR B 334 25.16 -9.67 29.58
C THR B 334 25.52 -10.32 28.26
N GLY B 335 26.81 -10.58 28.04
CA GLY B 335 27.27 -11.19 26.80
C GLY B 335 27.74 -12.61 26.98
N GLY B 336 27.03 -13.39 27.78
CA GLY B 336 27.38 -14.77 28.05
C GLY B 336 26.79 -15.72 27.03
N ALA B 337 26.58 -16.97 27.46
CA ALA B 337 26.02 -18.01 26.60
C ALA B 337 24.50 -18.01 26.65
N GLU B 338 23.93 -18.27 27.82
CA GLU B 338 22.48 -18.16 28.02
C GLU B 338 22.19 -16.80 28.67
N SER B 339 22.49 -15.74 27.92
CA SER B 339 22.42 -14.38 28.44
C SER B 339 21.45 -13.49 27.68
N CYS B 340 20.65 -14.05 26.77
CA CYS B 340 19.68 -13.24 26.04
C CYS B 340 18.33 -13.23 26.75
N HIS B 341 18.38 -12.96 28.05
CA HIS B 341 17.18 -12.69 28.84
C HIS B 341 17.41 -11.56 29.84
N ILE B 342 18.58 -10.94 29.84
CA ILE B 342 18.85 -9.76 30.65
C ILE B 342 18.69 -8.56 29.73
N ARG B 343 17.63 -7.80 29.93
CA ARG B 343 17.28 -6.69 29.06
C ARG B 343 17.16 -5.41 29.88
N GLY B 344 17.48 -4.29 29.25
CA GLY B 344 17.46 -3.02 29.95
C GLY B 344 16.05 -2.51 30.17
N ASN B 345 15.94 -1.59 31.13
CA ASN B 345 14.63 -1.02 31.46
C ASN B 345 14.18 -0.03 30.40
N ILE B 346 15.12 0.72 29.83
CA ILE B 346 14.76 1.72 28.83
C ILE B 346 14.47 1.06 27.49
N VAL B 347 15.46 0.38 26.91
CA VAL B 347 15.31 -0.38 25.68
C VAL B 347 15.68 -1.82 25.98
N GLY B 348 14.76 -2.73 25.68
CA GLY B 348 15.00 -4.14 25.91
C GLY B 348 14.74 -4.99 24.68
N TRP B 349 15.73 -5.77 24.26
CA TRP B 349 15.55 -6.60 23.08
C TRP B 349 14.41 -7.58 23.30
N GLY B 350 13.51 -7.65 22.32
CA GLY B 350 12.35 -8.51 22.42
C GLY B 350 11.21 -7.93 23.22
N VAL B 351 11.35 -6.72 23.75
CA VAL B 351 10.32 -6.04 24.51
C VAL B 351 9.97 -4.70 23.90
N THR B 352 10.97 -3.90 23.56
CA THR B 352 10.76 -2.58 22.99
C THR B 352 10.40 -2.68 21.51
N GLU B 353 9.69 -1.66 21.03
CA GLU B 353 9.28 -1.59 19.63
C GLU B 353 10.48 -1.21 18.79
N ILE B 354 11.08 -2.20 18.14
CA ILE B 354 12.13 -1.99 17.14
C ILE B 354 11.53 -2.42 15.80
N GLN B 355 11.31 -1.46 14.91
CA GLN B 355 10.75 -1.76 13.60
C GLN B 355 11.78 -1.44 12.52
N PRO B 356 12.22 -2.41 11.73
CA PRO B 356 13.15 -2.10 10.64
C PRO B 356 12.45 -1.40 9.48
N HIS B 357 13.24 -0.73 8.66
CA HIS B 357 12.75 -0.01 7.50
C HIS B 357 13.82 0.00 6.42
N GLY B 358 13.37 0.03 5.17
CA GLY B 358 14.24 0.20 4.03
C GLY B 358 14.82 -1.07 3.45
N GLY B 359 14.61 -2.22 4.08
CA GLY B 359 15.19 -3.46 3.59
C GLY B 359 15.65 -4.34 4.73
N ALA B 360 15.84 -3.76 5.91
CA ALA B 360 16.13 -4.55 7.09
C ALA B 360 14.93 -5.39 7.46
N GLN B 361 15.19 -6.57 8.00
CA GLN B 361 14.12 -7.52 8.30
C GLN B 361 14.50 -8.35 9.52
N TYR B 362 13.47 -8.91 10.15
CA TYR B 362 13.66 -9.77 11.31
C TYR B 362 13.98 -11.18 10.82
N VAL B 363 15.22 -11.62 11.05
CA VAL B 363 15.62 -12.98 10.70
C VAL B 363 15.50 -13.85 11.96
N SER B 364 14.33 -14.46 12.14
CA SER B 364 14.10 -15.30 13.31
C SER B 364 15.02 -16.52 13.28
N ALA C 134 -35.69 45.82 -25.50
CA ALA C 134 -34.37 45.54 -26.07
C ALA C 134 -33.50 44.84 -25.04
N VAL C 135 -33.10 45.56 -24.00
CA VAL C 135 -32.27 44.97 -22.95
C VAL C 135 -33.02 43.83 -22.26
N LEU C 136 -34.33 44.00 -22.05
CA LEU C 136 -35.12 42.96 -21.39
C LEU C 136 -35.13 41.67 -22.20
N GLU C 137 -35.28 41.79 -23.53
CA GLU C 137 -35.32 40.60 -24.37
C GLU C 137 -34.03 39.79 -24.23
N GLU C 138 -32.88 40.45 -24.38
CA GLU C 138 -31.61 39.75 -24.24
C GLU C 138 -31.39 39.26 -22.82
N LEU C 139 -31.92 39.98 -21.82
CA LEU C 139 -31.83 39.53 -20.44
C LEU C 139 -32.58 38.21 -20.26
N ARG C 140 -33.65 38.00 -21.03
CA ARG C 140 -34.32 36.70 -20.99
C ARG C 140 -33.33 35.57 -21.30
N GLN C 141 -32.58 35.69 -22.41
CA GLN C 141 -31.63 34.63 -22.75
C GLN C 141 -30.46 34.59 -21.76
N THR C 142 -30.07 35.74 -21.21
CA THR C 142 -29.01 35.71 -20.19
C THR C 142 -29.45 34.88 -18.97
N ARG C 143 -30.70 35.07 -18.53
CA ARG C 143 -31.22 34.27 -17.43
C ARG C 143 -31.33 32.81 -17.83
N ALA C 144 -31.77 32.53 -19.07
CA ALA C 144 -31.83 31.15 -19.53
C ALA C 144 -30.46 30.50 -19.46
N ASP C 145 -29.41 31.24 -19.85
CA ASP C 145 -28.06 30.71 -19.76
C ASP C 145 -27.65 30.47 -18.31
N LEU C 146 -27.87 31.47 -17.45
CA LEU C 146 -27.50 31.31 -16.04
C LEU C 146 -28.27 30.18 -15.37
N HIS C 147 -29.39 29.75 -15.94
CA HIS C 147 -30.11 28.61 -15.40
C HIS C 147 -29.22 27.36 -15.37
N ALA C 148 -28.40 27.17 -16.40
CA ALA C 148 -27.55 25.98 -16.46
C ALA C 148 -26.56 25.92 -15.32
N VAL C 149 -26.07 27.07 -14.85
CA VAL C 149 -25.15 27.09 -13.72
C VAL C 149 -25.87 27.22 -12.38
N GLN C 150 -27.14 27.62 -12.38
CA GLN C 150 -27.91 27.70 -11.15
C GLN C 150 -27.80 26.41 -10.33
N GLY C 151 -28.28 25.30 -10.91
CA GLY C 151 -28.29 24.05 -10.18
C GLY C 151 -26.89 23.53 -9.88
N TRP C 152 -25.96 23.74 -10.81
CA TRP C 152 -24.60 23.25 -10.61
C TRP C 152 -23.93 23.95 -9.43
N ALA C 153 -24.19 25.24 -9.24
CA ALA C 153 -23.68 25.94 -8.08
C ALA C 153 -24.46 25.60 -6.82
N ALA C 154 -25.77 25.37 -6.94
CA ALA C 154 -26.58 25.08 -5.75
C ALA C 154 -26.24 23.72 -5.16
N ARG C 155 -25.94 22.73 -6.01
CA ARG C 155 -25.74 21.38 -5.50
C ARG C 155 -24.47 21.27 -4.67
N SER C 156 -23.43 22.03 -5.01
CA SER C 156 -22.16 21.97 -4.29
C SER C 156 -22.02 23.10 -3.27
N TRP C 157 -23.11 23.81 -2.97
CA TRP C 157 -23.07 24.87 -1.98
C TRP C 157 -22.78 24.30 -0.60
N LEU C 158 -22.02 25.05 0.20
CA LEU C 158 -21.68 24.65 1.55
C LEU C 158 -22.17 25.72 2.54
N PRO C 159 -22.59 25.31 3.73
CA PRO C 159 -23.20 26.26 4.66
C PRO C 159 -22.12 27.06 5.40
N ALA C 160 -22.58 28.10 6.09
CA ALA C 160 -21.67 28.99 6.80
C ALA C 160 -20.64 29.50 5.78
N GLY C 161 -19.44 29.81 6.23
CA GLY C 161 -18.37 30.19 5.34
C GLY C 161 -17.44 29.01 5.08
N CYS C 162 -17.94 27.80 5.31
CA CYS C 162 -17.11 26.61 5.27
C CYS C 162 -16.67 26.32 3.83
N GLU C 163 -15.37 26.15 3.63
CA GLU C 163 -14.79 25.87 2.33
C GLU C 163 -14.48 24.40 2.13
N THR C 164 -14.73 23.55 3.12
CA THR C 164 -14.41 22.13 3.02
C THR C 164 -15.42 21.34 3.84
N ALA C 165 -15.66 20.11 3.41
CA ALA C 165 -16.61 19.23 4.09
C ALA C 165 -16.26 17.79 3.78
N ILE C 166 -16.79 16.88 4.58
CA ILE C 166 -16.57 15.45 4.43
C ILE C 166 -17.80 14.84 3.81
N LEU C 167 -17.61 14.01 2.79
CA LEU C 167 -18.67 13.36 2.06
C LEU C 167 -18.66 11.87 2.38
N PHE C 168 -19.79 11.34 2.82
CA PHE C 168 -19.99 9.91 3.03
C PHE C 168 -20.86 9.40 1.89
N PRO C 169 -20.26 9.00 0.76
CA PRO C 169 -21.09 8.68 -0.41
C PRO C 169 -22.05 7.53 -0.18
N MET C 170 -21.68 6.56 0.65
CA MET C 170 -22.48 5.36 0.83
C MET C 170 -22.43 4.93 2.28
N ARG C 171 -23.37 4.06 2.65
CA ARG C 171 -23.40 3.47 3.98
C ARG C 171 -22.61 2.16 3.96
N SER C 172 -21.29 2.30 3.86
CA SER C 172 -20.43 1.13 3.82
C SER C 172 -20.45 0.42 5.17
N LYS C 173 -19.98 -0.82 5.16
CA LYS C 173 -19.74 -1.55 6.39
C LYS C 173 -18.58 -0.95 7.19
N LYS C 174 -17.77 -0.07 6.58
CA LYS C 174 -16.56 0.41 7.21
C LYS C 174 -16.31 1.90 6.98
N ILE C 175 -17.35 2.69 6.72
CA ILE C 175 -17.20 4.12 6.45
C ILE C 175 -17.37 4.88 7.76
N PHE C 176 -16.46 5.79 8.03
CA PHE C 176 -16.54 6.63 9.22
C PHE C 176 -15.48 7.72 9.11
N GLY C 177 -15.36 8.53 10.15
CA GLY C 177 -14.25 9.46 10.23
C GLY C 177 -13.72 9.58 11.65
N SER C 178 -12.44 9.28 11.85
CA SER C 178 -11.86 9.39 13.18
C SER C 178 -11.56 10.84 13.50
N VAL C 179 -11.78 11.24 14.75
CA VAL C 179 -11.42 12.58 15.22
C VAL C 179 -10.42 12.42 16.34
N HIS C 180 -9.36 13.23 16.32
CA HIS C 180 -8.26 13.12 17.27
C HIS C 180 -8.04 14.46 17.97
N PRO C 181 -8.88 14.78 18.96
CA PRO C 181 -8.70 16.04 19.68
C PRO C 181 -7.37 16.10 20.40
N VAL C 182 -6.71 17.25 20.31
CA VAL C 182 -5.47 17.45 21.05
C VAL C 182 -5.76 17.57 22.54
N ARG C 183 -6.78 18.33 22.91
CA ARG C 183 -7.16 18.48 24.31
C ARG C 183 -7.92 17.23 24.76
N PRO C 184 -7.63 16.69 25.94
CA PRO C 184 -8.36 15.51 26.39
C PRO C 184 -9.83 15.81 26.62
N MET C 185 -10.65 14.75 26.48
CA MET C 185 -12.09 14.88 26.60
C MET C 185 -12.58 14.83 28.05
N ARG C 186 -11.71 15.12 29.01
CA ARG C 186 -12.13 15.15 30.41
C ARG C 186 -12.98 16.38 30.66
N LEU C 187 -14.22 16.35 30.18
CA LEU C 187 -15.10 17.52 30.19
C LEU C 187 -16.36 17.21 30.97
N GLU C 188 -16.81 18.19 31.76
CA GLU C 188 -18.06 18.10 32.49
C GLU C 188 -19.22 18.77 31.77
N SER C 189 -18.95 19.91 31.12
CA SER C 189 -19.96 20.60 30.33
C SER C 189 -19.42 20.80 28.92
N PHE C 190 -20.29 20.59 27.92
CA PHE C 190 -19.85 20.69 26.54
C PHE C 190 -21.03 21.05 25.64
N SER C 191 -20.71 21.80 24.59
CA SER C 191 -21.63 22.10 23.51
C SER C 191 -20.99 21.67 22.20
N ALA C 192 -21.70 20.87 21.42
CA ALA C 192 -21.17 20.28 20.19
C ALA C 192 -22.10 20.60 19.04
N CYS C 193 -21.59 21.31 18.04
CA CYS C 193 -22.35 21.68 16.85
C CYS C 193 -21.89 20.85 15.65
N ILE C 194 -22.73 20.79 14.62
CA ILE C 194 -22.37 20.14 13.38
C ILE C 194 -23.37 20.55 12.30
N TRP C 195 -22.86 20.83 11.10
CA TRP C 195 -23.69 21.04 9.92
C TRP C 195 -23.82 19.70 9.21
N VAL C 196 -25.05 19.26 8.97
CA VAL C 196 -25.32 17.93 8.45
C VAL C 196 -26.28 18.03 7.27
N LYS C 197 -26.06 17.20 6.26
CA LYS C 197 -26.97 17.05 5.13
C LYS C 197 -27.07 15.56 4.84
N ALA C 198 -28.17 14.94 5.27
CA ALA C 198 -28.31 13.49 5.25
C ALA C 198 -29.06 13.06 4.00
N THR C 199 -28.43 12.20 3.19
CA THR C 199 -29.11 11.68 2.01
C THR C 199 -30.20 10.69 2.37
N ASP C 200 -29.91 9.80 3.33
CA ASP C 200 -30.89 8.81 3.78
C ASP C 200 -30.72 8.60 5.27
N VAL C 201 -31.82 8.66 6.02
CA VAL C 201 -31.81 8.54 7.47
C VAL C 201 -32.62 7.29 7.84
N LEU C 202 -31.99 6.40 8.60
CA LEU C 202 -32.61 5.15 9.00
C LEU C 202 -33.17 5.28 10.42
N ASN C 203 -33.56 4.15 11.00
CA ASN C 203 -33.98 4.11 12.40
C ASN C 203 -32.91 4.63 13.34
N LYS C 204 -31.64 4.57 12.94
CA LYS C 204 -30.53 5.01 13.78
C LYS C 204 -29.37 5.35 12.86
N THR C 205 -29.06 6.64 12.71
CA THR C 205 -27.96 7.08 11.88
C THR C 205 -27.08 8.04 12.67
N ILE C 206 -25.82 7.69 12.85
CA ILE C 206 -24.93 8.39 13.77
C ILE C 206 -24.28 9.56 13.07
N LEU C 207 -24.43 10.77 13.62
CA LEU C 207 -23.67 11.90 13.11
C LEU C 207 -22.26 11.90 13.72
N PHE C 208 -22.18 11.96 15.04
CA PHE C 208 -20.91 11.83 15.74
C PHE C 208 -21.16 11.06 17.04
N SER C 209 -20.10 10.43 17.54
CA SER C 209 -20.22 9.58 18.72
C SER C 209 -18.86 9.47 19.40
N TYR C 210 -18.84 9.73 20.71
CA TYR C 210 -17.66 9.54 21.54
C TYR C 210 -17.94 8.42 22.53
N GLY C 211 -17.05 7.43 22.55
CA GLY C 211 -17.25 6.27 23.41
C GLY C 211 -15.97 5.68 23.96
N THR C 212 -15.96 5.37 25.25
CA THR C 212 -14.80 4.76 25.89
C THR C 212 -14.90 3.24 25.81
N LYS C 213 -13.87 2.56 26.30
CA LYS C 213 -13.86 1.10 26.28
C LYS C 213 -15.01 0.53 27.12
N ARG C 214 -15.19 1.06 28.33
CA ARG C 214 -16.21 0.52 29.22
C ARG C 214 -17.60 0.86 28.73
N ASN C 215 -17.83 2.11 28.32
CA ASN C 215 -19.14 2.60 27.92
C ASN C 215 -18.99 3.28 26.56
N PRO C 216 -19.43 2.63 25.47
CA PRO C 216 -19.27 3.23 24.13
C PRO C 216 -20.26 4.34 23.82
N TYR C 217 -21.17 4.66 24.74
CA TYR C 217 -22.26 5.61 24.48
C TYR C 217 -22.11 6.88 25.29
N GLU C 218 -20.87 7.34 25.48
CA GLU C 218 -20.64 8.53 26.29
C GLU C 218 -21.37 9.73 25.69
N ILE C 219 -20.95 10.15 24.50
CA ILE C 219 -21.63 11.20 23.73
C ILE C 219 -21.99 10.61 22.39
N GLN C 220 -23.22 10.82 21.96
CA GLN C 220 -23.68 10.25 20.69
C GLN C 220 -24.86 11.05 20.18
N LEU C 221 -24.66 11.78 19.08
CA LEU C 221 -25.74 12.47 18.41
C LEU C 221 -26.11 11.66 17.17
N TYR C 222 -27.40 11.34 17.04
CA TYR C 222 -27.83 10.56 15.89
C TYR C 222 -29.23 10.99 15.48
N LEU C 223 -29.72 10.37 14.43
CA LEU C 223 -30.99 10.70 13.81
C LEU C 223 -31.84 9.44 13.74
N SER C 224 -33.09 9.55 14.20
CA SER C 224 -34.09 8.52 13.97
C SER C 224 -34.72 8.77 12.61
N TYR C 225 -35.83 8.09 12.32
CA TYR C 225 -36.48 8.26 11.02
C TYR C 225 -36.74 9.73 10.73
N GLN C 226 -37.22 10.47 11.71
CA GLN C 226 -37.52 11.89 11.54
C GLN C 226 -37.05 12.77 12.67
N SER C 227 -36.63 12.21 13.81
CA SER C 227 -36.25 12.99 14.97
C SER C 227 -34.74 12.98 15.14
N ILE C 228 -34.26 13.85 16.03
CA ILE C 228 -32.85 13.99 16.36
C ILE C 228 -32.68 13.59 17.82
N VAL C 229 -31.70 12.73 18.10
CA VAL C 229 -31.50 12.16 19.43
C VAL C 229 -30.10 12.52 19.90
N PHE C 230 -30.02 12.99 21.14
CA PHE C 230 -28.78 13.33 21.81
C PHE C 230 -28.63 12.42 23.01
N VAL C 231 -27.51 11.70 23.09
CA VAL C 231 -27.26 10.73 24.14
C VAL C 231 -25.99 11.15 24.87
N VAL C 232 -26.09 11.31 26.18
CA VAL C 232 -24.96 11.64 27.03
C VAL C 232 -24.95 10.71 28.23
N GLY C 233 -23.81 10.10 28.51
CA GLY C 233 -23.69 9.20 29.64
C GLY C 233 -24.04 7.77 29.29
N GLY C 234 -25.30 7.51 28.96
CA GLY C 234 -25.73 6.17 28.62
C GLY C 234 -26.96 6.21 27.74
N GLU C 235 -27.25 5.06 27.13
CA GLU C 235 -28.39 4.97 26.23
C GLU C 235 -29.72 5.20 26.94
N GLU C 236 -29.78 4.88 28.24
CA GLU C 236 -31.06 5.01 28.95
C GLU C 236 -31.53 6.44 28.99
N ASN C 237 -30.62 7.39 29.25
CA ASN C 237 -30.96 8.80 29.31
C ASN C 237 -30.61 9.46 27.98
N LYS C 238 -31.61 10.08 27.36
CA LYS C 238 -31.43 10.71 26.06
C LYS C 238 -32.46 11.80 25.88
N LEU C 239 -32.20 12.68 24.92
CA LEU C 239 -33.07 13.78 24.57
C LEU C 239 -33.51 13.61 23.11
N VAL C 240 -34.80 13.73 22.84
CA VAL C 240 -35.36 13.52 21.52
C VAL C 240 -36.09 14.77 21.09
N ALA C 241 -35.83 15.22 19.86
CA ALA C 241 -36.53 16.34 19.25
C ALA C 241 -37.18 15.85 17.98
N GLU C 242 -38.50 16.00 17.89
CA GLU C 242 -39.29 15.32 16.85
C GLU C 242 -39.40 16.18 15.59
N ALA C 243 -39.02 15.59 14.45
CA ALA C 243 -39.42 16.03 13.12
C ALA C 243 -39.03 17.50 12.86
N MET C 244 -37.72 17.74 12.87
CA MET C 244 -37.18 18.99 12.34
C MET C 244 -35.88 18.78 11.58
N VAL C 245 -35.73 17.64 10.93
CA VAL C 245 -34.56 17.36 10.08
C VAL C 245 -35.05 17.01 8.69
N SER C 246 -34.52 17.70 7.69
CA SER C 246 -34.81 17.42 6.28
C SER C 246 -33.61 16.72 5.66
N LEU C 247 -33.88 15.92 4.63
CA LEU C 247 -32.85 15.05 4.08
C LEU C 247 -31.82 15.85 3.30
N GLY C 248 -32.23 16.50 2.22
CA GLY C 248 -31.28 17.09 1.30
C GLY C 248 -30.91 18.53 1.60
N ARG C 249 -31.18 18.99 2.83
CA ARG C 249 -30.92 20.36 3.23
CA ARG C 249 -30.92 20.36 3.23
C ARG C 249 -29.96 20.39 4.41
N TRP C 250 -29.02 21.32 4.37
CA TRP C 250 -28.09 21.50 5.48
C TRP C 250 -28.85 21.96 6.72
N THR C 251 -28.53 21.37 7.86
CA THR C 251 -29.08 21.77 9.13
C THR C 251 -27.97 21.85 10.16
N HIS C 252 -28.04 22.85 11.04
CA HIS C 252 -27.02 23.10 12.05
C HIS C 252 -27.53 22.55 13.38
N LEU C 253 -27.17 21.31 13.67
CA LEU C 253 -27.61 20.65 14.90
C LEU C 253 -26.54 20.84 15.96
N CYS C 254 -26.93 21.38 17.12
CA CYS C 254 -25.98 21.60 18.20
C CYS C 254 -26.60 21.18 19.52
N GLY C 255 -25.94 20.27 20.22
CA GLY C 255 -26.41 19.78 21.50
C GLY C 255 -25.49 20.25 22.62
N THR C 256 -26.09 20.79 23.68
CA THR C 256 -25.36 21.28 24.83
C THR C 256 -25.77 20.50 26.07
N TRP C 257 -24.84 20.37 27.01
CA TRP C 257 -25.10 19.60 28.22
C TRP C 257 -24.09 19.98 29.29
N ASN C 258 -24.58 20.31 30.48
CA ASN C 258 -23.75 20.60 31.64
C ASN C 258 -24.07 19.62 32.76
N SER C 259 -23.04 19.16 33.45
CA SER C 259 -23.20 18.08 34.44
C SER C 259 -23.71 18.58 35.78
N GLU C 260 -23.87 19.88 35.97
CA GLU C 260 -24.32 20.39 37.27
C GLU C 260 -25.70 19.83 37.62
N GLU C 261 -26.62 19.86 36.66
CA GLU C 261 -27.93 19.25 36.85
C GLU C 261 -28.42 18.52 35.61
N GLY C 262 -27.54 18.21 34.66
CA GLY C 262 -27.96 17.52 33.46
C GLY C 262 -28.84 18.33 32.54
N LEU C 263 -28.73 19.67 32.59
CA LEU C 263 -29.55 20.52 31.75
C LEU C 263 -29.07 20.43 30.31
N THR C 264 -29.69 19.56 29.53
CA THR C 264 -29.31 19.32 28.14
C THR C 264 -30.31 19.99 27.20
N SER C 265 -29.79 20.49 26.08
CA SER C 265 -30.59 21.20 25.11
C SER C 265 -30.15 20.83 23.70
N LEU C 266 -31.11 20.88 22.76
CA LEU C 266 -30.85 20.68 21.35
C LEU C 266 -31.31 21.90 20.57
N TRP C 267 -30.41 22.48 19.78
CA TRP C 267 -30.72 23.62 18.94
C TRP C 267 -30.58 23.21 17.49
N VAL C 268 -31.64 23.42 16.71
CA VAL C 268 -31.65 23.11 15.29
C VAL C 268 -31.79 24.42 14.52
N ASN C 269 -30.80 24.72 13.70
CA ASN C 269 -30.78 25.93 12.88
C ASN C 269 -30.81 27.21 13.72
N GLY C 270 -30.44 27.12 15.00
CA GLY C 270 -30.33 28.27 15.86
C GLY C 270 -31.47 28.45 16.84
N GLU C 271 -32.62 27.80 16.62
CA GLU C 271 -33.75 27.89 17.52
C GLU C 271 -33.87 26.60 18.31
N LEU C 272 -34.12 26.73 19.62
CA LEU C 272 -34.14 25.59 20.51
C LEU C 272 -35.16 24.56 20.04
N ALA C 273 -34.78 23.28 20.08
CA ALA C 273 -35.63 22.18 19.65
C ALA C 273 -36.26 21.42 20.81
N ALA C 274 -35.44 20.97 21.76
CA ALA C 274 -35.95 20.22 22.89
C ALA C 274 -34.93 20.28 24.02
N THR C 275 -35.42 20.47 25.25
CA THR C 275 -34.57 20.59 26.42
C THR C 275 -35.09 19.70 27.53
N THR C 276 -34.16 19.19 28.34
CA THR C 276 -34.50 18.36 29.49
C THR C 276 -33.51 18.64 30.61
N VAL C 277 -33.88 18.24 31.81
CA VAL C 277 -33.08 18.47 33.01
C VAL C 277 -32.94 17.17 33.78
N GLU C 278 -31.87 17.08 34.57
CA GLU C 278 -31.55 15.88 35.35
C GLU C 278 -31.57 14.63 34.46
N MET C 279 -30.69 14.63 33.47
CA MET C 279 -30.41 13.44 32.68
C MET C 279 -28.89 13.30 32.58
N ALA C 280 -28.38 12.15 33.00
CA ALA C 280 -26.94 11.94 33.13
C ALA C 280 -26.31 12.95 34.08
N THR C 281 -27.08 13.41 35.06
CA THR C 281 -26.58 14.40 36.00
C THR C 281 -25.45 13.84 36.84
N GLY C 282 -24.51 14.71 37.20
CA GLY C 282 -23.37 14.28 37.98
C GLY C 282 -22.54 13.22 37.30
N HIS C 283 -22.40 13.30 35.98
CA HIS C 283 -21.64 12.36 35.19
C HIS C 283 -20.49 13.09 34.51
N ILE C 284 -19.36 12.39 34.35
CA ILE C 284 -18.17 12.95 33.72
C ILE C 284 -17.73 11.96 32.64
N VAL C 285 -17.63 12.44 31.40
CA VAL C 285 -17.13 11.63 30.31
C VAL C 285 -15.62 11.53 30.45
N PRO C 286 -15.05 10.33 30.58
CA PRO C 286 -13.60 10.23 30.83
C PRO C 286 -12.80 10.35 29.55
N GLU C 287 -11.49 10.19 29.69
CA GLU C 287 -10.57 10.32 28.57
C GLU C 287 -10.40 8.98 27.87
N GLY C 288 -9.51 8.95 26.88
CA GLY C 288 -9.19 7.74 26.15
C GLY C 288 -10.26 7.28 25.19
N GLY C 289 -11.48 7.78 25.29
CA GLY C 289 -12.54 7.34 24.40
C GLY C 289 -12.28 7.75 22.97
N ILE C 290 -12.79 6.94 22.05
CA ILE C 290 -12.65 7.19 20.62
C ILE C 290 -13.83 8.03 20.16
N LEU C 291 -13.56 9.09 19.41
CA LEU C 291 -14.59 9.96 18.87
C LEU C 291 -14.59 9.82 17.35
N GLN C 292 -15.76 9.58 16.78
CA GLN C 292 -15.90 9.38 15.35
C GLN C 292 -17.09 10.18 14.85
N ILE C 293 -17.10 10.40 13.54
CA ILE C 293 -18.21 11.03 12.84
C ILE C 293 -18.76 10.03 11.84
N GLY C 294 -20.07 9.80 11.88
CA GLY C 294 -20.72 8.90 10.96
C GLY C 294 -20.83 7.46 11.41
N GLN C 295 -20.28 7.10 12.57
CA GLN C 295 -20.33 5.73 13.04
C GLN C 295 -20.21 5.69 14.56
N GLU C 296 -20.44 4.51 15.12
CA GLU C 296 -20.26 4.26 16.54
C GLU C 296 -18.85 3.73 16.79
N LYS C 297 -18.57 3.36 18.04
CA LYS C 297 -17.30 2.74 18.42
C LYS C 297 -17.46 1.23 18.29
N ASN C 298 -17.02 0.68 17.16
CA ASN C 298 -17.02 -0.75 16.94
C ASN C 298 -15.67 -1.30 16.51
N GLY C 299 -14.71 -0.45 16.19
CA GLY C 299 -13.39 -0.93 15.81
C GLY C 299 -13.35 -1.45 14.38
N CYS C 300 -12.22 -1.23 13.72
CA CYS C 300 -12.02 -1.65 12.34
C CYS C 300 -10.81 -2.58 12.19
N CYS C 301 -10.38 -3.21 13.27
CA CYS C 301 -9.31 -4.20 13.20
C CYS C 301 -9.75 -5.48 12.51
N VAL C 302 -11.06 -5.66 12.27
CA VAL C 302 -11.58 -6.80 11.54
C VAL C 302 -11.80 -6.49 10.07
N GLY C 303 -11.19 -5.42 9.56
CA GLY C 303 -11.43 -4.99 8.19
C GLY C 303 -12.76 -4.30 8.05
N GLY C 304 -13.19 -3.61 9.10
CA GLY C 304 -14.49 -2.98 9.14
C GLY C 304 -15.27 -3.40 10.37
N GLY C 305 -16.39 -4.10 10.15
CA GLY C 305 -17.20 -4.57 11.24
C GLY C 305 -18.22 -3.58 11.76
N PHE C 306 -18.08 -2.30 11.42
CA PHE C 306 -19.08 -1.32 11.80
C PHE C 306 -20.44 -1.73 11.26
N ASP C 307 -21.48 -1.59 12.08
CA ASP C 307 -22.82 -1.93 11.63
C ASP C 307 -23.21 -1.00 10.48
N GLU C 308 -23.67 -1.60 9.38
CA GLU C 308 -24.03 -0.81 8.21
C GLU C 308 -25.18 0.14 8.49
N THR C 309 -26.18 -0.33 9.24
CA THR C 309 -27.37 0.50 9.45
C THR C 309 -27.04 1.79 10.19
N LEU C 310 -26.17 1.72 11.19
CA LEU C 310 -25.83 2.90 11.97
C LEU C 310 -25.02 3.91 11.17
N ALA C 311 -24.44 3.51 10.04
CA ALA C 311 -23.58 4.40 9.29
C ALA C 311 -24.33 5.66 8.87
N PHE C 312 -23.57 6.66 8.44
CA PHE C 312 -24.11 7.91 7.95
C PHE C 312 -23.69 8.08 6.50
N SER C 313 -24.64 8.44 5.65
CA SER C 313 -24.38 8.71 4.23
C SER C 313 -24.90 10.09 3.91
N GLY C 314 -24.00 10.98 3.50
CA GLY C 314 -24.38 12.36 3.23
C GLY C 314 -23.20 13.30 3.25
N ARG C 315 -23.36 14.45 3.91
CA ARG C 315 -22.29 15.43 4.00
C ARG C 315 -22.25 16.01 5.41
N LEU C 316 -21.04 16.21 5.92
CA LEU C 316 -20.83 16.78 7.24
C LEU C 316 -19.81 17.89 7.17
N THR C 317 -20.00 18.90 8.02
CA THR C 317 -19.05 20.00 8.10
C THR C 317 -19.23 20.71 9.43
N GLY C 318 -18.32 21.63 9.71
CA GLY C 318 -18.45 22.47 10.89
C GLY C 318 -18.60 21.69 12.19
N PHE C 319 -17.82 20.63 12.35
CA PHE C 319 -17.89 19.83 13.57
C PHE C 319 -17.05 20.51 14.66
N ASN C 320 -17.72 21.05 15.67
CA ASN C 320 -17.06 21.76 16.76
C ASN C 320 -17.58 21.24 18.09
N ILE C 321 -16.68 21.12 19.06
CA ILE C 321 -17.03 20.73 20.42
C ILE C 321 -16.37 21.72 21.37
N TRP C 322 -17.13 22.21 22.34
CA TRP C 322 -16.66 23.19 23.30
C TRP C 322 -16.56 22.57 24.69
N ASP C 323 -15.77 23.20 25.54
CA ASP C 323 -15.60 22.78 26.92
C ASP C 323 -16.58 23.45 27.87
N SER C 324 -17.46 24.32 27.35
CA SER C 324 -18.44 25.00 28.17
C SER C 324 -19.73 25.15 27.38
N VAL C 325 -20.83 25.32 28.11
CA VAL C 325 -22.13 25.51 27.46
C VAL C 325 -22.14 26.87 26.77
N LEU C 326 -22.27 26.86 25.45
CA LEU C 326 -22.33 28.11 24.70
C LEU C 326 -23.57 28.90 25.08
N SER C 327 -23.43 30.23 25.09
CA SER C 327 -24.58 31.08 25.34
C SER C 327 -25.54 31.04 24.16
N ASN C 328 -26.77 31.49 24.40
CA ASN C 328 -27.79 31.46 23.36
C ASN C 328 -27.35 32.25 22.13
N GLU C 329 -26.81 33.45 22.36
CA GLU C 329 -26.33 34.26 21.24
C GLU C 329 -25.18 33.55 20.53
N GLU C 330 -24.27 32.93 21.29
CA GLU C 330 -23.19 32.18 20.67
C GLU C 330 -23.72 31.01 19.86
N ILE C 331 -24.74 30.32 20.39
CA ILE C 331 -25.32 29.21 19.65
C ILE C 331 -25.91 29.71 18.32
N ARG C 332 -26.62 30.84 18.36
CA ARG C 332 -27.18 31.39 17.14
CA ARG C 332 -27.18 31.39 17.14
C ARG C 332 -26.09 31.77 16.16
N GLU C 333 -25.02 32.41 16.65
CA GLU C 333 -23.93 32.86 15.79
C GLU C 333 -23.15 31.71 15.18
N THR C 334 -23.09 30.57 15.87
CA THR C 334 -22.34 29.43 15.34
C THR C 334 -22.93 28.93 14.03
N GLY C 335 -24.25 29.06 13.86
CA GLY C 335 -24.91 28.58 12.66
C GLY C 335 -25.39 29.70 11.75
N GLY C 336 -24.56 30.74 11.59
CA GLY C 336 -24.91 31.88 10.78
C GLY C 336 -24.50 31.72 9.33
N ALA C 337 -24.26 32.85 8.68
CA ALA C 337 -23.87 32.86 7.27
C ALA C 337 -22.35 32.82 7.11
N GLU C 338 -21.67 33.82 7.66
CA GLU C 338 -20.21 33.82 7.71
C GLU C 338 -19.73 33.31 9.08
N SER C 339 -20.15 32.08 9.40
CA SER C 339 -19.93 31.53 10.73
C SER C 339 -18.99 30.32 10.74
N CYS C 340 -18.29 30.05 9.66
CA CYS C 340 -17.30 28.96 9.67
C CYS C 340 -15.92 29.49 10.06
N HIS C 341 -15.88 30.24 11.14
CA HIS C 341 -14.63 30.61 11.79
C HIS C 341 -14.73 30.59 13.30
N ILE C 342 -15.87 30.19 13.86
CA ILE C 342 -16.05 29.99 15.28
C ILE C 342 -15.90 28.49 15.53
N ARG C 343 -14.79 28.08 16.12
CA ARG C 343 -14.48 26.68 16.32
C ARG C 343 -14.21 26.42 17.79
N GLY C 344 -14.51 25.20 18.22
CA GLY C 344 -14.36 24.85 19.63
C GLY C 344 -12.92 24.62 20.01
N ASN C 345 -12.68 24.69 21.32
CA ASN C 345 -11.33 24.49 21.84
C ASN C 345 -10.95 23.01 21.81
N ILE C 346 -11.89 22.12 22.09
CA ILE C 346 -11.59 20.69 22.10
C ILE C 346 -11.47 20.16 20.68
N VAL C 347 -12.55 20.24 19.91
CA VAL C 347 -12.58 19.83 18.51
C VAL C 347 -12.98 21.05 17.69
N GLY C 348 -12.15 21.42 16.72
CA GLY C 348 -12.45 22.55 15.87
C GLY C 348 -12.34 22.20 14.40
N TRP C 349 -13.39 22.48 13.64
CA TRP C 349 -13.37 22.17 12.22
C TRP C 349 -12.26 22.94 11.53
N GLY C 350 -11.47 22.23 10.73
CA GLY C 350 -10.33 22.82 10.07
C GLY C 350 -9.09 22.95 10.92
N VAL C 351 -9.16 22.53 12.19
CA VAL C 351 -8.02 22.56 13.11
C VAL C 351 -7.75 21.17 13.68
N THR C 352 -8.80 20.49 14.12
CA THR C 352 -8.64 19.15 14.68
C THR C 352 -8.35 18.14 13.57
N GLU C 353 -7.78 17.02 13.98
CA GLU C 353 -7.33 15.98 13.04
C GLU C 353 -8.49 15.04 12.78
N ILE C 354 -9.12 15.18 11.61
CA ILE C 354 -10.25 14.35 11.20
C ILE C 354 -9.80 13.53 9.99
N GLN C 355 -9.77 12.22 10.15
CA GLN C 355 -9.34 11.32 9.09
C GLN C 355 -10.52 10.49 8.61
N PRO C 356 -11.05 10.73 7.41
CA PRO C 356 -12.08 9.83 6.87
C PRO C 356 -11.50 8.47 6.53
N HIS C 357 -12.36 7.45 6.60
CA HIS C 357 -11.96 6.08 6.33
C HIS C 357 -13.13 5.32 5.73
N GLY C 358 -12.81 4.37 4.84
CA GLY C 358 -13.78 3.46 4.29
C GLY C 358 -14.47 3.93 3.03
N GLY C 359 -14.23 5.16 2.59
CA GLY C 359 -14.92 5.68 1.43
C GLY C 359 -15.27 7.14 1.60
N ALA C 360 -15.30 7.61 2.84
CA ALA C 360 -15.49 9.03 3.09
C ALA C 360 -14.30 9.81 2.57
N GLN C 361 -14.56 11.02 2.10
CA GLN C 361 -13.52 11.83 1.49
C GLN C 361 -13.82 13.31 1.74
N TYR C 362 -12.77 14.12 1.63
CA TYR C 362 -12.89 15.57 1.80
C TYR C 362 -13.38 16.16 0.49
N VAL C 363 -14.62 16.66 0.49
CA VAL C 363 -15.16 17.37 -0.67
C VAL C 363 -14.90 18.86 -0.48
N SER C 364 -13.76 19.34 -0.94
CA SER C 364 -13.40 20.74 -0.81
C SER C 364 -14.36 21.62 -1.61
N ALA D 134 39.37 -45.51 20.15
CA ALA D 134 39.37 -45.10 18.75
C ALA D 134 38.05 -44.41 18.39
N VAL D 135 36.96 -45.18 18.43
CA VAL D 135 35.65 -44.62 18.11
C VAL D 135 35.25 -43.58 19.15
N LEU D 136 35.62 -43.81 20.41
CA LEU D 136 35.27 -42.86 21.47
C LEU D 136 35.91 -41.51 21.23
N GLU D 137 37.19 -41.50 20.85
CA GLU D 137 37.89 -40.24 20.61
C GLU D 137 37.19 -39.44 19.51
N GLU D 138 36.90 -40.09 18.38
CA GLU D 138 36.21 -39.40 17.29
C GLU D 138 34.83 -38.94 17.72
N LEU D 139 34.14 -39.76 18.53
CA LEU D 139 32.84 -39.37 19.05
C LEU D 139 32.95 -38.08 19.87
N ARG D 140 34.07 -37.88 20.57
CA ARG D 140 34.25 -36.61 21.29
C ARG D 140 34.09 -35.42 20.36
N GLN D 141 34.82 -35.41 19.25
CA GLN D 141 34.72 -34.28 18.33
C GLN D 141 33.40 -34.26 17.57
N THR D 142 32.78 -35.42 17.33
CA THR D 142 31.46 -35.41 16.72
C THR D 142 30.46 -34.69 17.63
N ARG D 143 30.50 -34.99 18.92
CA ARG D 143 29.62 -34.29 19.86
C ARG D 143 29.96 -32.81 19.94
N ALA D 144 31.25 -32.49 19.95
CA ALA D 144 31.65 -31.09 19.96
C ALA D 144 31.08 -30.35 18.75
N ASP D 145 31.11 -30.99 17.58
CA ASP D 145 30.53 -30.40 16.39
C ASP D 145 29.02 -30.24 16.53
N LEU D 146 28.34 -31.30 16.95
CA LEU D 146 26.89 -31.24 17.09
C LEU D 146 26.45 -30.21 18.12
N HIS D 147 27.35 -29.82 19.03
CA HIS D 147 27.02 -28.75 19.98
C HIS D 147 26.61 -27.48 19.26
N ALA D 148 27.20 -27.20 18.10
CA ALA D 148 26.88 -25.99 17.36
C ALA D 148 25.41 -25.98 16.93
N VAL D 149 24.89 -27.11 16.47
CA VAL D 149 23.49 -27.21 16.07
C VAL D 149 22.57 -27.45 17.27
N GLN D 150 23.11 -27.88 18.41
CA GLN D 150 22.27 -28.12 19.58
C GLN D 150 21.40 -26.91 19.89
N GLY D 151 22.03 -25.78 20.22
CA GLY D 151 21.26 -24.60 20.58
C GLY D 151 20.44 -24.04 19.43
N TRP D 152 20.97 -24.13 18.21
CA TRP D 152 20.24 -23.59 17.07
C TRP D 152 18.93 -24.34 16.84
N ALA D 153 18.94 -25.66 17.03
CA ALA D 153 17.71 -26.42 16.94
C ALA D 153 16.83 -26.24 18.16
N ALA D 154 17.43 -26.06 19.35
CA ALA D 154 16.64 -25.93 20.57
C ALA D 154 15.88 -24.61 20.60
N ARG D 155 16.48 -23.53 20.07
CA ARG D 155 15.87 -22.22 20.19
C ARG D 155 14.61 -22.09 19.35
N SER D 156 14.55 -22.75 18.19
CA SER D 156 13.41 -22.68 17.30
C SER D 156 12.49 -23.88 17.46
N TRP D 157 12.65 -24.67 18.52
CA TRP D 157 11.77 -25.80 18.75
C TRP D 157 10.36 -25.32 19.05
N LEU D 158 9.37 -26.07 18.56
CA LEU D 158 7.98 -25.75 18.79
C LEU D 158 7.30 -26.89 19.55
N PRO D 159 6.33 -26.58 20.40
CA PRO D 159 5.73 -27.61 21.25
C PRO D 159 4.72 -28.45 20.47
N ALA D 160 4.32 -29.55 21.10
CA ALA D 160 3.40 -30.48 20.46
C ALA D 160 3.96 -30.86 19.09
N GLY D 161 3.11 -30.95 18.09
CA GLY D 161 3.57 -31.18 16.73
C GLY D 161 3.35 -29.99 15.82
N CYS D 162 3.16 -28.81 16.41
CA CYS D 162 2.85 -27.63 15.62
C CYS D 162 4.06 -27.21 14.78
N GLU D 163 3.81 -26.98 13.49
CA GLU D 163 4.83 -26.54 12.57
C GLU D 163 4.77 -25.04 12.30
N THR D 164 3.87 -24.32 12.94
CA THR D 164 3.74 -22.89 12.73
C THR D 164 3.33 -22.23 14.04
N ALA D 165 3.77 -20.99 14.22
CA ALA D 165 3.45 -20.23 15.42
C ALA D 165 3.54 -18.76 15.10
N ILE D 166 2.92 -17.94 15.95
CA ILE D 166 2.90 -16.49 15.79
C ILE D 166 3.92 -15.90 16.77
N LEU D 167 4.74 -15.00 16.28
CA LEU D 167 5.80 -14.37 17.06
C LEU D 167 5.45 -12.91 17.29
N PHE D 168 5.37 -12.50 18.56
CA PHE D 168 5.22 -11.10 18.91
C PHE D 168 6.58 -10.57 19.36
N PRO D 169 7.38 -10.03 18.45
CA PRO D 169 8.77 -9.70 18.81
C PRO D 169 8.91 -8.52 19.76
N MET D 170 7.83 -7.83 20.08
CA MET D 170 7.95 -6.56 20.77
C MET D 170 6.57 -6.12 21.27
N ARG D 171 6.56 -5.46 22.42
CA ARG D 171 5.33 -4.91 22.99
C ARG D 171 5.09 -3.55 22.35
N SER D 172 4.17 -3.51 21.40
CA SER D 172 3.85 -2.28 20.67
C SER D 172 2.50 -1.75 21.10
N LYS D 173 2.16 -0.57 20.58
CA LYS D 173 0.83 -0.01 20.75
C LYS D 173 -0.15 -0.54 19.70
N LYS D 174 0.32 -1.37 18.77
CA LYS D 174 -0.52 -1.83 17.67
C LYS D 174 -0.32 -3.31 17.34
N ILE D 175 0.40 -4.05 18.18
CA ILE D 175 0.70 -5.45 17.90
C ILE D 175 -0.40 -6.32 18.52
N PHE D 176 -0.96 -7.21 17.73
CA PHE D 176 -1.96 -8.16 18.22
C PHE D 176 -2.22 -9.17 17.10
N GLY D 177 -3.17 -10.07 17.33
CA GLY D 177 -3.61 -10.96 16.27
C GLY D 177 -5.11 -11.16 16.28
N SER D 178 -5.79 -10.84 15.18
CA SER D 178 -7.24 -10.96 15.13
C SER D 178 -7.63 -12.39 14.78
N VAL D 179 -8.59 -12.94 15.52
CA VAL D 179 -9.12 -14.27 15.27
C VAL D 179 -10.55 -14.13 14.79
N HIS D 180 -10.92 -14.90 13.76
CA HIS D 180 -12.23 -14.80 13.13
C HIS D 180 -12.88 -16.17 13.12
N PRO D 181 -13.49 -16.58 14.24
CA PRO D 181 -14.16 -17.88 14.27
C PRO D 181 -15.32 -17.92 13.29
N VAL D 182 -15.41 -19.03 12.55
CA VAL D 182 -16.54 -19.21 11.64
C VAL D 182 -17.81 -19.46 12.44
N ARG D 183 -17.73 -20.30 13.46
CA ARG D 183 -18.89 -20.57 14.31
C ARG D 183 -19.11 -19.40 15.26
N PRO D 184 -20.35 -18.96 15.48
CA PRO D 184 -20.58 -17.86 16.42
C PRO D 184 -20.16 -18.23 17.82
N MET D 185 -19.79 -17.21 18.60
CA MET D 185 -19.33 -17.40 19.97
C MET D 185 -20.47 -17.51 20.96
N ARG D 186 -21.68 -17.84 20.52
CA ARG D 186 -22.83 -18.01 21.40
C ARG D 186 -22.66 -19.32 22.17
N LEU D 187 -21.73 -19.28 23.13
CA LEU D 187 -21.33 -20.47 23.86
C LEU D 187 -21.60 -20.29 25.35
N GLU D 188 -22.11 -21.35 25.98
CA GLU D 188 -22.33 -21.36 27.42
C GLU D 188 -21.19 -22.03 28.17
N SER D 189 -20.59 -23.05 27.58
CA SER D 189 -19.46 -23.74 28.16
C SER D 189 -18.34 -23.80 27.13
N PHE D 190 -17.10 -23.56 27.57
CA PHE D 190 -15.98 -23.52 26.66
C PHE D 190 -14.71 -23.91 27.39
N SER D 191 -13.79 -24.52 26.66
CA SER D 191 -12.46 -24.88 27.16
C SER D 191 -11.45 -24.35 26.15
N ALA D 192 -10.75 -23.28 26.51
CA ALA D 192 -9.81 -22.61 25.61
C ALA D 192 -8.39 -22.96 26.03
N CYS D 193 -7.68 -23.67 25.16
CA CYS D 193 -6.31 -24.06 25.41
C CYS D 193 -5.36 -23.18 24.60
N ILE D 194 -4.09 -23.12 25.00
CA ILE D 194 -3.10 -22.35 24.25
C ILE D 194 -1.69 -22.70 24.69
N TRP D 195 -0.76 -22.69 23.73
CA TRP D 195 0.66 -22.85 24.00
C TRP D 195 1.32 -21.47 23.94
N VAL D 196 2.01 -21.09 25.02
CA VAL D 196 2.55 -19.76 25.16
C VAL D 196 4.00 -19.84 25.63
N LYS D 197 4.82 -18.91 25.13
CA LYS D 197 6.20 -18.73 25.59
C LYS D 197 6.44 -17.24 25.71
N ALA D 198 6.43 -16.72 26.93
CA ALA D 198 6.43 -15.28 27.17
C ALA D 198 7.85 -14.79 27.39
N THR D 199 8.30 -13.84 26.56
CA THR D 199 9.62 -13.27 26.75
C THR D 199 9.67 -12.35 27.96
N ASP D 200 8.62 -11.53 28.15
CA ASP D 200 8.55 -10.64 29.30
C ASP D 200 7.10 -10.51 29.72
N VAL D 201 6.84 -10.68 31.01
CA VAL D 201 5.49 -10.65 31.56
C VAL D 201 5.39 -9.48 32.53
N LEU D 202 4.40 -8.62 32.32
CA LEU D 202 4.19 -7.44 33.14
C LEU D 202 3.12 -7.71 34.18
N ASN D 203 2.67 -6.64 34.85
CA ASN D 203 1.54 -6.72 35.76
C ASN D 203 0.29 -7.26 35.08
N LYS D 204 0.17 -7.12 33.77
CA LYS D 204 -1.02 -7.54 33.04
C LYS D 204 -0.62 -7.73 31.58
N THR D 205 -0.54 -8.99 31.14
CA THR D 205 -0.17 -9.30 29.77
C THR D 205 -1.21 -10.24 29.18
N ILE D 206 -1.89 -9.81 28.13
CA ILE D 206 -3.03 -10.53 27.58
C ILE D 206 -2.54 -11.62 26.62
N LEU D 207 -2.91 -12.87 26.89
CA LEU D 207 -2.64 -13.92 25.92
C LEU D 207 -3.70 -13.94 24.84
N PHE D 208 -4.96 -14.16 25.23
CA PHE D 208 -6.10 -14.04 24.32
C PHE D 208 -7.25 -13.40 25.07
N SER D 209 -8.15 -12.76 24.32
CA SER D 209 -9.23 -12.01 24.93
C SER D 209 -10.38 -11.88 23.95
N TYR D 210 -11.58 -12.22 24.42
CA TYR D 210 -12.81 -12.01 23.66
C TYR D 210 -13.64 -10.94 24.34
N GLY D 211 -14.04 -9.93 23.58
CA GLY D 211 -14.78 -8.82 24.16
C GLY D 211 -15.81 -8.21 23.22
N THR D 212 -17.03 -8.05 23.71
CA THR D 212 -18.10 -7.45 22.93
C THR D 212 -18.08 -5.93 23.11
N LYS D 213 -18.96 -5.24 22.39
CA LYS D 213 -19.02 -3.79 22.49
C LYS D 213 -19.40 -3.34 23.89
N ARG D 214 -20.41 -3.98 24.49
CA ARG D 214 -20.89 -3.55 25.80
C ARG D 214 -19.89 -3.90 26.90
N ASN D 215 -19.35 -5.13 26.88
CA ASN D 215 -18.47 -5.63 27.93
C ASN D 215 -17.21 -6.18 27.26
N PRO D 216 -16.07 -5.49 27.36
CA PRO D 216 -14.86 -5.99 26.69
C PRO D 216 -14.17 -7.14 27.40
N TYR D 217 -14.65 -7.58 28.56
CA TYR D 217 -13.98 -8.60 29.37
C TYR D 217 -14.76 -9.90 29.39
N GLU D 218 -15.34 -10.29 28.25
CA GLU D 218 -16.12 -11.53 28.20
C GLU D 218 -15.24 -12.71 28.56
N ILE D 219 -14.24 -13.00 27.71
CA ILE D 219 -13.23 -14.01 27.98
C ILE D 219 -11.87 -13.35 27.87
N GLN D 220 -11.01 -13.58 28.85
CA GLN D 220 -9.70 -12.93 28.84
C GLN D 220 -8.74 -13.76 29.69
N LEU D 221 -7.79 -14.43 29.04
CA LEU D 221 -6.72 -15.11 29.74
C LEU D 221 -5.49 -14.22 29.68
N TYR D 222 -4.89 -13.96 30.84
CA TYR D 222 -3.72 -13.09 30.88
C TYR D 222 -2.79 -13.56 31.98
N LEU D 223 -1.65 -12.88 32.07
CA LEU D 223 -0.57 -13.23 32.98
C LEU D 223 -0.24 -12.03 33.84
N SER D 224 -0.18 -12.24 35.15
CA SER D 224 0.35 -11.25 36.07
C SER D 224 1.87 -11.44 36.14
N TYR D 225 2.50 -10.78 37.12
CA TYR D 225 3.96 -10.89 37.24
C TYR D 225 4.41 -12.35 37.25
N GLN D 226 3.74 -13.18 38.03
CA GLN D 226 4.08 -14.59 38.13
C GLN D 226 2.88 -15.53 38.05
N SER D 227 1.66 -15.03 38.12
CA SER D 227 0.47 -15.86 38.14
C SER D 227 -0.29 -15.77 36.82
N ILE D 228 -1.25 -16.67 36.66
CA ILE D 228 -2.09 -16.75 35.48
C ILE D 228 -3.52 -16.46 35.91
N VAL D 229 -4.19 -15.58 35.16
CA VAL D 229 -5.52 -15.12 35.51
C VAL D 229 -6.47 -15.43 34.36
N PHE D 230 -7.63 -15.96 34.71
CA PHE D 230 -8.69 -16.30 33.75
C PHE D 230 -9.92 -15.48 34.11
N VAL D 231 -10.41 -14.69 33.16
CA VAL D 231 -11.55 -13.81 33.38
C VAL D 231 -12.66 -14.25 32.44
N VAL D 232 -13.84 -14.50 33.01
CA VAL D 232 -15.02 -14.90 32.24
C VAL D 232 -16.20 -14.06 32.70
N GLY D 233 -16.96 -13.55 31.74
CA GLY D 233 -18.13 -12.75 32.06
C GLY D 233 -17.82 -11.29 32.32
N GLY D 234 -17.20 -11.01 33.47
CA GLY D 234 -16.86 -9.66 33.82
C GLY D 234 -15.48 -9.59 34.46
N GLU D 235 -14.92 -8.39 34.45
CA GLU D 235 -13.57 -8.21 35.00
C GLU D 235 -13.52 -8.56 36.48
N GLU D 236 -14.64 -8.42 37.19
CA GLU D 236 -14.66 -8.73 38.61
C GLU D 236 -14.51 -10.23 38.86
N ASN D 237 -15.09 -11.05 37.99
CA ASN D 237 -15.04 -12.50 38.13
C ASN D 237 -13.75 -13.01 37.49
N LYS D 238 -12.80 -13.44 38.32
CA LYS D 238 -11.55 -13.96 37.81
C LYS D 238 -11.06 -15.10 38.69
N LEU D 239 -10.26 -15.98 38.10
CA LEU D 239 -9.61 -17.08 38.78
C LEU D 239 -8.12 -16.94 38.60
N VAL D 240 -7.37 -17.04 39.71
CA VAL D 240 -5.93 -16.79 39.72
C VAL D 240 -5.22 -18.05 40.16
N ALA D 241 -4.20 -18.44 39.41
CA ALA D 241 -3.33 -19.55 39.75
C ALA D 241 -1.90 -19.01 39.90
N GLU D 242 -1.31 -19.20 41.07
CA GLU D 242 -0.10 -18.49 41.45
C GLU D 242 1.16 -19.24 41.03
N ALA D 243 2.04 -18.56 40.31
CA ALA D 243 3.45 -18.92 40.16
C ALA D 243 3.63 -20.33 39.60
N MET D 244 3.16 -20.52 38.38
CA MET D 244 3.50 -21.70 37.60
C MET D 244 3.71 -21.38 36.13
N VAL D 245 4.20 -20.18 35.81
CA VAL D 245 4.53 -19.79 34.45
C VAL D 245 5.98 -19.35 34.41
N SER D 246 6.76 -19.95 33.50
CA SER D 246 8.14 -19.57 33.26
C SER D 246 8.22 -18.75 31.98
N LEU D 247 9.26 -17.93 31.88
CA LEU D 247 9.33 -16.97 30.78
C LEU D 247 9.70 -17.65 29.47
N GLY D 248 10.90 -18.24 29.40
CA GLY D 248 11.41 -18.71 28.13
C GLY D 248 11.05 -20.15 27.79
N ARG D 249 10.05 -20.70 28.47
CA ARG D 249 9.64 -22.09 28.28
CA ARG D 249 9.64 -22.09 28.28
C ARG D 249 8.18 -22.16 27.86
N TRP D 250 7.90 -23.05 26.91
CA TRP D 250 6.53 -23.25 26.47
C TRP D 250 5.71 -23.87 27.59
N THR D 251 4.48 -23.39 27.74
CA THR D 251 3.55 -23.93 28.73
C THR D 251 2.17 -24.02 28.11
N HIS D 252 1.47 -25.11 28.40
CA HIS D 252 0.13 -25.34 27.84
C HIS D 252 -0.91 -24.85 28.84
N LEU D 253 -1.11 -23.53 28.86
CA LEU D 253 -2.14 -22.92 29.68
C LEU D 253 -3.49 -23.18 29.05
N CYS D 254 -4.46 -23.64 29.84
CA CYS D 254 -5.77 -23.92 29.29
C CYS D 254 -6.82 -23.66 30.37
N GLY D 255 -7.92 -23.07 29.97
CA GLY D 255 -8.96 -22.68 30.92
C GLY D 255 -10.32 -23.18 30.50
N THR D 256 -11.00 -23.83 31.44
CA THR D 256 -12.31 -24.43 31.22
C THR D 256 -13.36 -23.70 32.04
N TRP D 257 -14.58 -23.62 31.52
CA TRP D 257 -15.65 -22.93 32.22
C TRP D 257 -17.00 -23.41 31.68
N ASN D 258 -17.92 -23.73 32.58
CA ASN D 258 -19.29 -24.08 32.23
C ASN D 258 -20.25 -23.20 33.01
N SER D 259 -21.31 -22.75 32.34
CA SER D 259 -22.22 -21.77 32.91
C SER D 259 -23.25 -22.38 33.85
N GLU D 260 -23.31 -23.71 33.97
CA GLU D 260 -24.32 -24.32 34.83
C GLU D 260 -24.15 -23.87 36.28
N GLU D 261 -22.91 -23.87 36.77
CA GLU D 261 -22.64 -23.35 38.10
C GLU D 261 -21.34 -22.55 38.16
N GLY D 262 -20.81 -22.12 37.02
CA GLY D 262 -19.58 -21.35 37.02
C GLY D 262 -18.35 -22.12 37.44
N LEU D 263 -18.36 -23.44 37.27
CA LEU D 263 -17.22 -24.26 37.65
C LEU D 263 -16.07 -24.04 36.68
N THR D 264 -15.18 -23.13 37.02
CA THR D 264 -14.05 -22.77 36.15
C THR D 264 -12.78 -23.40 36.67
N SER D 265 -11.87 -23.74 35.74
CA SER D 265 -10.61 -24.38 36.08
C SER D 265 -9.52 -23.87 35.17
N LEU D 266 -8.29 -23.89 35.67
CA LEU D 266 -7.08 -23.64 34.87
C LEU D 266 -6.15 -24.82 35.03
N TRP D 267 -5.80 -25.43 33.89
CA TRP D 267 -4.79 -26.48 33.81
C TRP D 267 -3.53 -25.92 33.17
N VAL D 268 -2.39 -26.14 33.82
CA VAL D 268 -1.10 -25.72 33.29
C VAL D 268 -0.29 -26.99 33.02
N ASN D 269 0.12 -27.17 31.78
CA ASN D 269 0.93 -28.30 31.35
C ASN D 269 0.22 -29.65 31.57
N GLY D 270 -1.10 -29.63 31.71
CA GLY D 270 -1.89 -30.84 31.81
C GLY D 270 -2.37 -31.18 33.19
N GLU D 271 -1.78 -30.60 34.24
CA GLU D 271 -2.19 -30.85 35.61
C GLU D 271 -2.93 -29.63 36.16
N LEU D 272 -3.94 -29.90 36.98
CA LEU D 272 -4.78 -28.83 37.51
C LEU D 272 -3.93 -27.77 38.19
N ALA D 273 -4.15 -26.52 37.80
CA ALA D 273 -3.46 -25.40 38.43
C ALA D 273 -4.36 -24.65 39.39
N ALA D 274 -5.64 -24.46 39.04
CA ALA D 274 -6.56 -23.79 39.94
C ALA D 274 -7.99 -24.14 39.54
N THR D 275 -8.91 -23.87 40.46
CA THR D 275 -10.32 -24.16 40.21
C THR D 275 -11.18 -23.35 41.18
N THR D 276 -12.35 -22.92 40.70
CA THR D 276 -13.32 -22.25 41.54
C THR D 276 -14.72 -22.57 41.01
N VAL D 277 -15.72 -22.28 41.84
CA VAL D 277 -17.11 -22.58 41.52
C VAL D 277 -17.95 -21.33 41.78
N GLU D 278 -19.08 -21.25 41.08
CA GLU D 278 -19.98 -20.09 41.17
C GLU D 278 -19.22 -18.79 40.96
N MET D 279 -18.65 -18.65 39.76
CA MET D 279 -18.09 -17.38 39.31
C MET D 279 -18.58 -17.14 37.90
N ALA D 280 -19.24 -16.01 37.68
CA ALA D 280 -19.91 -15.71 36.42
C ALA D 280 -20.96 -16.75 36.09
N THR D 281 -21.56 -17.35 37.12
CA THR D 281 -22.57 -18.39 36.92
C THR D 281 -23.79 -17.82 36.23
N GLY D 282 -24.46 -18.67 35.45
CA GLY D 282 -25.64 -18.23 34.73
C GLY D 282 -25.37 -17.09 33.78
N HIS D 283 -24.22 -17.13 33.12
CA HIS D 283 -23.81 -16.08 32.18
C HIS D 283 -23.58 -16.70 30.81
N ILE D 284 -23.90 -15.92 29.78
CA ILE D 284 -23.73 -16.35 28.39
C ILE D 284 -22.95 -15.27 27.66
N VAL D 285 -21.81 -15.64 27.09
CA VAL D 285 -21.02 -14.71 26.31
C VAL D 285 -21.73 -14.52 24.96
N PRO D 286 -22.10 -13.30 24.58
CA PRO D 286 -22.89 -13.12 23.36
C PRO D 286 -22.01 -13.12 22.12
N GLU D 287 -22.64 -12.90 20.98
CA GLU D 287 -21.96 -12.91 19.69
C GLU D 287 -21.52 -11.50 19.31
N GLY D 288 -20.87 -11.39 18.16
CA GLY D 288 -20.44 -10.10 17.67
C GLY D 288 -19.20 -9.55 18.33
N GLY D 289 -18.68 -10.23 19.35
CA GLY D 289 -17.49 -9.74 20.02
C GLY D 289 -16.23 -9.99 19.21
N ILE D 290 -15.20 -9.22 19.52
CA ILE D 290 -13.91 -9.30 18.86
C ILE D 290 -12.99 -10.16 19.70
N LEU D 291 -12.36 -11.15 19.07
CA LEU D 291 -11.43 -12.05 19.76
C LEU D 291 -10.03 -11.81 19.20
N GLN D 292 -9.08 -11.57 20.10
CA GLN D 292 -7.71 -11.28 19.73
C GLN D 292 -6.77 -12.12 20.56
N ILE D 293 -5.54 -12.25 20.07
CA ILE D 293 -4.46 -12.90 20.78
C ILE D 293 -3.35 -11.88 20.98
N GLY D 294 -2.89 -11.74 22.22
CA GLY D 294 -1.83 -10.83 22.54
C GLY D 294 -2.27 -9.43 22.92
N GLN D 295 -3.57 -9.13 22.87
CA GLN D 295 -4.07 -7.81 23.23
C GLN D 295 -5.52 -7.92 23.66
N GLU D 296 -6.07 -6.80 24.12
CA GLU D 296 -7.46 -6.71 24.52
C GLU D 296 -8.21 -5.78 23.56
N LYS D 297 -9.53 -5.82 23.65
CA LYS D 297 -10.39 -5.09 22.72
C LYS D 297 -10.24 -3.59 22.95
N ASN D 298 -9.51 -2.92 22.06
CA ASN D 298 -9.39 -1.47 22.11
C ASN D 298 -9.66 -0.86 20.73
N GLY D 299 -9.35 -1.61 19.67
CA GLY D 299 -9.54 -1.12 18.32
C GLY D 299 -8.29 -0.44 17.79
N CYS D 300 -8.14 -0.46 16.47
CA CYS D 300 -6.98 0.09 15.78
C CYS D 300 -7.42 0.95 14.59
N CYS D 301 -8.41 1.81 14.82
CA CYS D 301 -8.85 2.78 13.82
C CYS D 301 -8.12 4.12 13.97
N VAL D 302 -7.13 4.19 14.86
CA VAL D 302 -6.31 5.39 15.03
C VAL D 302 -4.85 5.12 14.72
N GLY D 303 -4.51 3.94 14.19
CA GLY D 303 -3.13 3.57 13.96
C GLY D 303 -2.54 2.86 15.16
N GLY D 304 -3.37 2.08 15.84
CA GLY D 304 -2.96 1.42 17.07
C GLY D 304 -3.90 1.73 18.22
N GLY D 305 -3.40 2.42 19.24
CA GLY D 305 -4.19 2.79 20.38
C GLY D 305 -4.20 1.77 21.50
N PHE D 306 -3.80 0.53 21.22
CA PHE D 306 -3.70 -0.47 22.27
C PHE D 306 -2.71 -0.04 23.33
N ASP D 307 -2.99 -0.38 24.58
CA ASP D 307 -2.05 -0.10 25.65
C ASP D 307 -0.85 -1.02 25.53
N GLU D 308 0.36 -0.44 25.53
CA GLU D 308 1.56 -1.25 25.37
C GLU D 308 1.71 -2.23 26.54
N THR D 309 1.45 -1.76 27.76
CA THR D 309 1.62 -2.61 28.93
C THR D 309 0.76 -3.86 28.84
N LEU D 310 -0.41 -3.76 28.20
CA LEU D 310 -1.29 -4.91 28.02
C LEU D 310 -0.78 -5.88 26.98
N ALA D 311 0.09 -5.44 26.07
CA ALA D 311 0.48 -6.26 24.94
C ALA D 311 1.19 -7.52 25.42
N PHE D 312 1.39 -8.45 24.48
CA PHE D 312 2.11 -9.69 24.72
C PHE D 312 3.30 -9.74 23.78
N SER D 313 4.47 -10.10 24.32
CA SER D 313 5.70 -10.23 23.54
C SER D 313 6.28 -11.60 23.80
N GLY D 314 6.29 -12.44 22.76
CA GLY D 314 6.77 -13.81 22.89
C GLY D 314 6.37 -14.67 21.72
N ARG D 315 5.89 -15.88 21.99
CA ARG D 315 5.45 -16.80 20.95
C ARG D 315 4.16 -17.48 21.38
N LEU D 316 3.25 -17.65 20.42
CA LEU D 316 1.99 -18.31 20.67
C LEU D 316 1.75 -19.38 19.61
N THR D 317 1.14 -20.48 20.02
CA THR D 317 0.80 -21.55 19.09
C THR D 317 -0.33 -22.37 19.70
N GLY D 318 -0.96 -23.19 18.86
CA GLY D 318 -1.97 -24.11 19.34
C GLY D 318 -3.13 -23.44 20.06
N PHE D 319 -3.66 -22.36 19.50
CA PHE D 319 -4.79 -21.66 20.11
C PHE D 319 -6.07 -22.37 19.69
N ASN D 320 -6.74 -23.01 20.65
CA ASN D 320 -7.97 -23.75 20.40
C ASN D 320 -9.03 -23.37 21.41
N ILE D 321 -10.27 -23.26 20.94
CA ILE D 321 -11.42 -22.99 21.80
C ILE D 321 -12.49 -24.02 21.47
N TRP D 322 -13.05 -24.65 22.50
CA TRP D 322 -14.08 -25.66 22.34
C TRP D 322 -15.43 -25.14 22.81
N ASP D 323 -16.48 -25.79 22.31
CA ASP D 323 -17.85 -25.46 22.69
C ASP D 323 -18.34 -26.25 23.89
N SER D 324 -17.52 -27.16 24.42
CA SER D 324 -17.90 -27.98 25.56
C SER D 324 -16.72 -28.12 26.49
N VAL D 325 -17.01 -28.42 27.76
CA VAL D 325 -15.96 -28.63 28.75
C VAL D 325 -15.22 -29.91 28.41
N LEU D 326 -13.93 -29.78 28.09
CA LEU D 326 -13.12 -30.95 27.78
C LEU D 326 -12.98 -31.85 29.00
N SER D 327 -12.93 -33.15 28.75
CA SER D 327 -12.70 -34.11 29.81
C SER D 327 -11.24 -34.06 30.25
N ASN D 328 -10.97 -34.62 31.43
CA ASN D 328 -9.63 -34.55 32.01
C ASN D 328 -8.60 -35.17 31.06
N GLU D 329 -8.90 -36.34 30.53
CA GLU D 329 -7.98 -36.99 29.60
C GLU D 329 -7.81 -36.15 28.33
N GLU D 330 -8.89 -35.52 27.87
CA GLU D 330 -8.80 -34.67 26.69
C GLU D 330 -7.87 -33.49 26.94
N ILE D 331 -7.98 -32.85 28.10
CA ILE D 331 -7.10 -31.75 28.43
C ILE D 331 -5.66 -32.23 28.54
N ARG D 332 -5.45 -33.41 29.12
CA ARG D 332 -4.09 -33.95 29.23
CA ARG D 332 -4.10 -33.94 29.23
C ARG D 332 -3.49 -34.19 27.86
N GLU D 333 -4.28 -34.76 26.94
CA GLU D 333 -3.78 -35.09 25.61
C GLU D 333 -3.74 -33.89 24.67
N THR D 334 -4.35 -32.77 25.04
CA THR D 334 -4.26 -31.58 24.21
C THR D 334 -2.84 -31.00 24.23
N GLY D 335 -2.17 -31.13 25.38
CA GLY D 335 -0.82 -30.59 25.52
C GLY D 335 0.25 -31.66 25.58
N GLY D 336 0.11 -32.69 24.75
CA GLY D 336 1.06 -33.79 24.71
C GLY D 336 2.22 -33.52 23.78
N ALA D 337 2.81 -34.61 23.27
CA ALA D 337 3.94 -34.51 22.36
C ALA D 337 3.49 -34.40 20.91
N GLU D 338 2.78 -35.42 20.41
CA GLU D 338 2.16 -35.36 19.10
C GLU D 338 0.69 -34.99 19.26
N SER D 339 0.46 -33.78 19.77
CA SER D 339 -0.87 -33.32 20.14
C SER D 339 -1.32 -32.09 19.38
N CYS D 340 -0.57 -31.64 18.38
CA CYS D 340 -0.98 -30.48 17.61
C CYS D 340 -1.81 -30.88 16.39
N HIS D 341 -2.81 -31.73 16.65
CA HIS D 341 -3.83 -32.06 15.67
C HIS D 341 -5.21 -32.17 16.29
N ILE D 342 -5.34 -31.90 17.59
CA ILE D 342 -6.62 -31.82 18.26
C ILE D 342 -6.98 -30.35 18.36
N ARG D 343 -7.96 -29.92 17.58
CA ARG D 343 -8.34 -28.52 17.47
C ARG D 343 -9.81 -28.35 17.80
N GLY D 344 -10.14 -27.19 18.37
CA GLY D 344 -11.51 -26.95 18.76
C GLY D 344 -12.42 -26.66 17.59
N ASN D 345 -13.72 -26.82 17.84
CA ASN D 345 -14.70 -26.59 16.78
C ASN D 345 -14.90 -25.11 16.53
N ILE D 346 -14.83 -24.29 17.58
CA ILE D 346 -15.03 -22.85 17.42
C ILE D 346 -13.80 -22.20 16.81
N VAL D 347 -12.67 -22.28 17.51
CA VAL D 347 -11.39 -21.77 17.03
C VAL D 347 -10.42 -22.93 17.00
N GLY D 348 -9.82 -23.17 15.83
CA GLY D 348 -8.87 -24.26 15.68
C GLY D 348 -7.56 -23.79 15.08
N TRP D 349 -6.45 -24.06 15.76
CA TRP D 349 -5.16 -23.64 15.25
C TRP D 349 -4.88 -24.28 13.90
N GLY D 350 -4.48 -23.47 12.93
CA GLY D 350 -4.24 -23.95 11.59
C GLY D 350 -5.48 -24.11 10.74
N VAL D 351 -6.66 -23.76 11.27
CA VAL D 351 -7.91 -23.83 10.54
C VAL D 351 -8.61 -22.47 10.51
N THR D 352 -8.68 -21.80 11.66
CA THR D 352 -9.37 -20.53 11.75
C THR D 352 -8.49 -19.39 11.25
N GLU D 353 -9.14 -18.31 10.82
CA GLU D 353 -8.46 -17.12 10.32
C GLU D 353 -7.86 -16.38 11.51
N ILE D 354 -6.57 -16.57 11.74
CA ILE D 354 -5.81 -15.79 12.71
C ILE D 354 -4.83 -14.95 11.91
N GLN D 355 -5.06 -13.64 11.83
CA GLN D 355 -4.18 -12.76 11.09
C GLN D 355 -3.46 -11.83 12.06
N PRO D 356 -2.13 -11.87 12.13
CA PRO D 356 -1.42 -10.93 13.00
C PRO D 356 -1.38 -9.52 12.41
N HIS D 357 -1.16 -8.55 13.29
CA HIS D 357 -1.07 -7.16 12.90
C HIS D 357 -0.10 -6.44 13.83
N GLY D 358 0.53 -5.40 13.29
CA GLY D 358 1.37 -4.51 14.07
C GLY D 358 2.82 -4.92 14.18
N GLY D 359 3.19 -6.10 13.69
CA GLY D 359 4.55 -6.56 13.83
C GLY D 359 4.62 -8.04 14.13
N ALA D 360 3.51 -8.61 14.59
CA ALA D 360 3.43 -10.04 14.79
C ALA D 360 3.48 -10.76 13.44
N GLN D 361 4.08 -11.94 13.44
CA GLN D 361 4.28 -12.67 12.20
C GLN D 361 4.29 -14.17 12.48
N TYR D 362 4.03 -14.95 11.43
CA TYR D 362 4.11 -16.40 11.51
C TYR D 362 5.56 -16.84 11.39
N VAL D 363 6.10 -17.41 12.46
CA VAL D 363 7.41 -18.04 12.43
C VAL D 363 7.21 -19.52 12.13
N SER D 364 7.17 -19.87 10.86
CA SER D 364 6.95 -21.25 10.45
C SER D 364 8.10 -22.14 10.92
N ALA E 134 -27.65 51.95 -23.65
CA ALA E 134 -26.74 52.07 -22.52
C ALA E 134 -26.60 50.74 -21.79
N VAL E 135 -27.68 50.33 -21.12
CA VAL E 135 -27.68 49.07 -20.38
C VAL E 135 -27.48 47.90 -21.35
N LEU E 136 -28.09 48.00 -22.53
CA LEU E 136 -27.98 46.92 -23.52
C LEU E 136 -26.52 46.75 -23.98
N GLU E 137 -25.83 47.87 -24.23
CA GLU E 137 -24.45 47.79 -24.68
C GLU E 137 -23.58 47.05 -23.68
N GLU E 138 -23.63 47.45 -22.41
CA GLU E 138 -22.83 46.78 -21.39
C GLU E 138 -23.30 45.35 -21.17
N LEU E 139 -24.59 45.08 -21.36
CA LEU E 139 -25.09 43.72 -21.25
C LEU E 139 -24.47 42.84 -22.33
N ARG E 140 -24.14 43.41 -23.48
CA ARG E 140 -23.41 42.64 -24.49
C ARG E 140 -22.12 42.07 -23.92
N GLN E 141 -21.30 42.92 -23.29
CA GLN E 141 -20.04 42.44 -22.73
C GLN E 141 -20.27 41.53 -21.53
N THR E 142 -21.34 41.77 -20.77
CA THR E 142 -21.65 40.86 -19.66
C THR E 142 -21.92 39.46 -20.19
N ARG E 143 -22.71 39.35 -21.26
CA ARG E 143 -22.97 38.05 -21.87
C ARG E 143 -21.68 37.45 -22.45
N ALA E 144 -20.85 38.28 -23.07
CA ALA E 144 -19.59 37.78 -23.61
C ALA E 144 -18.73 37.18 -22.50
N ASP E 145 -18.71 37.83 -21.33
CA ASP E 145 -17.97 37.29 -20.20
C ASP E 145 -18.59 35.99 -19.71
N LEU E 146 -19.91 35.98 -19.52
CA LEU E 146 -20.57 34.77 -19.05
C LEU E 146 -20.41 33.60 -20.01
N HIS E 147 -20.11 33.89 -21.28
CA HIS E 147 -19.84 32.80 -22.23
C HIS E 147 -18.69 31.92 -21.75
N ALA E 148 -17.67 32.51 -21.12
CA ALA E 148 -16.54 31.74 -20.66
C ALA E 148 -16.92 30.70 -19.62
N VAL E 149 -17.87 31.02 -18.74
CA VAL E 149 -18.35 30.08 -17.73
C VAL E 149 -19.48 29.19 -18.24
N GLN E 150 -20.13 29.58 -19.34
CA GLN E 150 -21.18 28.75 -19.91
C GLN E 150 -20.71 27.30 -20.11
N GLY E 151 -19.69 27.11 -20.94
CA GLY E 151 -19.23 25.76 -21.23
C GLY E 151 -18.65 25.07 -20.02
N TRP E 152 -17.94 25.82 -19.17
CA TRP E 152 -17.33 25.21 -17.99
C TRP E 152 -18.38 24.67 -17.03
N ALA E 153 -19.50 25.37 -16.89
CA ALA E 153 -20.60 24.85 -16.07
C ALA E 153 -21.36 23.74 -16.78
N ALA E 154 -21.47 23.82 -18.11
CA ALA E 154 -22.23 22.81 -18.84
C ALA E 154 -21.52 21.46 -18.85
N ARG E 155 -20.19 21.47 -18.94
CA ARG E 155 -19.46 20.20 -19.07
C ARG E 155 -19.54 19.35 -17.82
N SER E 156 -19.55 19.98 -16.64
CA SER E 156 -19.62 19.26 -15.37
C SER E 156 -21.03 19.16 -14.83
N TRP E 157 -22.04 19.47 -15.63
CA TRP E 157 -23.43 19.36 -15.19
C TRP E 157 -23.79 17.90 -14.94
N LEU E 158 -24.61 17.68 -13.93
CA LEU E 158 -25.07 16.33 -13.58
C LEU E 158 -26.59 16.29 -13.65
N PRO E 159 -27.16 15.14 -14.06
CA PRO E 159 -28.61 15.08 -14.26
C PRO E 159 -29.35 14.88 -12.94
N ALA E 160 -30.66 15.05 -13.02
CA ALA E 160 -31.50 14.95 -11.82
C ALA E 160 -30.95 15.95 -10.81
N GLY E 161 -31.13 15.67 -9.52
CA GLY E 161 -30.53 16.49 -8.49
C GLY E 161 -29.27 15.86 -7.95
N CYS E 162 -28.65 14.99 -8.75
CA CYS E 162 -27.53 14.19 -8.30
C CYS E 162 -26.31 15.08 -8.10
N GLU E 163 -25.70 14.99 -6.92
CA GLU E 163 -24.52 15.78 -6.59
C GLU E 163 -23.23 14.99 -6.72
N THR E 164 -23.29 13.71 -7.09
CA THR E 164 -22.10 12.89 -7.22
C THR E 164 -22.32 11.86 -8.31
N ALA E 165 -21.22 11.44 -8.95
CA ALA E 165 -21.28 10.48 -10.03
C ALA E 165 -19.92 9.79 -10.12
N ILE E 166 -19.91 8.65 -10.81
CA ILE E 166 -18.70 7.86 -11.00
C ILE E 166 -18.21 8.09 -12.43
N LEU E 167 -16.92 8.35 -12.57
CA LEU E 167 -16.29 8.62 -13.85
C LEU E 167 -15.39 7.46 -14.22
N PHE E 168 -15.60 6.89 -15.41
CA PHE E 168 -14.74 5.86 -15.98
C PHE E 168 -13.90 6.54 -17.05
N PRO E 169 -12.73 7.08 -16.71
CA PRO E 169 -11.98 7.87 -17.70
C PRO E 169 -11.57 7.07 -18.92
N MET E 170 -11.31 5.77 -18.76
CA MET E 170 -10.75 4.98 -19.83
C MET E 170 -11.34 3.58 -19.79
N ARG E 171 -11.20 2.86 -20.90
CA ARG E 171 -11.57 1.45 -20.97
C ARG E 171 -10.38 0.59 -20.58
N SER E 172 -10.06 0.59 -19.29
CA SER E 172 -8.93 -0.19 -18.82
C SER E 172 -9.25 -1.67 -18.89
N LYS E 173 -8.20 -2.49 -18.79
CA LYS E 173 -8.37 -3.92 -18.64
C LYS E 173 -8.97 -4.29 -17.29
N LYS E 174 -9.01 -3.35 -16.33
CA LYS E 174 -9.42 -3.66 -14.97
C LYS E 174 -10.29 -2.58 -14.34
N ILE E 175 -11.00 -1.78 -15.14
CA ILE E 175 -11.84 -0.70 -14.62
C ILE E 175 -13.25 -1.23 -14.43
N PHE E 176 -13.84 -0.96 -13.28
CA PHE E 176 -15.22 -1.35 -13.01
C PHE E 176 -15.65 -0.69 -11.70
N GLY E 177 -16.86 -1.00 -11.25
CA GLY E 177 -17.28 -0.61 -9.92
C GLY E 177 -18.10 -1.68 -9.25
N SER E 178 -17.64 -2.17 -8.09
CA SER E 178 -18.39 -3.19 -7.37
C SER E 178 -19.55 -2.56 -6.64
N VAL E 179 -20.69 -3.26 -6.61
CA VAL E 179 -21.86 -2.82 -5.84
C VAL E 179 -22.17 -3.91 -4.82
N HIS E 180 -22.46 -3.50 -3.59
CA HIS E 180 -22.65 -4.43 -2.47
C HIS E 180 -24.00 -4.16 -1.84
N PRO E 181 -25.09 -4.66 -2.43
CA PRO E 181 -26.42 -4.45 -1.85
C PRO E 181 -26.54 -5.12 -0.50
N VAL E 182 -27.12 -4.39 0.46
CA VAL E 182 -27.37 -4.98 1.77
C VAL E 182 -28.47 -6.03 1.68
N ARG E 183 -29.54 -5.73 0.97
CA ARG E 183 -30.63 -6.67 0.79
C ARG E 183 -30.22 -7.72 -0.25
N PRO E 184 -30.48 -9.01 -0.01
CA PRO E 184 -30.09 -10.02 -1.00
C PRO E 184 -30.86 -9.86 -2.30
N MET E 185 -30.24 -10.31 -3.38
CA MET E 185 -30.81 -10.18 -4.72
C MET E 185 -31.81 -11.29 -5.05
N ARG E 186 -32.38 -11.94 -4.05
CA ARG E 186 -33.38 -12.97 -4.30
C ARG E 186 -34.68 -12.31 -4.74
N LEU E 187 -34.71 -11.82 -5.98
CA LEU E 187 -35.81 -11.03 -6.49
C LEU E 187 -36.44 -11.69 -7.71
N GLU E 188 -37.77 -11.65 -7.78
CA GLU E 188 -38.51 -12.15 -8.93
C GLU E 188 -38.85 -11.05 -9.91
N SER E 189 -39.19 -9.86 -9.43
CA SER E 189 -39.49 -8.71 -10.27
C SER E 189 -38.61 -7.55 -9.84
N PHE E 190 -38.06 -6.82 -10.80
CA PHE E 190 -37.16 -5.74 -10.49
C PHE E 190 -37.21 -4.68 -11.59
N SER E 191 -37.03 -3.43 -11.18
CA SER E 191 -36.84 -2.31 -12.08
C SER E 191 -35.52 -1.63 -11.72
N ALA E 192 -34.65 -1.45 -12.71
CA ALA E 192 -33.31 -0.91 -12.49
C ALA E 192 -33.09 0.28 -13.42
N CYS E 193 -32.84 1.44 -12.83
CA CYS E 193 -32.59 2.68 -13.55
C CYS E 193 -31.12 3.05 -13.45
N ILE E 194 -30.67 3.89 -14.39
CA ILE E 194 -29.31 4.42 -14.35
C ILE E 194 -29.23 5.62 -15.30
N TRP E 195 -28.55 6.67 -14.85
CA TRP E 195 -28.19 7.80 -15.69
C TRP E 195 -26.80 7.54 -16.27
N VAL E 196 -26.69 7.57 -17.58
CA VAL E 196 -25.47 7.18 -18.27
C VAL E 196 -25.08 8.26 -19.28
N LYS E 197 -23.77 8.51 -19.39
CA LYS E 197 -23.22 9.38 -20.42
C LYS E 197 -21.98 8.69 -20.97
N ALA E 198 -22.10 8.09 -22.15
CA ALA E 198 -21.07 7.22 -22.69
C ALA E 198 -20.19 8.00 -23.66
N THR E 199 -18.88 8.03 -23.38
CA THR E 199 -17.95 8.71 -24.28
C THR E 199 -17.76 7.90 -25.57
N ASP E 200 -17.62 6.58 -25.45
CA ASP E 200 -17.46 5.73 -26.62
C ASP E 200 -18.18 4.41 -26.36
N VAL E 201 -19.00 3.99 -27.33
CA VAL E 201 -19.81 2.79 -27.21
C VAL E 201 -19.36 1.81 -28.28
N LEU E 202 -19.00 0.60 -27.87
CA LEU E 202 -18.51 -0.43 -28.77
C LEU E 202 -19.65 -1.39 -29.13
N ASN E 203 -19.29 -2.50 -29.77
CA ASN E 203 -20.25 -3.57 -30.04
C ASN E 203 -20.92 -4.07 -28.77
N LYS E 204 -20.26 -3.97 -27.62
CA LYS E 204 -20.80 -4.48 -26.36
C LYS E 204 -20.15 -3.69 -25.24
N THR E 205 -20.90 -2.77 -24.64
CA THR E 205 -20.39 -1.96 -23.53
C THR E 205 -21.34 -2.07 -22.36
N ILE E 206 -20.85 -2.56 -21.22
CA ILE E 206 -21.69 -2.93 -20.08
C ILE E 206 -21.91 -1.71 -19.20
N LEU E 207 -23.18 -1.38 -18.95
CA LEU E 207 -23.48 -0.36 -17.94
C LEU E 207 -23.46 -0.98 -16.55
N PHE E 208 -24.32 -1.97 -16.31
CA PHE E 208 -24.29 -2.73 -15.08
C PHE E 208 -24.60 -4.19 -15.40
N SER E 209 -24.17 -5.08 -14.51
CA SER E 209 -24.31 -6.51 -14.75
C SER E 209 -24.28 -7.25 -13.42
N TYR E 210 -25.28 -8.10 -13.20
CA TYR E 210 -25.32 -8.99 -12.04
C TYR E 210 -25.19 -10.43 -12.52
N GLY E 211 -24.23 -11.16 -11.95
CA GLY E 211 -23.98 -12.52 -12.38
C GLY E 211 -23.52 -13.44 -11.27
N THR E 212 -24.10 -14.64 -11.22
CA THR E 212 -23.72 -15.64 -10.23
C THR E 212 -22.58 -16.51 -10.77
N LYS E 213 -22.10 -17.42 -9.92
CA LYS E 213 -21.03 -18.31 -10.33
C LYS E 213 -21.45 -19.20 -11.49
N ARG E 214 -22.65 -19.78 -11.40
CA ARG E 214 -23.09 -20.71 -12.43
C ARG E 214 -23.43 -19.97 -13.72
N ASN E 215 -24.15 -18.86 -13.62
CA ASN E 215 -24.63 -18.11 -14.77
C ASN E 215 -24.24 -16.65 -14.59
N PRO E 216 -23.20 -16.16 -15.28
CA PRO E 216 -22.77 -14.77 -15.09
C PRO E 216 -23.68 -13.73 -15.74
N TYR E 217 -24.72 -14.15 -16.46
CA TYR E 217 -25.56 -13.25 -17.25
C TYR E 217 -26.95 -13.11 -16.67
N GLU E 218 -27.06 -13.09 -15.34
CA GLU E 218 -28.37 -13.00 -14.70
C GLU E 218 -29.08 -11.72 -15.11
N ILE E 219 -28.53 -10.57 -14.72
CA ILE E 219 -29.01 -9.26 -15.14
C ILE E 219 -27.85 -8.53 -15.78
N GLN E 220 -28.09 -7.95 -16.95
CA GLN E 220 -27.00 -7.28 -17.67
C GLN E 220 -27.61 -6.25 -18.62
N LEU E 221 -27.39 -4.98 -18.34
CA LEU E 221 -27.78 -3.91 -19.23
C LEU E 221 -26.53 -3.40 -19.94
N TYR E 222 -26.57 -3.37 -21.27
CA TYR E 222 -25.41 -2.93 -22.02
C TYR E 222 -25.87 -2.19 -23.26
N LEU E 223 -24.88 -1.71 -24.02
CA LEU E 223 -25.10 -0.90 -25.20
C LEU E 223 -24.38 -1.53 -26.38
N SER E 224 -25.09 -1.68 -27.48
CA SER E 224 -24.47 -2.05 -28.75
C SER E 224 -23.99 -0.77 -29.42
N TYR E 225 -23.62 -0.86 -30.70
CA TYR E 225 -23.12 0.32 -31.40
C TYR E 225 -24.09 1.50 -31.25
N GLN E 226 -25.38 1.24 -31.41
CA GLN E 226 -26.39 2.29 -31.32
C GLN E 226 -27.61 1.89 -30.50
N SER E 227 -27.79 0.63 -30.16
CA SER E 227 -28.97 0.15 -29.45
C SER E 227 -28.65 -0.14 -28.00
N ILE E 228 -29.70 -0.32 -27.21
CA ILE E 228 -29.61 -0.65 -25.79
C ILE E 228 -30.19 -2.04 -25.60
N VAL E 229 -29.46 -2.88 -24.88
CA VAL E 229 -29.82 -4.29 -24.72
C VAL E 229 -29.99 -4.59 -23.24
N PHE E 230 -31.08 -5.27 -22.91
CA PHE E 230 -31.39 -5.71 -21.56
C PHE E 230 -31.41 -7.22 -21.56
N VAL E 231 -30.63 -7.84 -20.67
CA VAL E 231 -30.50 -9.29 -20.60
C VAL E 231 -30.91 -9.72 -19.21
N VAL E 232 -31.87 -10.63 -19.13
CA VAL E 232 -32.33 -11.20 -17.86
C VAL E 232 -32.38 -12.72 -18.01
N GLY E 233 -31.79 -13.43 -17.06
CA GLY E 233 -31.80 -14.88 -17.09
C GLY E 233 -30.63 -15.48 -17.85
N GLY E 234 -30.57 -15.21 -19.15
CA GLY E 234 -29.49 -15.73 -19.97
C GLY E 234 -29.32 -14.90 -21.23
N GLU E 235 -28.19 -15.13 -21.90
CA GLU E 235 -27.89 -14.37 -23.11
C GLU E 235 -28.88 -14.64 -24.22
N GLU E 236 -29.47 -15.84 -24.26
CA GLU E 236 -30.37 -16.19 -25.36
C GLU E 236 -31.59 -15.26 -25.38
N ASN E 237 -32.17 -14.98 -24.22
CA ASN E 237 -33.33 -14.11 -24.13
C ASN E 237 -32.89 -12.70 -23.76
N LYS E 238 -33.24 -11.73 -24.60
CA LYS E 238 -32.83 -10.35 -24.39
C LYS E 238 -33.83 -9.43 -25.10
N LEU E 239 -33.80 -8.16 -24.69
CA LEU E 239 -34.63 -7.13 -25.28
C LEU E 239 -33.74 -6.04 -25.85
N VAL E 240 -34.00 -5.65 -27.09
CA VAL E 240 -33.16 -4.69 -27.81
C VAL E 240 -34.03 -3.50 -28.21
N ALA E 241 -33.54 -2.30 -27.93
CA ALA E 241 -34.17 -1.05 -28.35
C ALA E 241 -33.20 -0.31 -29.24
N GLU E 242 -33.63 0.01 -30.46
CA GLU E 242 -32.71 0.47 -31.50
C GLU E 242 -32.58 1.99 -31.49
N ALA E 243 -31.33 2.46 -31.40
CA ALA E 243 -30.94 3.82 -31.80
C ALA E 243 -31.73 4.88 -31.05
N MET E 244 -31.54 4.90 -29.73
CA MET E 244 -31.99 6.03 -28.92
C MET E 244 -31.00 6.35 -27.80
N VAL E 245 -29.71 6.14 -28.04
CA VAL E 245 -28.66 6.51 -27.09
C VAL E 245 -27.67 7.42 -27.80
N SER E 246 -27.41 8.58 -27.20
CA SER E 246 -26.42 9.52 -27.68
C SER E 246 -25.18 9.46 -26.80
N LEU E 247 -24.03 9.78 -27.39
CA LEU E 247 -22.76 9.56 -26.70
C LEU E 247 -22.57 10.56 -25.57
N GLY E 248 -22.49 11.85 -25.89
CA GLY E 248 -22.08 12.83 -24.91
C GLY E 248 -23.21 13.44 -24.11
N ARG E 249 -24.39 12.81 -24.12
CA ARG E 249 -25.57 13.32 -23.45
CA ARG E 249 -25.57 13.32 -23.45
C ARG E 249 -26.06 12.32 -22.41
N TRP E 250 -26.45 12.83 -21.25
CA TRP E 250 -27.01 11.98 -20.21
C TRP E 250 -28.33 11.39 -20.67
N THR E 251 -28.51 10.10 -20.42
CA THR E 251 -29.76 9.42 -20.72
C THR E 251 -30.14 8.56 -19.52
N HIS E 252 -31.44 8.50 -19.23
CA HIS E 252 -31.96 7.77 -18.09
C HIS E 252 -32.53 6.44 -18.59
N LEU E 253 -31.71 5.41 -18.57
CA LEU E 253 -32.10 4.10 -19.06
C LEU E 253 -32.60 3.28 -17.88
N CYS E 254 -33.83 2.76 -17.99
CA CYS E 254 -34.40 1.95 -16.91
C CYS E 254 -35.08 0.73 -17.49
N GLY E 255 -34.66 -0.45 -17.05
CA GLY E 255 -35.24 -1.70 -17.50
C GLY E 255 -36.02 -2.37 -16.38
N THR E 256 -37.23 -2.79 -16.70
CA THR E 256 -38.10 -3.45 -15.74
C THR E 256 -38.43 -4.86 -16.23
N TRP E 257 -38.65 -5.76 -15.28
CA TRP E 257 -38.92 -7.16 -15.64
C TRP E 257 -39.60 -7.85 -14.46
N ASN E 258 -40.71 -8.53 -14.74
CA ASN E 258 -41.41 -9.33 -13.75
C ASN E 258 -41.49 -10.77 -14.23
N SER E 259 -41.29 -11.71 -13.29
CA SER E 259 -41.15 -13.11 -13.64
C SER E 259 -42.49 -13.81 -13.86
N GLU E 260 -43.62 -13.14 -13.62
CA GLU E 260 -44.91 -13.80 -13.79
C GLU E 260 -45.10 -14.27 -15.22
N GLU E 261 -44.78 -13.41 -16.19
CA GLU E 261 -44.82 -13.80 -17.59
C GLU E 261 -43.65 -13.24 -18.39
N GLY E 262 -42.59 -12.79 -17.73
CA GLY E 262 -41.45 -12.26 -18.44
C GLY E 262 -41.71 -10.95 -19.15
N LEU E 263 -42.68 -10.17 -18.68
CA LEU E 263 -43.00 -8.90 -19.32
C LEU E 263 -41.92 -7.88 -19.02
N THR E 264 -40.94 -7.76 -19.91
CA THR E 264 -39.82 -6.84 -19.73
C THR E 264 -40.01 -5.60 -20.60
N SER E 265 -39.55 -4.47 -20.06
CA SER E 265 -39.69 -3.18 -20.74
C SER E 265 -38.42 -2.37 -20.57
N LEU E 266 -38.15 -1.52 -21.55
CA LEU E 266 -37.03 -0.57 -21.51
C LEU E 266 -37.59 0.84 -21.68
N TRP E 267 -37.26 1.73 -20.73
CA TRP E 267 -37.66 3.11 -20.78
C TRP E 267 -36.41 3.97 -20.91
N VAL E 268 -36.39 4.82 -21.94
CA VAL E 268 -35.28 5.74 -22.19
C VAL E 268 -35.81 7.16 -22.01
N ASN E 269 -35.24 7.89 -21.07
CA ASN E 269 -35.61 9.27 -20.79
C ASN E 269 -37.07 9.41 -20.37
N GLY E 270 -37.70 8.33 -19.93
CA GLY E 270 -39.04 8.36 -19.41
C GLY E 270 -40.10 7.82 -20.35
N GLU E 271 -39.81 7.71 -21.64
CA GLU E 271 -40.75 7.18 -22.61
C GLU E 271 -40.34 5.76 -23.01
N LEU E 272 -41.31 4.87 -23.08
CA LEU E 272 -41.03 3.46 -23.33
C LEU E 272 -40.28 3.30 -24.65
N ALA E 273 -39.27 2.44 -24.64
CA ALA E 273 -38.43 2.20 -25.80
C ALA E 273 -38.78 0.88 -26.51
N ALA E 274 -38.80 -0.22 -25.77
CA ALA E 274 -39.11 -1.52 -26.35
C ALA E 274 -39.55 -2.46 -25.25
N THR E 275 -40.57 -3.27 -25.54
CA THR E 275 -41.15 -4.20 -24.58
C THR E 275 -41.31 -5.56 -25.22
N THR E 276 -41.19 -6.60 -24.40
CA THR E 276 -41.40 -7.97 -24.83
C THR E 276 -42.04 -8.77 -23.70
N VAL E 277 -42.60 -9.91 -24.06
CA VAL E 277 -43.31 -10.77 -23.11
C VAL E 277 -42.79 -12.20 -23.27
N GLU E 278 -42.91 -12.97 -22.19
CA GLU E 278 -42.43 -14.35 -22.13
C GLU E 278 -40.98 -14.44 -22.60
N MET E 279 -40.11 -13.76 -21.85
CA MET E 279 -38.67 -13.90 -22.00
C MET E 279 -38.07 -14.06 -20.60
N ALA E 280 -37.36 -15.18 -20.40
CA ALA E 280 -36.88 -15.56 -19.08
C ALA E 280 -38.04 -15.72 -18.09
N THR E 281 -39.20 -16.12 -18.60
CA THR E 281 -40.37 -16.27 -17.75
C THR E 281 -40.17 -17.39 -16.74
N GLY E 282 -40.77 -17.23 -15.57
CA GLY E 282 -40.64 -18.23 -14.53
C GLY E 282 -39.20 -18.44 -14.10
N HIS E 283 -38.42 -17.37 -14.05
CA HIS E 283 -37.01 -17.42 -13.68
C HIS E 283 -36.79 -16.57 -12.43
N ILE E 284 -35.87 -16.99 -11.58
CA ILE E 284 -35.53 -16.29 -10.35
C ILE E 284 -34.02 -16.10 -10.32
N VAL E 285 -33.58 -14.85 -10.21
CA VAL E 285 -32.15 -14.56 -10.08
C VAL E 285 -31.74 -14.90 -8.65
N PRO E 286 -30.79 -15.80 -8.43
CA PRO E 286 -30.46 -16.21 -7.06
C PRO E 286 -29.53 -15.22 -6.39
N GLU E 287 -29.13 -15.56 -5.16
CA GLU E 287 -28.27 -14.70 -4.36
C GLU E 287 -26.81 -15.01 -4.64
N GLY E 288 -25.92 -14.35 -3.90
CA GLY E 288 -24.50 -14.57 -4.02
C GLY E 288 -23.86 -14.00 -5.26
N GLY E 289 -24.64 -13.63 -6.27
CA GLY E 289 -24.05 -13.12 -7.49
C GLY E 289 -23.39 -11.77 -7.27
N ILE E 290 -22.37 -11.50 -8.08
CA ILE E 290 -21.62 -10.26 -8.01
C ILE E 290 -22.28 -9.26 -8.95
N LEU E 291 -22.52 -8.04 -8.46
CA LEU E 291 -23.10 -6.98 -9.25
C LEU E 291 -22.06 -5.88 -9.44
N GLN E 292 -21.86 -5.47 -10.68
CA GLN E 292 -20.86 -4.46 -11.01
C GLN E 292 -21.47 -3.46 -11.98
N ILE E 293 -20.82 -2.31 -12.05
CA ILE E 293 -21.16 -1.25 -13.00
C ILE E 293 -19.95 -1.04 -13.90
N GLY E 294 -20.18 -1.08 -15.22
CA GLY E 294 -19.13 -0.85 -16.18
C GLY E 294 -18.39 -2.09 -16.65
N GLN E 295 -18.70 -3.27 -16.11
CA GLN E 295 -18.00 -4.48 -16.50
C GLN E 295 -18.88 -5.69 -16.24
N GLU E 296 -18.43 -6.85 -16.74
CA GLU E 296 -19.08 -8.12 -16.50
C GLU E 296 -18.45 -8.79 -15.27
N LYS E 297 -18.88 -10.02 -14.98
CA LYS E 297 -18.30 -10.82 -13.91
C LYS E 297 -17.16 -11.64 -14.51
N ASN E 298 -15.93 -11.14 -14.35
CA ASN E 298 -14.75 -11.87 -14.78
C ASN E 298 -13.70 -12.04 -13.69
N GLY E 299 -13.84 -11.35 -12.56
CA GLY E 299 -12.89 -11.48 -11.48
C GLY E 299 -11.61 -10.71 -11.75
N CYS E 300 -11.05 -10.16 -10.67
CA CYS E 300 -9.82 -9.38 -10.73
C CYS E 300 -8.72 -9.96 -9.86
N CYS E 301 -8.81 -11.24 -9.52
CA CYS E 301 -7.73 -11.90 -8.79
C CYS E 301 -6.49 -12.11 -9.64
N VAL E 302 -6.59 -11.90 -10.96
CA VAL E 302 -5.44 -12.00 -11.86
C VAL E 302 -4.82 -10.63 -12.13
N GLY E 303 -5.12 -9.63 -11.29
CA GLY E 303 -4.64 -8.29 -11.54
C GLY E 303 -5.45 -7.59 -12.61
N GLY E 304 -6.73 -7.96 -12.71
CA GLY E 304 -7.59 -7.46 -13.77
C GLY E 304 -8.25 -8.60 -14.52
N GLY E 305 -7.91 -8.74 -15.80
CA GLY E 305 -8.47 -9.79 -16.63
C GLY E 305 -9.80 -9.47 -17.25
N PHE E 306 -10.48 -8.42 -16.80
CA PHE E 306 -11.72 -8.01 -17.44
C PHE E 306 -11.46 -7.71 -18.91
N ASP E 307 -12.38 -8.14 -19.77
CA ASP E 307 -12.24 -7.86 -21.18
C ASP E 307 -12.28 -6.35 -21.42
N GLU E 308 -11.29 -5.83 -22.13
CA GLU E 308 -11.22 -4.39 -22.37
C GLU E 308 -12.43 -3.90 -23.16
N THR E 309 -12.83 -4.65 -24.18
CA THR E 309 -13.91 -4.19 -25.05
C THR E 309 -15.22 -4.03 -24.28
N LEU E 310 -15.51 -4.95 -23.37
CA LEU E 310 -16.76 -4.88 -22.62
C LEU E 310 -16.79 -3.69 -21.67
N ALA E 311 -15.64 -3.11 -21.33
CA ALA E 311 -15.60 -2.06 -20.33
C ALA E 311 -16.48 -0.89 -20.74
N PHE E 312 -16.72 0.01 -19.78
CA PHE E 312 -17.48 1.23 -20.00
C PHE E 312 -16.59 2.42 -19.69
N SER E 313 -16.59 3.40 -20.59
CA SER E 313 -15.83 4.64 -20.40
C SER E 313 -16.79 5.80 -20.53
N GLY E 314 -16.93 6.58 -19.47
CA GLY E 314 -17.87 7.69 -19.46
C GLY E 314 -18.26 8.13 -18.06
N ARG E 315 -19.55 8.34 -17.83
CA ARG E 315 -20.02 8.77 -16.52
C ARG E 315 -21.31 8.03 -16.18
N LEU E 316 -21.44 7.63 -14.93
CA LEU E 316 -22.62 6.93 -14.44
C LEU E 316 -23.10 7.58 -13.16
N THR E 317 -24.41 7.56 -12.97
CA THR E 317 -25.01 8.08 -11.74
C THR E 317 -26.41 7.51 -11.59
N GLY E 318 -27.02 7.78 -10.43
CA GLY E 318 -28.40 7.40 -10.21
C GLY E 318 -28.68 5.93 -10.43
N PHE E 319 -27.79 5.06 -9.97
CA PHE E 319 -27.97 3.62 -10.14
C PHE E 319 -28.90 3.12 -9.05
N ASN E 320 -30.11 2.71 -9.43
CA ASN E 320 -31.12 2.24 -8.49
C ASN E 320 -31.72 0.94 -9.00
N ILE E 321 -31.98 0.01 -8.08
CA ILE E 321 -32.64 -1.25 -8.38
C ILE E 321 -33.77 -1.44 -7.39
N TRP E 322 -34.95 -1.81 -7.87
CA TRP E 322 -36.11 -1.99 -7.04
C TRP E 322 -36.50 -3.47 -6.98
N ASP E 323 -37.24 -3.82 -5.94
CA ASP E 323 -37.73 -5.18 -5.76
C ASP E 323 -39.08 -5.41 -6.41
N SER E 324 -39.70 -4.38 -6.97
CA SER E 324 -40.98 -4.50 -7.64
C SER E 324 -40.96 -3.67 -8.91
N VAL E 325 -41.70 -4.13 -9.92
CA VAL E 325 -41.79 -3.40 -11.18
C VAL E 325 -42.43 -2.04 -10.91
N LEU E 326 -41.70 -0.98 -11.21
CA LEU E 326 -42.19 0.37 -10.97
C LEU E 326 -43.38 0.69 -11.88
N SER E 327 -44.25 1.57 -11.40
CA SER E 327 -45.35 2.04 -12.22
C SER E 327 -44.85 3.04 -13.26
N ASN E 328 -45.69 3.30 -14.26
CA ASN E 328 -45.30 4.20 -15.34
C ASN E 328 -45.01 5.59 -14.81
N GLU E 329 -45.86 6.11 -13.93
CA GLU E 329 -45.63 7.43 -13.36
C GLU E 329 -44.35 7.44 -12.53
N GLU E 330 -44.11 6.37 -11.76
CA GLU E 330 -42.87 6.29 -11.00
C GLU E 330 -41.66 6.24 -11.92
N ILE E 331 -41.76 5.51 -13.04
CA ILE E 331 -40.66 5.47 -14.00
C ILE E 331 -40.39 6.86 -14.54
N ARG E 332 -41.44 7.60 -14.90
CA ARG E 332 -41.24 8.96 -15.40
CA ARG E 332 -41.24 8.96 -15.40
C ARG E 332 -40.61 9.85 -14.33
N GLU E 333 -41.08 9.75 -13.09
CA GLU E 333 -40.57 10.59 -12.02
C GLU E 333 -39.13 10.26 -11.66
N THR E 334 -38.69 9.02 -11.85
CA THR E 334 -37.33 8.66 -11.50
C THR E 334 -36.31 9.42 -12.35
N GLY E 335 -36.68 9.79 -13.58
CA GLY E 335 -35.77 10.49 -14.47
C GLY E 335 -36.15 11.93 -14.69
N GLY E 336 -36.58 12.62 -13.63
CA GLY E 336 -37.01 13.99 -13.72
C GLY E 336 -35.87 14.97 -13.52
N ALA E 337 -36.22 16.16 -13.02
CA ALA E 337 -35.24 17.22 -12.80
C ALA E 337 -34.70 17.16 -11.37
N GLU E 338 -35.57 17.28 -10.37
CA GLU E 338 -35.20 17.09 -8.98
C GLU E 338 -35.54 15.66 -8.54
N SER E 339 -34.96 14.69 -9.24
CA SER E 339 -35.33 13.29 -9.07
C SER E 339 -34.19 12.43 -8.51
N CYS E 340 -33.11 13.04 -8.02
CA CYS E 340 -32.05 12.25 -7.38
C CYS E 340 -32.28 12.14 -5.88
N HIS E 341 -33.50 11.75 -5.53
CA HIS E 341 -33.81 11.36 -4.17
C HIS E 341 -34.77 10.18 -4.11
N ILE E 342 -35.14 9.61 -5.25
CA ILE E 342 -35.92 8.39 -5.33
C ILE E 342 -34.93 7.26 -5.60
N ARG E 343 -34.70 6.41 -4.59
CA ARG E 343 -33.72 5.36 -4.67
C ARG E 343 -34.38 4.03 -4.35
N GLY E 344 -33.85 2.96 -4.95
CA GLY E 344 -34.43 1.66 -4.77
C GLY E 344 -34.08 1.05 -3.43
N ASN E 345 -34.88 0.05 -3.04
CA ASN E 345 -34.67 -0.60 -1.76
C ASN E 345 -33.46 -1.54 -1.80
N ILE E 346 -33.24 -2.21 -2.93
CA ILE E 346 -32.12 -3.13 -3.03
C ILE E 346 -30.82 -2.37 -3.22
N VAL E 347 -30.71 -1.61 -4.31
CA VAL E 347 -29.55 -0.78 -4.59
C VAL E 347 -30.04 0.65 -4.72
N GLY E 348 -29.48 1.55 -3.91
CA GLY E 348 -29.86 2.94 -3.96
C GLY E 348 -28.66 3.86 -4.09
N TRP E 349 -28.68 4.74 -5.10
CA TRP E 349 -27.57 5.65 -5.31
C TRP E 349 -27.39 6.54 -4.09
N GLY E 350 -26.15 6.63 -3.61
CA GLY E 350 -25.86 7.40 -2.42
C GLY E 350 -26.14 6.68 -1.12
N VAL E 351 -26.65 5.45 -1.18
CA VAL E 351 -26.92 4.63 0.00
C VAL E 351 -26.18 3.30 -0.07
N THR E 352 -26.26 2.64 -1.22
CA THR E 352 -25.59 1.36 -1.40
C THR E 352 -24.08 1.56 -1.52
N GLU E 353 -23.34 0.50 -1.21
CA GLU E 353 -21.88 0.55 -1.17
C GLU E 353 -21.36 0.29 -2.58
N ILE E 354 -20.90 1.35 -3.25
CA ILE E 354 -20.34 1.27 -4.59
C ILE E 354 -18.87 1.66 -4.50
N GLN E 355 -17.99 0.72 -4.86
CA GLN E 355 -16.55 0.95 -4.81
C GLN E 355 -15.97 0.92 -6.22
N PRO E 356 -15.55 2.05 -6.78
CA PRO E 356 -14.86 2.01 -8.06
C PRO E 356 -13.49 1.37 -7.94
N HIS E 357 -13.02 0.78 -9.05
CA HIS E 357 -11.74 0.10 -9.08
C HIS E 357 -11.14 0.21 -10.47
N GLY E 358 -9.81 0.28 -10.51
CA GLY E 358 -9.07 0.24 -11.76
C GLY E 358 -8.82 1.58 -12.41
N GLY E 359 -9.38 2.66 -11.87
CA GLY E 359 -9.23 3.96 -12.50
C GLY E 359 -10.51 4.78 -12.41
N ALA E 360 -11.63 4.09 -12.18
CA ALA E 360 -12.88 4.79 -11.93
C ALA E 360 -12.80 5.56 -10.62
N GLN E 361 -13.46 6.72 -10.58
CA GLN E 361 -13.38 7.58 -9.42
C GLN E 361 -14.68 8.34 -9.26
N TYR E 362 -14.93 8.79 -8.03
CA TYR E 362 -16.12 9.58 -7.72
C TYR E 362 -15.88 11.02 -8.15
N VAL E 363 -16.61 11.46 -9.17
CA VAL E 363 -16.56 12.85 -9.61
C VAL E 363 -17.69 13.61 -8.93
N SER E 364 -17.40 14.19 -7.77
CA SER E 364 -18.41 14.92 -7.01
C SER E 364 -18.84 16.17 -7.77
N ALA F 134 31.82 -47.97 26.72
CA ALA F 134 32.40 -46.63 26.70
C ALA F 134 31.74 -45.79 25.61
N VAL F 135 31.98 -46.17 24.35
CA VAL F 135 31.39 -45.44 23.23
C VAL F 135 29.87 -45.57 23.25
N LEU F 136 29.35 -46.73 23.65
CA LEU F 136 27.92 -46.93 23.69
C LEU F 136 27.25 -45.97 24.67
N GLU F 137 27.84 -45.80 25.85
CA GLU F 137 27.25 -44.92 26.85
C GLU F 137 27.16 -43.49 26.31
N GLU F 138 28.25 -42.97 25.74
CA GLU F 138 28.22 -41.62 25.18
C GLU F 138 27.25 -41.54 24.02
N LEU F 139 27.14 -42.60 23.23
CA LEU F 139 26.17 -42.62 22.14
C LEU F 139 24.75 -42.48 22.67
N ARG F 140 24.48 -43.02 23.86
CA ARG F 140 23.15 -42.84 24.45
C ARG F 140 22.80 -41.35 24.54
N GLN F 141 23.68 -40.55 25.16
CA GLN F 141 23.40 -39.13 25.29
C GLN F 141 23.48 -38.38 23.96
N THR F 142 24.32 -38.84 23.03
CA THR F 142 24.33 -38.21 21.71
C THR F 142 22.97 -38.37 21.03
N ARG F 143 22.39 -39.57 21.09
CA ARG F 143 21.05 -39.79 20.55
C ARG F 143 20.01 -38.98 21.31
N ALA F 144 20.12 -38.92 22.63
CA ALA F 144 19.18 -38.11 23.41
C ALA F 144 19.22 -36.66 22.95
N ASP F 145 20.42 -36.14 22.70
CA ASP F 145 20.56 -34.78 22.20
C ASP F 145 19.95 -34.62 20.82
N LEU F 146 20.30 -35.54 19.91
CA LEU F 146 19.78 -35.45 18.54
C LEU F 146 18.26 -35.58 18.50
N HIS F 147 17.65 -36.14 19.54
CA HIS F 147 16.20 -36.19 19.61
C HIS F 147 15.58 -34.80 19.51
N ALA F 148 16.26 -33.79 20.04
CA ALA F 148 15.72 -32.43 19.99
C ALA F 148 15.57 -31.95 18.55
N VAL F 149 16.57 -32.21 17.71
CA VAL F 149 16.48 -31.80 16.31
C VAL F 149 15.69 -32.78 15.46
N GLN F 150 15.49 -34.01 15.94
CA GLN F 150 14.70 -34.98 15.20
C GLN F 150 13.37 -34.40 14.75
N GLY F 151 12.52 -34.01 15.72
CA GLY F 151 11.21 -33.48 15.38
C GLY F 151 11.27 -32.15 14.64
N TRP F 152 12.23 -31.30 15.00
CA TRP F 152 12.32 -30.01 14.34
C TRP F 152 12.64 -30.16 12.86
N ALA F 153 13.48 -31.12 12.51
CA ALA F 153 13.75 -31.39 11.10
C ALA F 153 12.61 -32.15 10.43
N ALA F 154 11.92 -33.02 11.18
CA ALA F 154 10.85 -33.80 10.58
C ALA F 154 9.64 -32.93 10.25
N ARG F 155 9.37 -31.92 11.07
CA ARG F 155 8.15 -31.13 10.87
C ARG F 155 8.23 -30.26 9.62
N SER F 156 9.41 -29.77 9.28
CA SER F 156 9.59 -28.91 8.12
C SER F 156 10.11 -29.67 6.90
N TRP F 157 10.08 -31.01 6.95
CA TRP F 157 10.52 -31.80 5.81
C TRP F 157 9.58 -31.60 4.63
N LEU F 158 10.15 -31.58 3.43
CA LEU F 158 9.39 -31.41 2.21
C LEU F 158 9.56 -32.64 1.31
N PRO F 159 8.54 -33.01 0.55
CA PRO F 159 8.59 -34.24 -0.22
C PRO F 159 9.40 -34.06 -1.50
N ALA F 160 9.71 -35.19 -2.12
CA ALA F 160 10.53 -35.17 -3.32
C ALA F 160 11.82 -34.41 -3.04
N GLY F 161 12.27 -33.58 -3.98
CA GLY F 161 13.42 -32.74 -3.74
C GLY F 161 13.05 -31.27 -3.70
N CYS F 162 11.77 -30.98 -3.48
CA CYS F 162 11.30 -29.59 -3.53
C CYS F 162 11.86 -28.82 -2.35
N GLU F 163 12.41 -27.64 -2.64
CA GLU F 163 12.95 -26.74 -1.64
C GLU F 163 12.01 -25.59 -1.28
N THR F 164 10.83 -25.55 -1.88
CA THR F 164 9.87 -24.48 -1.63
C THR F 164 8.46 -25.04 -1.71
N ALA F 165 7.56 -24.47 -0.92
CA ALA F 165 6.18 -24.90 -0.89
C ALA F 165 5.32 -23.74 -0.41
N ILE F 166 4.02 -23.84 -0.69
CA ILE F 166 3.05 -22.81 -0.31
C ILE F 166 2.30 -23.31 0.92
N LEU F 167 2.17 -22.45 1.93
CA LEU F 167 1.53 -22.78 3.18
C LEU F 167 0.22 -22.00 3.27
N PHE F 168 -0.88 -22.73 3.45
CA PHE F 168 -2.19 -22.13 3.72
C PHE F 168 -2.46 -22.28 5.21
N PRO F 169 -2.08 -21.31 6.04
CA PRO F 169 -2.17 -21.52 7.50
C PRO F 169 -3.59 -21.54 8.03
N MET F 170 -4.60 -21.26 7.21
CA MET F 170 -5.93 -21.01 7.73
C MET F 170 -6.93 -21.10 6.58
N ARG F 171 -8.16 -21.45 6.92
CA ARG F 171 -9.26 -21.48 5.95
C ARG F 171 -9.95 -20.13 6.00
N SER F 172 -9.50 -19.21 5.16
CA SER F 172 -10.05 -17.86 5.13
C SER F 172 -11.09 -17.75 4.03
N LYS F 173 -11.74 -16.59 3.97
CA LYS F 173 -12.63 -16.24 2.88
C LYS F 173 -11.89 -15.67 1.68
N LYS F 174 -10.56 -15.49 1.79
CA LYS F 174 -9.80 -14.84 0.74
C LYS F 174 -8.45 -15.52 0.48
N ILE F 175 -8.21 -16.70 1.04
CA ILE F 175 -6.93 -17.38 0.90
C ILE F 175 -7.00 -18.28 -0.33
N PHE F 176 -6.01 -18.16 -1.20
CA PHE F 176 -5.90 -19.02 -2.38
C PHE F 176 -4.54 -18.76 -3.02
N GLY F 177 -4.29 -19.39 -4.15
CA GLY F 177 -3.10 -19.07 -4.93
C GLY F 177 -3.38 -19.05 -6.42
N SER F 178 -3.12 -17.94 -7.09
CA SER F 178 -3.42 -17.82 -8.50
C SER F 178 -2.27 -18.39 -9.32
N VAL F 179 -2.59 -19.22 -10.31
CA VAL F 179 -1.60 -19.79 -11.21
C VAL F 179 -1.81 -19.18 -12.59
N HIS F 180 -0.72 -18.82 -13.26
CA HIS F 180 -0.76 -18.13 -14.55
C HIS F 180 0.06 -18.91 -15.56
N PRO F 181 -0.51 -19.97 -16.13
CA PRO F 181 0.24 -20.73 -17.14
C PRO F 181 0.55 -19.88 -18.36
N VAL F 182 1.79 -19.98 -18.83
CA VAL F 182 2.18 -19.27 -20.05
C VAL F 182 1.50 -19.91 -21.26
N ARG F 183 1.51 -21.24 -21.32
CA ARG F 183 0.86 -21.93 -22.42
C ARG F 183 -0.66 -21.94 -22.20
N PRO F 184 -1.46 -21.70 -23.24
CA PRO F 184 -2.91 -21.73 -23.05
C PRO F 184 -3.40 -23.09 -22.63
N MET F 185 -4.52 -23.10 -21.90
CA MET F 185 -5.11 -24.32 -21.38
C MET F 185 -5.96 -25.05 -22.41
N ARG F 186 -5.77 -24.78 -23.70
CA ARG F 186 -6.53 -25.46 -24.75
C ARG F 186 -6.00 -26.88 -24.87
N LEU F 187 -6.36 -27.70 -23.89
CA LEU F 187 -5.84 -29.06 -23.77
C LEU F 187 -6.97 -30.07 -23.83
N GLU F 188 -6.74 -31.17 -24.56
CA GLU F 188 -7.69 -32.26 -24.63
C GLU F 188 -7.34 -33.39 -23.66
N SER F 189 -6.05 -33.61 -23.44
CA SER F 189 -5.58 -34.61 -22.49
C SER F 189 -4.60 -33.96 -21.54
N PHE F 190 -4.71 -34.29 -20.25
CA PHE F 190 -3.84 -33.68 -19.26
C PHE F 190 -3.67 -34.64 -18.09
N SER F 191 -2.51 -34.56 -17.46
CA SER F 191 -2.20 -35.31 -16.25
C SER F 191 -1.63 -34.32 -15.23
N ALA F 192 -2.44 -33.95 -14.25
CA ALA F 192 -2.08 -32.94 -13.26
C ALA F 192 -1.71 -33.63 -11.96
N CYS F 193 -0.46 -33.45 -11.53
CA CYS F 193 0.03 -34.05 -10.30
C CYS F 193 0.16 -32.96 -9.23
N ILE F 194 0.23 -33.36 -7.97
CA ILE F 194 0.41 -32.40 -6.88
C ILE F 194 0.80 -33.09 -5.58
N TRP F 195 1.64 -32.44 -4.78
CA TRP F 195 1.97 -32.89 -3.45
C TRP F 195 1.19 -32.07 -2.44
N VAL F 196 0.44 -32.75 -1.56
CA VAL F 196 -0.48 -32.08 -0.65
C VAL F 196 -0.29 -32.65 0.76
N LYS F 197 -0.46 -31.76 1.75
CA LYS F 197 -0.47 -32.15 3.16
C LYS F 197 -1.57 -31.33 3.82
N ALA F 198 -2.72 -31.94 4.09
CA ALA F 198 -3.90 -31.22 4.52
C ALA F 198 -4.02 -31.29 6.05
N THR F 199 -4.08 -30.12 6.69
CA THR F 199 -4.25 -30.09 8.14
C THR F 199 -5.67 -30.46 8.53
N ASP F 200 -6.67 -29.94 7.82
CA ASP F 200 -8.06 -30.25 8.08
C ASP F 200 -8.81 -30.35 6.75
N VAL F 201 -9.57 -31.42 6.59
CA VAL F 201 -10.29 -31.70 5.36
C VAL F 201 -11.78 -31.73 5.68
N LEU F 202 -12.55 -30.92 4.96
CA LEU F 202 -13.98 -30.80 5.17
C LEU F 202 -14.74 -31.68 4.17
N ASN F 203 -16.05 -31.48 4.11
CA ASN F 203 -16.88 -32.12 3.10
C ASN F 203 -16.40 -31.82 1.68
N LYS F 204 -15.76 -30.66 1.47
CA LYS F 204 -15.33 -30.24 0.15
C LYS F 204 -14.17 -29.27 0.33
N THR F 205 -12.96 -29.73 0.04
CA THR F 205 -11.76 -28.89 0.16
C THR F 205 -11.00 -28.92 -1.16
N ILE F 206 -10.85 -27.76 -1.78
CA ILE F 206 -10.30 -27.66 -3.13
C ILE F 206 -8.78 -27.65 -3.05
N LEU F 207 -8.13 -28.59 -3.74
CA LEU F 207 -6.68 -28.52 -3.88
C LEU F 207 -6.30 -27.57 -5.01
N PHE F 208 -6.73 -27.88 -6.23
CA PHE F 208 -6.57 -26.99 -7.36
C PHE F 208 -7.83 -27.06 -8.21
N SER F 209 -8.08 -25.99 -8.96
CA SER F 209 -9.31 -25.88 -9.73
C SER F 209 -9.11 -24.91 -10.89
N TYR F 210 -9.49 -25.37 -12.09
CA TYR F 210 -9.51 -24.52 -13.28
C TYR F 210 -10.95 -24.31 -13.70
N GLY F 211 -11.34 -23.04 -13.87
CA GLY F 211 -12.71 -22.73 -14.21
C GLY F 211 -12.86 -21.53 -15.10
N THR F 212 -13.62 -21.67 -16.20
CA THR F 212 -13.88 -20.57 -17.11
C THR F 212 -15.10 -19.78 -16.64
N LYS F 213 -15.40 -18.70 -17.36
CA LYS F 213 -16.54 -17.87 -17.00
C LYS F 213 -17.85 -18.64 -17.09
N ARG F 214 -18.03 -19.41 -18.18
CA ARG F 214 -19.29 -20.10 -18.39
C ARG F 214 -19.44 -21.27 -17.42
N ASN F 215 -18.38 -22.07 -17.26
CA ASN F 215 -18.43 -23.29 -16.46
C ASN F 215 -17.26 -23.24 -15.48
N PRO F 216 -17.49 -23.02 -14.18
CA PRO F 216 -16.38 -22.93 -13.23
C PRO F 216 -15.78 -24.27 -12.83
N TYR F 217 -16.32 -25.39 -13.30
CA TYR F 217 -15.89 -26.72 -12.87
C TYR F 217 -15.17 -27.47 -13.99
N GLU F 218 -14.34 -26.77 -14.75
CA GLU F 218 -13.63 -27.41 -15.85
C GLU F 218 -12.73 -28.51 -15.31
N ILE F 219 -11.73 -28.14 -14.52
CA ILE F 219 -10.86 -29.08 -13.82
C ILE F 219 -10.89 -28.72 -12.34
N GLN F 220 -11.09 -29.71 -11.49
CA GLN F 220 -11.19 -29.44 -10.05
C GLN F 220 -10.83 -30.71 -9.29
N LEU F 221 -9.68 -30.72 -8.64
CA LEU F 221 -9.30 -31.79 -7.73
C LEU F 221 -9.59 -31.32 -6.31
N TYR F 222 -10.34 -32.13 -5.56
CA TYR F 222 -10.67 -31.74 -4.20
C TYR F 222 -10.74 -32.98 -3.33
N LEU F 223 -10.98 -32.75 -2.04
CA LEU F 223 -10.98 -33.79 -1.02
C LEU F 223 -12.30 -33.74 -0.28
N SER F 224 -12.94 -34.90 -0.15
CA SER F 224 -14.09 -35.05 0.72
C SER F 224 -13.58 -35.38 2.13
N TYR F 225 -14.48 -35.81 3.02
CA TYR F 225 -14.07 -36.10 4.38
C TYR F 225 -12.88 -37.06 4.40
N GLN F 226 -12.94 -38.12 3.60
CA GLN F 226 -11.88 -39.10 3.54
C GLN F 226 -11.48 -39.50 2.12
N SER F 227 -12.23 -39.12 1.11
CA SER F 227 -11.97 -39.53 -0.26
C SER F 227 -11.42 -38.37 -1.08
N ILE F 228 -10.93 -38.71 -2.27
CA ILE F 228 -10.38 -37.75 -3.22
C ILE F 228 -11.26 -37.75 -4.46
N VAL F 229 -11.62 -36.56 -4.93
CA VAL F 229 -12.56 -36.41 -6.03
C VAL F 229 -11.89 -35.61 -7.13
N PHE F 230 -12.03 -36.09 -8.37
CA PHE F 230 -11.49 -35.45 -9.56
C PHE F 230 -12.65 -35.10 -10.48
N VAL F 231 -12.81 -33.82 -10.79
CA VAL F 231 -13.90 -33.32 -11.61
C VAL F 231 -13.30 -32.75 -12.89
N VAL F 232 -13.80 -33.23 -14.03
CA VAL F 232 -13.36 -32.75 -15.34
C VAL F 232 -14.59 -32.47 -16.19
N GLY F 233 -14.60 -31.32 -16.86
CA GLY F 233 -15.70 -30.96 -17.72
C GLY F 233 -16.86 -30.31 -16.98
N GLY F 234 -17.59 -31.10 -16.21
CA GLY F 234 -18.73 -30.59 -15.47
C GLY F 234 -18.77 -31.16 -14.07
N GLU F 235 -19.51 -30.47 -13.20
CA GLU F 235 -19.58 -30.90 -11.81
C GLU F 235 -20.21 -32.28 -11.67
N GLU F 236 -21.03 -32.68 -12.63
CA GLU F 236 -21.66 -34.00 -12.56
C GLU F 236 -20.68 -35.12 -12.90
N ASN F 237 -19.68 -34.84 -13.73
CA ASN F 237 -18.70 -35.85 -14.13
C ASN F 237 -17.55 -35.82 -13.12
N LYS F 238 -17.56 -36.76 -12.18
CA LYS F 238 -16.53 -36.83 -11.16
C LYS F 238 -16.10 -38.28 -10.95
N LEU F 239 -14.85 -38.45 -10.54
CA LEU F 239 -14.30 -39.75 -10.17
C LEU F 239 -13.87 -39.68 -8.70
N VAL F 240 -14.28 -40.67 -7.92
CA VAL F 240 -14.06 -40.67 -6.48
C VAL F 240 -13.22 -41.87 -6.11
N ALA F 241 -12.18 -41.63 -5.32
CA ALA F 241 -11.33 -42.68 -4.76
C ALA F 241 -11.42 -42.61 -3.24
N GLU F 242 -11.85 -43.70 -2.61
CA GLU F 242 -12.27 -43.68 -1.22
C GLU F 242 -11.10 -43.95 -0.27
N ALA F 243 -10.90 -43.05 0.70
CA ALA F 243 -10.16 -43.31 1.93
C ALA F 243 -8.72 -43.78 1.64
N MET F 244 -7.96 -42.89 1.01
CA MET F 244 -6.51 -43.06 0.94
C MET F 244 -5.77 -41.73 1.08
N VAL F 245 -6.32 -40.79 1.86
CA VAL F 245 -5.66 -39.52 2.14
C VAL F 245 -5.55 -39.37 3.65
N SER F 246 -4.34 -39.12 4.13
CA SER F 246 -4.08 -38.83 5.53
C SER F 246 -3.85 -37.34 5.71
N LEU F 247 -4.11 -36.86 6.93
CA LEU F 247 -4.10 -35.42 7.16
C LEU F 247 -2.68 -34.86 7.20
N GLY F 248 -1.88 -35.29 8.16
CA GLY F 248 -0.59 -34.65 8.39
C GLY F 248 0.56 -35.24 7.60
N ARG F 249 0.27 -36.02 6.56
CA ARG F 249 1.28 -36.68 5.76
CA ARG F 249 1.28 -36.68 5.76
C ARG F 249 1.19 -36.25 4.31
N TRP F 250 2.35 -36.03 3.69
CA TRP F 250 2.38 -35.67 2.28
C TRP F 250 1.91 -36.85 1.44
N THR F 251 1.11 -36.54 0.42
CA THR F 251 0.63 -37.55 -0.52
C THR F 251 0.69 -36.97 -1.93
N HIS F 252 1.12 -37.81 -2.88
CA HIS F 252 1.26 -37.39 -4.27
C HIS F 252 -0.01 -37.75 -5.01
N LEU F 253 -1.01 -36.88 -4.91
CA LEU F 253 -2.26 -37.06 -5.62
C LEU F 253 -2.08 -36.57 -7.05
N CYS F 254 -2.41 -37.42 -8.01
CA CYS F 254 -2.27 -37.01 -9.39
C CYS F 254 -3.41 -37.59 -10.20
N GLY F 255 -3.93 -36.80 -11.13
CA GLY F 255 -5.11 -37.18 -11.90
C GLY F 255 -4.89 -37.03 -13.38
N THR F 256 -5.20 -38.09 -14.12
CA THR F 256 -5.00 -38.15 -15.56
C THR F 256 -6.35 -38.23 -16.26
N TRP F 257 -6.42 -37.65 -17.46
CA TRP F 257 -7.66 -37.66 -18.23
C TRP F 257 -7.35 -37.39 -19.69
N ASN F 258 -7.93 -38.20 -20.58
CA ASN F 258 -7.84 -38.00 -22.02
C ASN F 258 -9.23 -37.97 -22.61
N SER F 259 -9.44 -37.05 -23.56
CA SER F 259 -10.77 -36.80 -24.10
C SER F 259 -11.20 -37.80 -25.17
N GLU F 260 -10.31 -38.71 -25.59
CA GLU F 260 -10.68 -39.65 -26.63
C GLU F 260 -11.86 -40.51 -26.21
N GLU F 261 -11.83 -41.03 -24.98
CA GLU F 261 -12.95 -41.78 -24.44
C GLU F 261 -13.21 -41.46 -22.97
N GLY F 262 -12.68 -40.36 -22.45
CA GLY F 262 -12.91 -40.02 -21.06
C GLY F 262 -12.25 -40.95 -20.07
N LEU F 263 -11.18 -41.63 -20.47
CA LEU F 263 -10.49 -42.55 -19.57
C LEU F 263 -9.73 -41.77 -18.51
N THR F 264 -10.35 -41.58 -17.35
CA THR F 264 -9.77 -40.79 -16.27
C THR F 264 -9.26 -41.71 -15.17
N SER F 265 -8.19 -41.28 -14.50
CA SER F 265 -7.57 -42.07 -13.45
C SER F 265 -7.07 -41.15 -12.34
N LEU F 266 -7.02 -41.69 -11.12
CA LEU F 266 -6.38 -41.03 -9.99
C LEU F 266 -5.34 -41.98 -9.42
N TRP F 267 -4.09 -41.52 -9.35
CA TRP F 267 -3.00 -42.22 -8.70
C TRP F 267 -2.66 -41.51 -7.41
N VAL F 268 -2.56 -42.27 -6.32
CA VAL F 268 -2.18 -41.73 -5.02
C VAL F 268 -0.86 -42.39 -4.62
N ASN F 269 0.16 -41.57 -4.41
CA ASN F 269 1.49 -42.03 -4.00
C ASN F 269 2.12 -42.96 -5.03
N GLY F 270 1.66 -42.93 -6.27
CA GLY F 270 2.26 -43.67 -7.35
C GLY F 270 1.50 -44.92 -7.77
N GLU F 271 0.61 -45.43 -6.95
CA GLU F 271 -0.18 -46.60 -7.28
C GLU F 271 -1.62 -46.20 -7.58
N LEU F 272 -2.23 -46.89 -8.54
CA LEU F 272 -3.57 -46.55 -8.99
C LEU F 272 -4.52 -46.51 -7.82
N ALA F 273 -5.26 -45.41 -7.70
CA ALA F 273 -6.29 -45.27 -6.68
C ALA F 273 -7.68 -45.47 -7.24
N ALA F 274 -7.95 -44.93 -8.42
CA ALA F 274 -9.27 -45.12 -9.03
C ALA F 274 -9.17 -44.88 -10.52
N THR F 275 -10.19 -45.34 -11.24
CA THR F 275 -10.23 -45.18 -12.70
C THR F 275 -11.65 -45.35 -13.19
N THR F 276 -12.00 -44.58 -14.23
CA THR F 276 -13.28 -44.72 -14.90
C THR F 276 -13.12 -44.39 -16.37
N VAL F 277 -14.12 -44.73 -17.16
CA VAL F 277 -14.10 -44.52 -18.61
C VAL F 277 -15.41 -43.86 -19.02
N GLU F 278 -15.35 -43.14 -20.15
CA GLU F 278 -16.50 -42.40 -20.68
C GLU F 278 -17.11 -41.51 -19.60
N MET F 279 -16.31 -40.55 -19.13
CA MET F 279 -16.79 -39.47 -18.29
C MET F 279 -16.23 -38.17 -18.83
N ALA F 280 -17.11 -37.23 -19.16
CA ALA F 280 -16.72 -36.00 -19.84
C ALA F 280 -16.06 -36.30 -21.17
N THR F 281 -16.43 -37.40 -21.81
CA THR F 281 -15.83 -37.79 -23.07
C THR F 281 -16.16 -36.77 -24.17
N GLY F 282 -15.24 -36.63 -25.11
CA GLY F 282 -15.43 -35.67 -26.19
C GLY F 282 -15.60 -34.25 -25.69
N HIS F 283 -14.85 -33.87 -24.67
CA HIS F 283 -14.92 -32.54 -24.08
C HIS F 283 -13.55 -31.88 -24.17
N ILE F 284 -13.57 -30.56 -24.36
CA ILE F 284 -12.35 -29.76 -24.46
C ILE F 284 -12.46 -28.61 -23.48
N VAL F 285 -11.52 -28.52 -22.55
CA VAL F 285 -11.49 -27.40 -21.60
C VAL F 285 -10.99 -26.17 -22.36
N PRO F 286 -11.75 -25.08 -22.42
CA PRO F 286 -11.34 -23.94 -23.24
C PRO F 286 -10.33 -23.07 -22.52
N GLU F 287 -9.96 -21.98 -23.17
CA GLU F 287 -8.95 -21.05 -22.67
C GLU F 287 -9.63 -19.93 -21.88
N GLY F 288 -8.81 -19.03 -21.34
CA GLY F 288 -9.32 -17.89 -20.61
C GLY F 288 -9.79 -18.19 -19.20
N GLY F 289 -9.79 -19.46 -18.80
CA GLY F 289 -10.22 -19.80 -17.46
C GLY F 289 -9.19 -19.46 -16.41
N ILE F 290 -9.66 -19.33 -15.19
CA ILE F 290 -8.82 -18.99 -14.04
C ILE F 290 -8.46 -20.28 -13.32
N LEU F 291 -7.16 -20.47 -13.05
CA LEU F 291 -6.68 -21.65 -12.36
C LEU F 291 -6.11 -21.22 -11.01
N GLN F 292 -6.58 -21.87 -9.95
CA GLN F 292 -6.17 -21.54 -8.59
C GLN F 292 -5.82 -22.81 -7.85
N ILE F 293 -5.07 -22.63 -6.76
CA ILE F 293 -4.73 -23.70 -5.84
C ILE F 293 -5.29 -23.33 -4.48
N GLY F 294 -6.03 -24.26 -3.87
CA GLY F 294 -6.61 -24.05 -2.57
C GLY F 294 -7.99 -23.43 -2.56
N GLN F 295 -8.54 -23.07 -3.72
CA GLN F 295 -9.87 -22.47 -3.79
C GLN F 295 -10.46 -22.74 -5.17
N GLU F 296 -11.72 -22.34 -5.33
CA GLU F 296 -12.43 -22.44 -6.60
C GLU F 296 -12.72 -21.04 -7.13
N LYS F 297 -13.12 -20.99 -8.41
CA LYS F 297 -13.32 -19.73 -9.10
C LYS F 297 -14.51 -19.00 -8.51
N ASN F 298 -14.25 -17.96 -7.72
CA ASN F 298 -15.30 -17.11 -7.20
C ASN F 298 -14.95 -15.64 -7.39
N GLY F 299 -13.67 -15.33 -7.46
CA GLY F 299 -13.24 -13.94 -7.62
C GLY F 299 -13.04 -13.24 -6.29
N CYS F 300 -12.17 -12.24 -6.30
CA CYS F 300 -11.82 -11.48 -5.10
C CYS F 300 -11.84 -9.99 -5.40
N CYS F 301 -12.88 -9.52 -6.06
CA CYS F 301 -13.10 -8.10 -6.30
C CYS F 301 -13.96 -7.46 -5.23
N VAL F 302 -14.31 -8.21 -4.18
CA VAL F 302 -15.05 -7.69 -3.04
C VAL F 302 -14.25 -7.76 -1.74
N GLY F 303 -12.96 -8.10 -1.80
CA GLY F 303 -12.16 -8.29 -0.61
C GLY F 303 -12.22 -9.73 -0.13
N GLY F 304 -12.29 -10.66 -1.08
CA GLY F 304 -12.45 -12.06 -0.76
C GLY F 304 -13.65 -12.66 -1.46
N GLY F 305 -14.65 -13.07 -0.68
CA GLY F 305 -15.86 -13.65 -1.23
C GLY F 305 -15.81 -15.14 -1.43
N PHE F 306 -14.62 -15.74 -1.42
CA PHE F 306 -14.52 -17.18 -1.55
C PHE F 306 -15.24 -17.86 -0.38
N ASP F 307 -15.83 -19.02 -0.66
CA ASP F 307 -16.47 -19.78 0.41
C ASP F 307 -15.40 -20.34 1.34
N GLU F 308 -15.54 -20.08 2.63
CA GLU F 308 -14.55 -20.53 3.60
C GLU F 308 -14.47 -22.06 3.63
N THR F 309 -15.61 -22.73 3.61
CA THR F 309 -15.62 -24.18 3.69
C THR F 309 -14.87 -24.81 2.51
N LEU F 310 -14.89 -24.15 1.36
CA LEU F 310 -14.18 -24.67 0.18
C LEU F 310 -12.68 -24.51 0.30
N ALA F 311 -12.20 -23.60 1.14
CA ALA F 311 -10.78 -23.29 1.17
C ALA F 311 -9.96 -24.53 1.54
N PHE F 312 -8.65 -24.40 1.36
CA PHE F 312 -7.69 -25.44 1.73
C PHE F 312 -6.72 -24.86 2.76
N SER F 313 -6.49 -25.62 3.83
CA SER F 313 -5.55 -25.23 4.87
C SER F 313 -4.54 -26.35 5.03
N GLY F 314 -3.27 -26.04 4.75
CA GLY F 314 -2.22 -27.05 4.83
C GLY F 314 -0.98 -26.63 4.08
N ARG F 315 -0.39 -27.55 3.32
CA ARG F 315 0.80 -27.26 2.54
C ARG F 315 0.67 -27.89 1.16
N LEU F 316 1.14 -27.17 0.15
CA LEU F 316 1.10 -27.64 -1.23
C LEU F 316 2.47 -27.45 -1.86
N THR F 317 2.85 -28.39 -2.71
CA THR F 317 4.12 -28.30 -3.43
C THR F 317 4.03 -29.17 -4.68
N GLY F 318 4.97 -28.96 -5.59
CA GLY F 318 5.05 -29.80 -6.77
C GLY F 318 3.80 -29.83 -7.61
N PHE F 319 3.20 -28.67 -7.86
CA PHE F 319 2.00 -28.59 -8.69
C PHE F 319 2.42 -28.56 -10.16
N ASN F 320 2.11 -29.64 -10.88
CA ASN F 320 2.46 -29.78 -12.29
C ASN F 320 1.25 -30.21 -13.09
N ILE F 321 1.11 -29.65 -14.28
CA ILE F 321 0.06 -30.04 -15.23
C ILE F 321 0.72 -30.31 -16.58
N TRP F 322 0.38 -31.44 -17.19
CA TRP F 322 0.94 -31.84 -18.46
C TRP F 322 -0.11 -31.74 -19.55
N ASP F 323 0.37 -31.65 -20.79
CA ASP F 323 -0.49 -31.59 -21.97
C ASP F 323 -0.79 -32.97 -22.54
N SER F 324 -0.22 -34.03 -21.97
CA SER F 324 -0.44 -35.38 -22.45
C SER F 324 -0.59 -36.32 -21.26
N VAL F 325 -1.25 -37.45 -21.51
CA VAL F 325 -1.42 -38.46 -20.47
C VAL F 325 -0.05 -39.07 -20.16
N LEU F 326 0.41 -38.89 -18.92
CA LEU F 326 1.68 -39.44 -18.51
C LEU F 326 1.62 -40.96 -18.51
N SER F 327 2.75 -41.59 -18.85
CA SER F 327 2.85 -43.03 -18.79
C SER F 327 2.96 -43.50 -17.34
N ASN F 328 2.70 -44.79 -17.13
CA ASN F 328 2.67 -45.33 -15.78
C ASN F 328 4.00 -45.09 -15.05
N GLU F 329 5.11 -45.37 -15.73
CA GLU F 329 6.42 -45.14 -15.13
C GLU F 329 6.64 -43.65 -14.85
N GLU F 330 6.16 -42.80 -15.76
CA GLU F 330 6.30 -41.36 -15.54
C GLU F 330 5.54 -40.92 -14.29
N ILE F 331 4.31 -41.42 -14.12
CA ILE F 331 3.55 -41.07 -12.92
C ILE F 331 4.25 -41.60 -11.67
N ARG F 332 4.80 -42.81 -11.75
CA ARG F 332 5.51 -43.37 -10.61
CA ARG F 332 5.51 -43.37 -10.61
C ARG F 332 6.71 -42.52 -10.23
N GLU F 333 7.48 -42.08 -11.23
CA GLU F 333 8.69 -41.30 -10.98
C GLU F 333 8.41 -39.83 -10.71
N THR F 334 7.18 -39.36 -10.93
CA THR F 334 6.86 -37.98 -10.58
C THR F 334 6.79 -37.79 -9.07
N GLY F 335 6.41 -38.83 -8.33
CA GLY F 335 6.30 -38.74 -6.89
C GLY F 335 7.33 -39.57 -6.16
N GLY F 336 8.56 -39.55 -6.66
CA GLY F 336 9.66 -40.30 -6.06
C GLY F 336 10.37 -39.53 -4.97
N ALA F 337 11.65 -39.86 -4.77
CA ALA F 337 12.45 -39.21 -3.75
C ALA F 337 13.15 -37.96 -4.30
N GLU F 338 14.00 -38.14 -5.31
CA GLU F 338 14.60 -37.01 -6.02
C GLU F 338 13.82 -36.77 -7.31
N SER F 339 12.55 -36.39 -7.14
CA SER F 339 11.61 -36.26 -8.24
C SER F 339 11.06 -34.85 -8.40
N CYS F 340 11.56 -33.87 -7.66
CA CYS F 340 11.07 -32.50 -7.79
C CYS F 340 11.89 -31.73 -8.83
N HIS F 341 12.07 -32.35 -9.99
CA HIS F 341 12.64 -31.68 -11.15
C HIS F 341 11.94 -32.09 -12.44
N ILE F 342 10.90 -32.93 -12.35
CA ILE F 342 10.07 -33.27 -13.49
C ILE F 342 8.83 -32.39 -13.40
N ARG F 343 8.71 -31.42 -14.31
CA ARG F 343 7.66 -30.42 -14.27
C ARG F 343 6.91 -30.42 -15.60
N GLY F 344 5.63 -30.11 -15.54
CA GLY F 344 4.81 -30.13 -16.73
C GLY F 344 5.09 -28.94 -17.64
N ASN F 345 4.68 -29.10 -18.90
CA ASN F 345 4.90 -28.04 -19.87
C ASN F 345 3.91 -26.90 -19.67
N ILE F 346 2.68 -27.21 -19.27
CA ILE F 346 1.67 -26.17 -19.07
C ILE F 346 1.92 -25.42 -17.77
N VAL F 347 1.86 -26.14 -16.64
CA VAL F 347 2.14 -25.58 -15.33
C VAL F 347 3.28 -26.37 -14.72
N GLY F 348 4.35 -25.68 -14.34
CA GLY F 348 5.51 -26.33 -13.75
C GLY F 348 5.91 -25.71 -12.43
N TRP F 349 5.99 -26.52 -11.38
CA TRP F 349 6.37 -25.99 -10.08
C TRP F 349 7.76 -25.37 -10.13
N GLY F 350 7.87 -24.16 -9.61
CA GLY F 350 9.13 -23.43 -9.65
C GLY F 350 9.42 -22.74 -10.97
N VAL F 351 8.51 -22.82 -11.93
CA VAL F 351 8.65 -22.17 -13.23
C VAL F 351 7.49 -21.24 -13.51
N THR F 352 6.26 -21.70 -13.28
CA THR F 352 5.08 -20.91 -13.57
C THR F 352 4.81 -19.90 -12.46
N GLU F 353 4.10 -18.83 -12.82
CA GLU F 353 3.74 -17.78 -11.88
C GLU F 353 2.62 -18.30 -10.98
N ILE F 354 2.98 -18.73 -9.78
CA ILE F 354 2.02 -19.08 -8.74
C ILE F 354 2.18 -18.04 -7.65
N GLN F 355 1.21 -17.14 -7.51
CA GLN F 355 1.26 -16.10 -6.49
C GLN F 355 0.19 -16.36 -5.45
N PRO F 356 0.54 -16.58 -4.18
CA PRO F 356 -0.48 -16.74 -3.16
C PRO F 356 -1.13 -15.42 -2.78
N HIS F 357 -2.33 -15.52 -2.20
CA HIS F 357 -3.09 -14.36 -1.77
C HIS F 357 -3.92 -14.73 -0.55
N GLY F 358 -4.17 -13.73 0.30
CA GLY F 358 -5.07 -13.87 1.42
C GLY F 358 -4.43 -14.36 2.70
N GLY F 359 -3.16 -14.76 2.68
CA GLY F 359 -2.52 -15.29 3.86
C GLY F 359 -1.61 -16.45 3.54
N ALA F 360 -1.79 -17.05 2.36
CA ALA F 360 -0.88 -18.07 1.91
C ALA F 360 0.49 -17.48 1.62
N GLN F 361 1.53 -18.28 1.85
CA GLN F 361 2.89 -17.79 1.72
C GLN F 361 3.81 -18.93 1.33
N TYR F 362 4.96 -18.58 0.76
CA TYR F 362 6.00 -19.55 0.43
C TYR F 362 6.80 -19.88 1.69
N VAL F 363 6.70 -21.12 2.15
CA VAL F 363 7.55 -21.62 3.22
C VAL F 363 8.76 -22.30 2.59
N SER F 364 9.79 -21.53 2.31
CA SER F 364 10.99 -22.06 1.68
C SER F 364 11.65 -23.10 2.58
N ALA G 134 -31.04 53.51 -14.12
CA ALA G 134 -31.57 52.62 -13.08
C ALA G 134 -31.01 51.21 -13.26
N VAL G 135 -31.44 50.54 -14.33
CA VAL G 135 -30.97 49.19 -14.60
C VAL G 135 -29.46 49.19 -14.84
N LEU G 136 -28.95 50.23 -15.51
CA LEU G 136 -27.52 50.31 -15.80
C LEU G 136 -26.71 50.39 -14.51
N GLU G 137 -27.15 51.19 -13.55
CA GLU G 137 -26.42 51.32 -12.29
C GLU G 137 -26.30 49.97 -11.60
N GLU G 138 -27.42 49.28 -11.40
CA GLU G 138 -27.38 47.97 -10.76
C GLU G 138 -26.58 46.97 -11.58
N LEU G 139 -26.60 47.11 -12.91
CA LEU G 139 -25.80 46.23 -13.76
C LEU G 139 -24.32 46.44 -13.48
N ARG G 140 -23.92 47.66 -13.11
CA ARG G 140 -22.53 47.88 -12.71
C ARG G 140 -22.15 46.95 -11.56
N GLN G 141 -22.95 46.91 -10.50
CA GLN G 141 -22.62 46.04 -9.38
C GLN G 141 -22.78 44.57 -9.74
N THR G 142 -23.70 44.24 -10.66
CA THR G 142 -23.79 42.84 -11.10
C THR G 142 -22.51 42.42 -11.79
N ARG G 143 -21.95 43.27 -12.65
CA ARG G 143 -20.68 42.97 -13.29
C ARG G 143 -19.55 42.89 -12.27
N ALA G 144 -19.54 43.80 -11.29
CA ALA G 144 -18.54 43.72 -10.24
C ALA G 144 -18.61 42.39 -9.51
N ASP G 145 -19.82 41.92 -9.22
CA ASP G 145 -20.00 40.61 -8.60
C ASP G 145 -19.46 39.51 -9.49
N LEU G 146 -19.86 39.50 -10.77
CA LEU G 146 -19.42 38.46 -11.68
C LEU G 146 -17.91 38.47 -11.89
N HIS G 147 -17.25 39.60 -11.61
CA HIS G 147 -15.80 39.65 -11.72
C HIS G 147 -15.13 38.59 -10.86
N ALA G 148 -15.69 38.32 -9.68
CA ALA G 148 -15.07 37.34 -8.78
C ALA G 148 -15.05 35.96 -9.41
N VAL G 149 -16.12 35.55 -10.07
CA VAL G 149 -16.17 34.25 -10.72
C VAL G 149 -15.52 34.25 -12.10
N GLN G 150 -15.30 35.42 -12.70
CA GLN G 150 -14.65 35.49 -14.01
C GLN G 150 -13.35 34.70 -14.02
N GLY G 151 -12.39 35.13 -13.19
CA GLY G 151 -11.09 34.47 -13.18
C GLY G 151 -11.16 33.04 -12.70
N TRP G 152 -12.03 32.76 -11.73
CA TRP G 152 -12.13 31.41 -11.20
C TRP G 152 -12.61 30.44 -12.26
N ALA G 153 -13.53 30.86 -13.11
CA ALA G 153 -13.96 30.02 -14.22
C ALA G 153 -12.93 29.99 -15.35
N ALA G 154 -12.22 31.09 -15.56
CA ALA G 154 -11.24 31.14 -16.65
C ALA G 154 -10.05 30.22 -16.36
N ARG G 155 -9.60 30.16 -15.10
CA ARG G 155 -8.40 29.41 -14.79
C ARG G 155 -8.57 27.91 -15.01
N SER G 156 -9.75 27.36 -14.68
CA SER G 156 -10.01 25.95 -14.82
C SER G 156 -10.68 25.59 -16.15
N TRP G 157 -10.71 26.53 -17.09
CA TRP G 157 -11.28 26.26 -18.40
C TRP G 157 -10.48 25.19 -19.13
N LEU G 158 -11.17 24.34 -19.87
CA LEU G 158 -10.54 23.29 -20.66
C LEU G 158 -10.88 23.46 -22.13
N PRO G 159 -9.97 23.13 -23.04
CA PRO G 159 -10.19 23.40 -24.46
C PRO G 159 -11.07 22.33 -25.08
N ALA G 160 -11.51 22.61 -26.29
CA ALA G 160 -12.43 21.72 -27.00
C ALA G 160 -13.63 21.48 -26.09
N GLY G 161 -14.27 20.32 -26.21
CA GLY G 161 -15.35 19.98 -25.30
C GLY G 161 -14.86 19.03 -24.22
N CYS G 162 -13.56 19.05 -23.96
CA CYS G 162 -12.94 18.08 -23.07
C CYS G 162 -13.36 18.35 -21.63
N GLU G 163 -13.83 17.31 -20.95
CA GLU G 163 -14.28 17.42 -19.57
C GLU G 163 -13.26 16.89 -18.57
N THR G 164 -12.12 16.40 -19.03
CA THR G 164 -11.10 15.86 -18.14
C THR G 164 -9.73 16.10 -18.74
N ALA G 165 -8.73 16.23 -17.88
CA ALA G 165 -7.37 16.48 -18.33
C ALA G 165 -6.40 16.00 -17.24
N ILE G 166 -5.15 15.81 -17.64
CA ILE G 166 -4.09 15.37 -16.73
C ILE G 166 -3.29 16.59 -16.33
N LEU G 167 -3.03 16.72 -15.03
CA LEU G 167 -2.25 17.82 -14.48
C LEU G 167 -0.92 17.29 -13.99
N PHE G 168 0.17 17.89 -14.47
CA PHE G 168 1.52 17.60 -14.01
C PHE G 168 1.95 18.77 -13.12
N PRO G 169 1.64 18.74 -11.82
CA PRO G 169 1.89 19.94 -11.01
C PRO G 169 3.34 20.35 -10.95
N MET G 170 4.26 19.41 -11.10
CA MET G 170 5.67 19.69 -10.87
C MET G 170 6.52 18.81 -11.78
N ARG G 171 7.77 19.22 -11.95
CA ARG G 171 8.74 18.43 -12.73
C ARG G 171 9.47 17.48 -11.79
N SER G 172 8.76 16.44 -11.39
CA SER G 172 9.34 15.47 -10.47
C SER G 172 10.39 14.63 -11.19
N LYS G 173 11.20 13.93 -10.40
CA LYS G 173 12.10 12.93 -10.93
C LYS G 173 11.36 11.73 -11.49
N LYS G 174 10.07 11.57 -11.17
CA LYS G 174 9.34 10.35 -11.50
C LYS G 174 7.90 10.62 -11.96
N ILE G 175 7.61 11.80 -12.50
CA ILE G 175 6.27 12.14 -12.95
C ILE G 175 6.14 11.82 -14.43
N PHE G 176 5.06 11.14 -14.80
CA PHE G 176 4.79 10.83 -16.21
C PHE G 176 3.38 10.26 -16.29
N GLY G 177 2.99 9.85 -17.49
CA GLY G 177 1.76 9.10 -17.64
C GLY G 177 1.89 8.00 -18.67
N SER G 178 1.66 6.76 -18.25
CA SER G 178 1.76 5.64 -19.17
C SER G 178 0.52 5.57 -20.04
N VAL G 179 0.68 5.23 -21.32
CA VAL G 179 -0.43 5.03 -22.24
C VAL G 179 -0.35 3.59 -22.75
N HIS G 180 -1.50 2.91 -22.78
CA HIS G 180 -1.56 1.49 -23.12
C HIS G 180 -2.54 1.30 -24.26
N PRO G 181 -2.11 1.58 -25.50
CA PRO G 181 -3.01 1.40 -26.64
C PRO G 181 -3.40 -0.06 -26.81
N VAL G 182 -4.68 -0.29 -27.07
CA VAL G 182 -5.14 -1.65 -27.35
C VAL G 182 -4.62 -2.12 -28.70
N ARG G 183 -4.70 -1.26 -29.71
CA ARG G 183 -4.18 -1.60 -31.04
C ARG G 183 -2.67 -1.48 -31.04
N PRO G 184 -1.95 -2.44 -31.63
CA PRO G 184 -0.49 -2.34 -31.64
C PRO G 184 -0.02 -1.16 -32.46
N MET G 185 1.16 -0.65 -32.10
CA MET G 185 1.74 0.52 -32.74
C MET G 185 2.48 0.20 -34.04
N ARG G 186 2.17 -0.92 -34.67
CA ARG G 186 2.80 -1.27 -35.94
C ARG G 186 2.23 -0.38 -37.04
N LEU G 187 2.64 0.88 -37.05
CA LEU G 187 2.05 1.89 -37.93
C LEU G 187 3.12 2.49 -38.83
N GLU G 188 2.76 2.71 -40.08
CA GLU G 188 3.63 3.37 -41.05
C GLU G 188 3.34 4.85 -41.17
N SER G 189 2.07 5.25 -41.11
CA SER G 189 1.67 6.64 -41.15
C SER G 189 0.81 6.94 -39.94
N PHE G 190 1.03 8.09 -39.31
CA PHE G 190 0.30 8.43 -38.11
C PHE G 190 0.19 9.94 -37.97
N SER G 191 -0.93 10.37 -37.41
CA SER G 191 -1.14 11.75 -37.00
C SER G 191 -1.48 11.76 -35.51
N ALA G 192 -0.75 12.56 -34.74
CA ALA G 192 -0.90 12.58 -33.28
C ALA G 192 -1.14 14.01 -32.83
N CYS G 193 -2.29 14.25 -32.20
CA CYS G 193 -2.67 15.55 -31.69
C CYS G 193 -2.58 15.56 -30.17
N ILE G 194 -2.50 16.76 -29.59
CA ILE G 194 -2.54 16.92 -28.14
C ILE G 194 -2.80 18.39 -27.83
N TRP G 195 -3.65 18.62 -26.83
CA TRP G 195 -3.85 19.95 -26.25
C TRP G 195 -2.92 20.08 -25.07
N VAL G 196 -2.09 21.13 -25.08
CA VAL G 196 -1.03 21.29 -24.08
C VAL G 196 -1.09 22.69 -23.51
N LYS G 197 -0.82 22.81 -22.21
CA LYS G 197 -0.68 24.10 -21.54
C LYS G 197 0.52 23.96 -20.60
N ALA G 198 1.66 24.53 -21.00
CA ALA G 198 2.92 24.29 -20.31
C ALA G 198 3.20 25.44 -19.34
N THR G 199 3.36 25.11 -18.06
CA THR G 199 3.70 26.13 -17.08
C THR G 199 5.13 26.61 -17.24
N ASP G 200 6.07 25.68 -17.47
CA ASP G 200 7.46 26.05 -17.68
C ASP G 200 8.06 25.10 -18.71
N VAL G 201 8.74 25.68 -19.70
CA VAL G 201 9.32 24.92 -20.81
C VAL G 201 10.83 25.10 -20.75
N LEU G 202 11.56 23.99 -20.71
CA LEU G 202 13.01 24.00 -20.62
C LEU G 202 13.62 23.80 -22.01
N ASN G 203 14.93 23.57 -22.05
CA ASN G 203 15.61 23.21 -23.29
C ASN G 203 15.00 21.98 -23.95
N LYS G 204 14.39 21.09 -23.18
CA LYS G 204 13.83 19.85 -23.71
C LYS G 204 12.73 19.40 -22.75
N THR G 205 11.47 19.58 -23.14
CA THR G 205 10.34 19.17 -22.32
C THR G 205 9.42 18.28 -23.16
N ILE G 206 9.21 17.05 -22.70
CA ILE G 206 8.55 16.02 -23.51
C ILE G 206 7.04 16.11 -23.29
N LEU G 207 6.28 16.26 -24.38
CA LEU G 207 4.83 16.14 -24.28
C LEU G 207 4.42 14.67 -24.30
N PHE G 208 4.76 13.96 -25.36
CA PHE G 208 4.56 12.52 -25.44
C PHE G 208 5.74 11.90 -26.18
N SER G 209 5.96 10.62 -25.92
CA SER G 209 7.11 9.92 -26.49
C SER G 209 6.83 8.43 -26.54
N TYR G 210 7.04 7.83 -27.71
CA TYR G 210 6.95 6.39 -27.89
C TYR G 210 8.34 5.86 -28.21
N GLY G 211 8.78 4.85 -27.46
CA GLY G 211 10.12 4.32 -27.65
C GLY G 211 10.24 2.84 -27.36
N THR G 212 10.92 2.12 -28.25
CA THR G 212 11.14 0.70 -28.07
C THR G 212 12.43 0.45 -27.29
N LYS G 213 12.72 -0.82 -27.01
CA LYS G 213 13.92 -1.16 -26.27
C LYS G 213 15.17 -0.76 -27.04
N ARG G 214 15.20 -1.07 -28.33
CA ARG G 214 16.41 -0.80 -29.12
C ARG G 214 16.59 0.69 -29.36
N ASN G 215 15.52 1.38 -29.74
CA ASN G 215 15.57 2.81 -30.08
C ASN G 215 14.49 3.52 -29.28
N PRO G 216 14.85 4.26 -28.23
CA PRO G 216 13.83 4.91 -27.40
C PRO G 216 13.19 6.14 -28.03
N TYR G 217 13.67 6.58 -29.19
CA TYR G 217 13.24 7.84 -29.79
C TYR G 217 12.38 7.60 -31.04
N GLU G 218 11.52 6.58 -31.00
CA GLU G 218 10.70 6.28 -32.17
C GLU G 218 9.82 7.46 -32.53
N ILE G 219 8.89 7.80 -31.65
CA ILE G 219 8.06 9.01 -31.79
C ILE G 219 8.24 9.83 -30.54
N GLN G 220 8.48 11.13 -30.71
CA GLN G 220 8.73 12.00 -29.56
C GLN G 220 8.41 13.43 -29.94
N LEU G 221 7.36 13.99 -29.35
CA LEU G 221 7.02 15.39 -29.51
C LEU G 221 7.44 16.12 -28.25
N TYR G 222 8.23 17.17 -28.40
CA TYR G 222 8.70 17.91 -27.25
C TYR G 222 8.80 19.39 -27.59
N LEU G 223 9.19 20.17 -26.60
CA LEU G 223 9.27 21.62 -26.70
C LEU G 223 10.66 22.06 -26.30
N SER G 224 11.28 22.89 -27.12
CA SER G 224 12.50 23.58 -26.76
C SER G 224 12.12 24.85 -26.01
N TYR G 225 13.08 25.76 -25.81
CA TYR G 225 12.80 26.99 -25.07
C TYR G 225 11.58 27.70 -25.65
N GLN G 226 11.51 27.80 -26.97
CA GLN G 226 10.40 28.48 -27.63
C GLN G 226 9.83 27.72 -28.83
N SER G 227 10.50 26.69 -29.32
CA SER G 227 10.08 25.97 -30.51
C SER G 227 9.50 24.60 -30.15
N ILE G 228 8.83 24.00 -31.12
CA ILE G 228 8.22 22.69 -30.99
C ILE G 228 8.98 21.74 -31.90
N VAL G 229 9.35 20.57 -31.38
CA VAL G 229 10.17 19.61 -32.11
C VAL G 229 9.41 18.29 -32.20
N PHE G 230 9.40 17.73 -33.39
CA PHE G 230 8.78 16.44 -33.68
C PHE G 230 9.88 15.50 -34.14
N VAL G 231 10.00 14.35 -33.47
CA VAL G 231 11.04 13.38 -33.75
C VAL G 231 10.38 12.07 -34.13
N VAL G 232 10.74 11.54 -35.29
CA VAL G 232 10.22 10.26 -35.76
C VAL G 232 11.40 9.44 -36.27
N GLY G 233 11.48 8.19 -35.82
CA GLY G 233 12.54 7.30 -36.26
C GLY G 233 13.78 7.35 -35.40
N GLY G 234 14.45 8.50 -35.38
CA GLY G 234 15.68 8.64 -34.61
C GLY G 234 15.93 10.08 -34.24
N GLU G 235 16.96 10.28 -33.41
CA GLU G 235 17.28 11.62 -32.94
C GLU G 235 17.74 12.52 -34.08
N GLU G 236 18.50 11.96 -35.03
CA GLU G 236 19.11 12.79 -36.07
C GLU G 236 18.06 13.50 -36.90
N ASN G 237 16.99 12.81 -37.28
CA ASN G 237 15.96 13.39 -38.13
C ASN G 237 14.84 13.94 -37.26
N LYS G 238 14.55 15.24 -37.44
CA LYS G 238 13.54 15.91 -36.65
C LYS G 238 13.00 17.10 -37.42
N LEU G 239 11.85 17.59 -36.98
CA LEU G 239 11.21 18.77 -37.54
C LEU G 239 11.05 19.81 -36.44
N VAL G 240 11.42 21.05 -36.72
CA VAL G 240 11.41 22.12 -35.74
C VAL G 240 10.54 23.25 -36.26
N ALA G 241 9.64 23.74 -35.40
CA ALA G 241 8.81 24.90 -35.71
C ALA G 241 9.08 25.97 -34.65
N GLU G 242 9.49 27.15 -35.09
CA GLU G 242 10.06 28.15 -34.19
C GLU G 242 8.98 29.08 -33.64
N ALA G 243 8.93 29.17 -32.31
CA ALA G 243 8.29 30.27 -31.58
C ALA G 243 6.81 30.43 -31.97
N MET G 244 6.04 29.40 -31.66
CA MET G 244 4.58 29.52 -31.68
C MET G 244 3.93 28.75 -30.53
N VAL G 245 4.60 28.67 -29.39
CA VAL G 245 4.04 28.05 -28.19
C VAL G 245 4.09 29.06 -27.06
N SER G 246 2.94 29.30 -26.44
CA SER G 246 2.83 30.17 -25.27
C SER G 246 2.69 29.29 -24.02
N LEU G 247 3.13 29.84 -22.89
CA LEU G 247 3.22 29.04 -21.68
C LEU G 247 1.84 28.75 -21.09
N GLY G 248 1.12 29.79 -20.67
CA GLY G 248 -0.09 29.59 -19.92
C GLY G 248 -1.35 29.47 -20.75
N ARG G 249 -1.21 29.21 -22.05
CA ARG G 249 -2.34 29.13 -22.96
CA ARG G 249 -2.34 29.13 -22.96
C ARG G 249 -2.39 27.76 -23.61
N TRP G 250 -3.60 27.21 -23.72
CA TRP G 250 -3.78 25.93 -24.39
C TRP G 250 -3.43 26.06 -25.87
N THR G 251 -2.69 25.08 -26.38
CA THR G 251 -2.36 25.02 -27.80
C THR G 251 -2.57 23.59 -28.28
N HIS G 252 -3.09 23.47 -29.50
CA HIS G 252 -3.40 22.17 -30.09
C HIS G 252 -2.28 21.81 -31.07
N LEU G 253 -1.30 21.06 -30.57
CA LEU G 253 -0.16 20.66 -31.37
C LEU G 253 -0.44 19.29 -31.96
N CYS G 254 -0.32 19.17 -33.29
CA CYS G 254 -0.57 17.90 -33.95
C CYS G 254 0.49 17.66 -35.00
N GLY G 255 1.21 16.54 -34.89
CA GLY G 255 2.24 16.17 -35.84
C GLY G 255 1.81 14.97 -36.66
N THR G 256 1.98 15.08 -37.98
CA THR G 256 1.62 14.03 -38.90
C THR G 256 2.86 13.57 -39.65
N TRP G 257 2.87 12.29 -40.03
CA TRP G 257 4.03 11.72 -40.70
C TRP G 257 3.62 10.45 -41.43
N ASN G 258 3.98 10.35 -42.70
CA ASN G 258 3.74 9.16 -43.51
C ASN G 258 5.08 8.64 -44.03
N SER G 259 5.24 7.32 -44.02
CA SER G 259 6.52 6.71 -44.33
C SER G 259 6.79 6.57 -45.82
N GLU G 260 5.83 6.92 -46.68
CA GLU G 260 6.06 6.77 -48.12
C GLU G 260 7.24 7.61 -48.57
N GLU G 261 7.31 8.87 -48.12
CA GLU G 261 8.46 9.71 -48.41
C GLU G 261 8.87 10.56 -47.21
N GLY G 262 8.41 10.22 -46.01
CA GLY G 262 8.78 11.00 -44.84
C GLY G 262 8.17 12.38 -44.80
N LEU G 263 7.04 12.60 -45.47
CA LEU G 263 6.42 13.92 -45.49
C LEU G 263 5.79 14.21 -44.13
N THR G 264 6.54 14.88 -43.27
CA THR G 264 6.10 15.20 -41.92
C THR G 264 5.67 16.65 -41.82
N SER G 265 4.66 16.90 -40.99
CA SER G 265 4.09 18.23 -40.83
C SER G 265 3.75 18.47 -39.37
N LEU G 266 3.82 19.73 -38.97
CA LEU G 266 3.40 20.17 -37.63
C LEU G 266 2.31 21.23 -37.78
N TRP G 267 1.19 21.03 -37.11
CA TRP G 267 0.09 21.98 -37.11
C TRP G 267 -0.12 22.48 -35.68
N VAL G 268 -0.09 23.80 -35.53
CA VAL G 268 -0.30 24.44 -34.24
C VAL G 268 -1.59 25.24 -34.33
N ASN G 269 -2.56 24.90 -33.48
CA ASN G 269 -3.85 25.58 -33.42
C ASN G 269 -4.61 25.50 -34.73
N GLY G 270 -4.27 24.53 -35.59
CA GLY G 270 -5.00 24.29 -36.82
C GLY G 270 -4.32 24.81 -38.07
N GLU G 271 -3.35 25.71 -37.96
CA GLU G 271 -2.63 26.23 -39.10
C GLU G 271 -1.23 25.62 -39.14
N LEU G 272 -0.80 25.22 -40.33
CA LEU G 272 0.46 24.52 -40.48
C LEU G 272 1.62 25.36 -39.94
N ALA G 273 2.52 24.71 -39.22
CA ALA G 273 3.67 25.37 -38.61
C ALA G 273 4.96 25.13 -39.38
N ALA G 274 5.31 23.87 -39.63
CA ALA G 274 6.53 23.55 -40.35
C ALA G 274 6.41 22.16 -40.94
N THR G 275 6.86 22.02 -42.18
CA THR G 275 6.77 20.75 -42.90
C THR G 275 8.12 20.42 -43.53
N THR G 276 8.41 19.12 -43.61
CA THR G 276 9.63 18.64 -44.24
C THR G 276 9.34 17.32 -44.94
N VAL G 277 10.25 16.93 -45.84
CA VAL G 277 10.08 15.74 -46.65
C VAL G 277 11.37 14.92 -46.57
N GLU G 278 11.24 13.62 -46.80
CA GLU G 278 12.36 12.68 -46.73
C GLU G 278 13.12 12.83 -45.41
N MET G 279 12.40 12.58 -44.32
CA MET G 279 13.00 12.44 -42.99
C MET G 279 12.42 11.21 -42.33
N ALA G 280 13.28 10.28 -41.95
CA ALA G 280 12.87 8.96 -41.46
C ALA G 280 12.06 8.22 -42.52
N THR G 281 12.35 8.48 -43.79
CA THR G 281 11.61 7.85 -44.88
C THR G 281 11.86 6.35 -44.89
N GLY G 282 10.85 5.60 -45.32
CA GLY G 282 10.96 4.15 -45.35
C GLY G 282 11.25 3.54 -44.00
N HIS G 283 10.65 4.09 -42.94
CA HIS G 283 10.85 3.63 -41.58
C HIS G 283 9.52 3.16 -41.01
N ILE G 284 9.57 2.15 -40.17
CA ILE G 284 8.38 1.59 -39.52
C ILE G 284 8.65 1.53 -38.03
N VAL G 285 7.79 2.17 -37.24
CA VAL G 285 7.90 2.10 -35.79
C VAL G 285 7.37 0.74 -35.34
N PRO G 286 8.16 -0.08 -34.67
CA PRO G 286 7.70 -1.44 -34.35
C PRO G 286 6.82 -1.44 -33.10
N GLU G 287 6.42 -2.65 -32.70
CA GLU G 287 5.54 -2.83 -31.57
C GLU G 287 6.35 -2.95 -30.27
N GLY G 288 5.65 -3.21 -29.16
CA GLY G 288 6.28 -3.40 -27.88
C GLY G 288 6.82 -2.14 -27.23
N GLY G 289 6.97 -1.06 -27.97
CA GLY G 289 7.50 0.16 -27.39
C GLY G 289 6.57 0.75 -26.36
N ILE G 290 7.16 1.43 -25.39
CA ILE G 290 6.41 2.08 -24.32
C ILE G 290 6.08 3.50 -24.76
N LEU G 291 4.83 3.90 -24.59
CA LEU G 291 4.38 5.24 -24.93
C LEU G 291 3.98 5.96 -23.64
N GLN G 292 4.51 7.16 -23.46
CA GLN G 292 4.26 7.94 -22.26
C GLN G 292 3.95 9.37 -22.65
N ILE G 293 3.34 10.08 -21.71
CA ILE G 293 3.06 11.51 -21.84
C ILE G 293 3.81 12.22 -20.71
N GLY G 294 4.59 13.23 -21.07
CA GLY G 294 5.31 14.02 -20.09
C GLY G 294 6.71 13.54 -19.79
N GLN G 295 7.15 12.42 -20.36
CA GLN G 295 8.48 11.90 -20.08
C GLN G 295 8.96 11.04 -21.24
N GLU G 296 10.24 10.66 -21.18
CA GLU G 296 10.84 9.75 -22.13
C GLU G 296 10.74 8.32 -21.61
N LYS G 297 11.33 7.38 -22.36
CA LYS G 297 11.42 5.99 -21.93
C LYS G 297 12.71 5.82 -21.14
N ASN G 298 12.61 5.85 -19.82
CA ASN G 298 13.75 5.59 -18.95
C ASN G 298 13.48 4.52 -17.90
N GLY G 299 12.22 4.22 -17.61
CA GLY G 299 11.91 3.19 -16.63
C GLY G 299 11.82 3.74 -15.22
N CYS G 300 10.96 3.11 -14.41
CA CYS G 300 10.76 3.51 -13.03
C CYS G 300 10.96 2.35 -12.07
N CYS G 301 11.66 1.30 -12.49
CA CYS G 301 12.01 0.21 -11.58
C CYS G 301 13.04 0.63 -10.54
N VAL G 302 13.68 1.80 -10.72
CA VAL G 302 14.62 2.32 -9.74
C VAL G 302 13.95 3.31 -8.79
N GLY G 303 12.63 3.32 -8.71
CA GLY G 303 11.93 4.29 -7.90
C GLY G 303 11.87 5.65 -8.57
N GLY G 304 11.82 5.64 -9.90
CA GLY G 304 11.89 6.86 -10.67
C GLY G 304 12.99 6.81 -11.72
N GLY G 305 13.99 7.68 -11.57
CA GLY G 305 15.12 7.71 -12.47
C GLY G 305 14.90 8.53 -13.72
N PHE G 306 13.65 8.91 -14.03
CA PHE G 306 13.40 9.78 -15.16
C PHE G 306 14.17 11.09 -14.97
N ASP G 307 14.76 11.58 -16.06
CA ASP G 307 15.47 12.84 -15.98
C ASP G 307 14.50 13.96 -15.64
N GLU G 308 14.85 14.73 -14.61
CA GLU G 308 13.96 15.80 -14.16
C GLU G 308 13.76 16.84 -15.24
N THR G 309 14.83 17.23 -15.93
CA THR G 309 14.74 18.30 -16.91
C THR G 309 13.77 17.94 -18.05
N LEU G 310 13.80 16.69 -18.50
CA LEU G 310 12.93 16.28 -19.59
C LEU G 310 11.46 16.28 -19.21
N ALA G 311 11.15 16.26 -17.91
CA ALA G 311 9.77 16.13 -17.47
C ALA G 311 8.93 17.27 -18.02
N PHE G 312 7.61 17.10 -17.93
CA PHE G 312 6.63 18.10 -18.32
C PHE G 312 5.83 18.51 -17.10
N SER G 313 5.66 19.82 -16.91
CA SER G 313 4.86 20.38 -15.83
C SER G 313 3.82 21.30 -16.43
N GLY G 314 2.55 20.97 -16.25
CA GLY G 314 1.47 21.75 -16.83
C GLY G 314 0.18 20.98 -16.92
N ARG G 315 -0.50 21.06 -18.06
CA ARG G 315 -1.75 20.35 -18.27
C ARG G 315 -1.79 19.77 -19.68
N LEU G 316 -2.31 18.56 -19.79
CA LEU G 316 -2.43 17.86 -21.05
C LEU G 316 -3.84 17.32 -21.22
N THR G 317 -4.31 17.28 -22.46
CA THR G 317 -5.62 16.71 -22.74
C THR G 317 -5.69 16.39 -24.23
N GLY G 318 -6.78 15.73 -24.62
CA GLY G 318 -7.03 15.45 -26.02
C GLY G 318 -5.89 14.74 -26.72
N PHE G 319 -5.29 13.75 -26.07
CA PHE G 319 -4.19 13.01 -26.67
C PHE G 319 -4.76 11.94 -27.59
N ASN G 320 -4.57 12.12 -28.90
CA ASN G 320 -5.08 11.20 -29.90
C ASN G 320 -3.98 10.84 -30.89
N ILE G 321 -3.95 9.59 -31.31
CA ILE G 321 -3.03 9.10 -32.33
C ILE G 321 -3.82 8.32 -33.36
N TRP G 322 -3.58 8.59 -34.63
CA TRP G 322 -4.29 7.95 -35.73
C TRP G 322 -3.35 7.02 -36.49
N ASP G 323 -3.95 6.07 -37.20
CA ASP G 323 -3.22 5.14 -38.02
C ASP G 323 -3.01 5.64 -39.45
N SER G 324 -3.58 6.80 -39.79
CA SER G 324 -3.43 7.37 -41.12
C SER G 324 -3.24 8.87 -40.99
N VAL G 325 -2.51 9.45 -41.95
CA VAL G 325 -2.29 10.89 -41.95
C VAL G 325 -3.63 11.59 -42.15
N LEU G 326 -4.01 12.42 -41.18
CA LEU G 326 -5.29 13.11 -41.25
C LEU G 326 -5.28 14.14 -42.38
N SER G 327 -6.47 14.40 -42.91
CA SER G 327 -6.62 15.45 -43.92
C SER G 327 -6.57 16.83 -43.26
N ASN G 328 -6.37 17.85 -44.08
CA ASN G 328 -6.23 19.20 -43.56
C ASN G 328 -7.51 19.63 -42.83
N GLU G 329 -8.66 19.36 -43.42
CA GLU G 329 -9.92 19.71 -42.77
C GLU G 329 -10.09 18.93 -41.46
N GLU G 330 -9.72 17.65 -41.46
CA GLU G 330 -9.78 16.88 -40.23
C GLU G 330 -8.84 17.44 -39.17
N ILE G 331 -7.64 17.86 -39.59
CA ILE G 331 -6.70 18.46 -38.64
C ILE G 331 -7.30 19.72 -38.03
N ARG G 332 -7.92 20.56 -38.87
CA ARG G 332 -8.55 21.78 -38.35
CA ARG G 332 -8.55 21.78 -38.35
C ARG G 332 -9.68 21.44 -37.38
N GLU G 333 -10.51 20.46 -37.74
CA GLU G 333 -11.65 20.10 -36.91
C GLU G 333 -11.23 19.47 -35.59
N THR G 334 -10.08 18.80 -35.55
CA THR G 334 -9.65 18.17 -34.30
C THR G 334 -9.40 19.19 -33.22
N GLY G 335 -9.01 20.41 -33.58
CA GLY G 335 -8.71 21.45 -32.61
C GLY G 335 -9.73 22.56 -32.58
N GLY G 336 -11.01 22.20 -32.70
CA GLY G 336 -12.09 23.16 -32.71
C GLY G 336 -12.60 23.50 -31.33
N ALA G 337 -13.88 23.89 -31.29
CA ALA G 337 -14.52 24.25 -30.03
C ALA G 337 -15.22 23.05 -29.39
N GLU G 338 -16.16 22.45 -30.09
CA GLU G 338 -16.78 21.21 -29.65
C GLU G 338 -16.11 20.02 -30.34
N SER G 339 -14.80 19.90 -30.13
CA SER G 339 -13.98 18.93 -30.85
C SER G 339 -13.39 17.85 -29.95
N CYS G 340 -13.83 17.73 -28.71
CA CYS G 340 -13.36 16.65 -27.85
C CYS G 340 -14.27 15.44 -27.96
N HIS G 341 -14.55 15.04 -29.20
CA HIS G 341 -15.21 13.77 -29.47
C HIS G 341 -14.63 13.09 -30.72
N ILE G 342 -13.62 13.67 -31.34
CA ILE G 342 -12.89 13.05 -32.44
C ILE G 342 -11.63 12.46 -31.84
N ARG G 343 -11.57 11.13 -31.76
CA ARG G 343 -10.47 10.42 -31.13
C ARG G 343 -9.87 9.42 -32.10
N GLY G 344 -8.57 9.19 -31.95
CA GLY G 344 -7.89 8.28 -32.85
C GLY G 344 -8.18 6.83 -32.56
N ASN G 345 -7.94 5.99 -33.57
CA ASN G 345 -8.20 4.57 -33.43
C ASN G 345 -7.14 3.91 -32.54
N ILE G 346 -5.89 4.34 -32.65
CA ILE G 346 -4.83 3.74 -31.85
C ILE G 346 -4.91 4.20 -30.41
N VAL G 347 -4.76 5.52 -30.19
CA VAL G 347 -4.87 6.13 -28.88
C VAL G 347 -5.98 7.17 -28.95
N GLY G 348 -6.97 7.05 -28.08
CA GLY G 348 -8.07 7.99 -28.05
C GLY G 348 -8.31 8.55 -26.67
N TRP G 349 -8.34 9.87 -26.54
CA TRP G 349 -8.56 10.47 -25.24
C TRP G 349 -9.92 10.07 -24.69
N GLY G 350 -9.94 9.62 -23.44
CA GLY G 350 -11.15 9.14 -22.82
C GLY G 350 -11.51 7.71 -23.17
N VAL G 351 -10.71 7.04 -24.01
CA VAL G 351 -10.93 5.65 -24.38
C VAL G 351 -9.69 4.81 -24.07
N THR G 352 -8.52 5.29 -24.46
CA THR G 352 -7.29 4.58 -24.20
C THR G 352 -6.94 4.63 -22.72
N GLU G 353 -6.13 3.66 -22.29
CA GLU G 353 -5.79 3.50 -20.88
C GLU G 353 -4.58 4.38 -20.58
N ILE G 354 -4.82 5.51 -19.91
CA ILE G 354 -3.77 6.44 -19.52
C ILE G 354 -3.70 6.47 -18.01
N GLN G 355 -2.56 6.07 -17.46
CA GLN G 355 -2.36 6.02 -16.02
C GLN G 355 -1.30 7.05 -15.62
N PRO G 356 -1.67 8.13 -14.94
CA PRO G 356 -0.65 9.04 -14.41
C PRO G 356 0.14 8.41 -13.28
N HIS G 357 1.38 8.87 -13.11
CA HIS G 357 2.26 8.33 -12.08
C HIS G 357 3.20 9.43 -11.61
N GLY G 358 3.56 9.37 -10.33
CA GLY G 358 4.55 10.24 -9.75
C GLY G 358 4.04 11.56 -9.21
N GLY G 359 2.76 11.86 -9.39
CA GLY G 359 2.21 13.13 -8.94
C GLY G 359 1.20 13.69 -9.92
N ALA G 360 1.24 13.19 -11.15
CA ALA G 360 0.23 13.58 -12.13
C ALA G 360 -1.13 13.03 -11.72
N GLN G 361 -2.18 13.76 -12.08
CA GLN G 361 -3.53 13.39 -11.67
C GLN G 361 -4.53 13.92 -12.69
N TYR G 362 -5.71 13.29 -12.71
CA TYR G 362 -6.81 13.75 -13.54
C TYR G 362 -7.45 14.95 -12.88
N VAL G 363 -7.35 16.11 -13.52
CA VAL G 363 -8.08 17.30 -13.10
C VAL G 363 -9.38 17.35 -13.89
N SER G 364 -10.42 16.73 -13.36
CA SER G 364 -11.70 16.68 -14.04
C SER G 364 -12.29 18.08 -14.16
N ALA H 134 27.41 -53.81 19.48
CA ALA H 134 26.60 -53.03 20.40
C ALA H 134 26.47 -51.59 19.92
N VAL H 135 27.60 -50.87 19.90
CA VAL H 135 27.59 -49.49 19.44
C VAL H 135 27.23 -49.42 17.96
N LEU H 136 27.69 -50.40 17.18
CA LEU H 136 27.40 -50.41 15.75
C LEU H 136 25.90 -50.53 15.49
N GLU H 137 25.23 -51.43 16.21
CA GLU H 137 23.79 -51.61 16.01
C GLU H 137 23.04 -50.32 16.29
N GLU H 138 23.36 -49.65 17.39
CA GLU H 138 22.70 -48.38 17.71
C GLU H 138 23.03 -47.32 16.66
N LEU H 139 24.28 -47.30 16.21
CA LEU H 139 24.68 -46.34 15.19
C LEU H 139 23.89 -46.52 13.91
N ARG H 140 23.46 -47.76 13.62
CA ARG H 140 22.61 -47.97 12.45
C ARG H 140 21.37 -47.08 12.50
N GLN H 141 20.60 -47.15 13.60
CA GLN H 141 19.41 -46.32 13.66
C GLN H 141 19.73 -44.85 13.90
N THR H 142 20.87 -44.53 14.51
CA THR H 142 21.25 -43.12 14.59
C THR H 142 21.42 -42.54 13.19
N ARG H 143 22.11 -43.26 12.31
CA ARG H 143 22.25 -42.82 10.92
C ARG H 143 20.89 -42.80 10.22
N ALA H 144 20.05 -43.80 10.47
CA ALA H 144 18.71 -43.80 9.88
C ALA H 144 17.95 -42.54 10.25
N ASP H 145 18.04 -42.14 11.53
CA ASP H 145 17.38 -40.91 11.97
C ASP H 145 18.00 -39.69 11.31
N LEU H 146 19.33 -39.60 11.30
CA LEU H 146 20.00 -38.45 10.70
C LEU H 146 19.71 -38.34 9.22
N HIS H 147 19.29 -39.44 8.58
CA HIS H 147 18.90 -39.36 7.17
C HIS H 147 17.78 -38.36 6.96
N ALA H 148 16.88 -38.22 7.94
CA ALA H 148 15.78 -37.28 7.80
C ALA H 148 16.27 -35.84 7.67
N VAL H 149 17.28 -35.46 8.45
CA VAL H 149 17.82 -34.12 8.39
C VAL H 149 18.86 -33.95 7.28
N GLN H 150 19.44 -35.05 6.77
CA GLN H 150 20.40 -34.95 5.69
C GLN H 150 19.85 -34.11 4.53
N GLY H 151 18.77 -34.59 3.92
CA GLY H 151 18.20 -33.89 2.79
C GLY H 151 17.66 -32.51 3.13
N TRP H 152 17.10 -32.37 4.33
CA TRP H 152 16.54 -31.07 4.72
C TRP H 152 17.64 -30.01 4.82
N ALA H 153 18.81 -30.40 5.32
CA ALA H 153 19.94 -29.47 5.36
C ALA H 153 20.57 -29.29 3.98
N ALA H 154 20.57 -30.35 3.16
CA ALA H 154 21.20 -30.25 1.85
C ALA H 154 20.41 -29.34 0.91
N ARG H 155 19.08 -29.35 1.02
CA ARG H 155 18.27 -28.59 0.07
C ARG H 155 18.42 -27.09 0.27
N SER H 156 18.63 -26.65 1.51
CA SER H 156 18.78 -25.23 1.81
C SER H 156 20.24 -24.82 1.96
N TRP H 157 21.17 -25.67 1.57
CA TRP H 157 22.58 -25.34 1.64
C TRP H 157 22.91 -24.20 0.69
N LEU H 158 23.81 -23.32 1.12
CA LEU H 158 24.24 -22.18 0.32
C LEU H 158 25.74 -22.27 0.05
N PRO H 159 26.19 -21.81 -1.10
CA PRO H 159 27.59 -21.98 -1.48
C PRO H 159 28.48 -20.96 -0.78
N ALA H 160 29.78 -21.20 -0.87
CA ALA H 160 30.76 -20.34 -0.19
C ALA H 160 30.37 -20.23 1.28
N GLY H 161 30.48 -19.03 1.84
CA GLY H 161 30.03 -18.80 3.20
C GLY H 161 28.81 -17.90 3.28
N CYS H 162 28.13 -17.72 2.14
CA CYS H 162 27.02 -16.79 2.09
C CYS H 162 25.88 -17.29 2.97
N GLU H 163 25.35 -16.38 3.79
CA GLU H 163 24.22 -16.68 4.66
C GLU H 163 22.90 -16.13 4.13
N THR H 164 22.91 -15.52 2.94
CA THR H 164 21.70 -14.96 2.37
C THR H 164 21.77 -15.10 0.86
N ALA H 165 20.60 -15.26 0.23
CA ALA H 165 20.52 -15.42 -1.21
C ALA H 165 19.14 -14.96 -1.66
N ILE H 166 19.02 -14.67 -2.96
CA ILE H 166 17.77 -14.23 -3.56
C ILE H 166 17.16 -15.42 -4.29
N LEU H 167 15.86 -15.63 -4.07
CA LEU H 167 15.14 -16.75 -4.65
C LEU H 167 14.14 -16.22 -5.67
N PHE H 168 14.25 -16.69 -6.91
CA PHE H 168 13.27 -16.40 -7.95
C PHE H 168 12.38 -17.61 -8.11
N PRO H 169 11.25 -17.70 -7.39
CA PRO H 169 10.48 -18.95 -7.40
C PRO H 169 9.76 -19.24 -8.70
N MET H 170 9.79 -18.32 -9.67
CA MET H 170 8.92 -18.43 -10.82
C MET H 170 9.41 -17.49 -11.91
N ARG H 171 9.11 -17.85 -13.16
CA ARG H 171 9.42 -17.01 -14.31
C ARG H 171 8.21 -16.13 -14.58
N SER H 172 8.17 -14.96 -13.96
CA SER H 172 7.06 -14.05 -14.12
C SER H 172 7.38 -13.00 -15.19
N LYS H 173 6.39 -12.18 -15.48
CA LYS H 173 6.56 -11.02 -16.34
C LYS H 173 7.09 -9.81 -15.59
N LYS H 174 7.26 -9.91 -14.26
CA LYS H 174 7.65 -8.78 -13.44
C LYS H 174 8.68 -9.14 -12.38
N ILE H 175 9.27 -10.32 -12.43
CA ILE H 175 10.23 -10.77 -11.43
C ILE H 175 11.63 -10.37 -11.86
N PHE H 176 12.36 -9.73 -10.96
CA PHE H 176 13.75 -9.35 -11.21
C PHE H 176 14.33 -8.82 -9.92
N GLY H 177 15.58 -8.35 -9.96
CA GLY H 177 16.15 -7.67 -8.82
C GLY H 177 16.99 -6.47 -9.23
N SER H 178 16.65 -5.29 -8.74
CA SER H 178 17.36 -4.09 -9.13
C SER H 178 18.61 -3.92 -8.27
N VAL H 179 19.75 -3.66 -8.91
CA VAL H 179 21.01 -3.41 -8.23
C VAL H 179 21.35 -1.94 -8.40
N HIS H 180 21.80 -1.31 -7.32
CA HIS H 180 22.08 0.13 -7.29
C HIS H 180 23.52 0.35 -6.83
N PRO H 181 24.49 0.19 -7.72
CA PRO H 181 25.89 0.43 -7.32
C PRO H 181 26.11 1.87 -6.90
N VAL H 182 26.82 2.04 -5.78
CA VAL H 182 27.17 3.39 -5.34
C VAL H 182 28.20 4.00 -6.28
N ARG H 183 29.21 3.23 -6.65
CA ARG H 183 30.22 3.71 -7.59
C ARG H 183 29.66 3.70 -9.00
N PRO H 184 29.91 4.74 -9.80
CA PRO H 184 29.40 4.73 -11.18
C PRO H 184 30.00 3.59 -12.00
N MET H 185 29.24 3.14 -12.99
CA MET H 185 29.65 2.03 -13.85
C MET H 185 30.58 2.47 -14.97
N ARG H 186 31.24 3.62 -14.84
CA ARG H 186 32.17 4.10 -15.86
C ARG H 186 33.43 3.26 -15.76
N LEU H 187 33.34 2.02 -16.25
CA LEU H 187 34.39 1.03 -16.11
C LEU H 187 34.85 0.57 -17.49
N GLU H 188 36.17 0.43 -17.64
CA GLU H 188 36.75 -0.09 -18.87
C GLU H 188 37.06 -1.58 -18.76
N SER H 189 37.47 -2.04 -17.58
CA SER H 189 37.73 -3.45 -17.32
C SER H 189 36.95 -3.88 -16.10
N PHE H 190 36.35 -5.06 -16.17
CA PHE H 190 35.53 -5.55 -15.07
C PHE H 190 35.53 -7.07 -15.06
N SER H 191 35.41 -7.62 -13.85
CA SER H 191 35.29 -9.06 -13.63
C SER H 191 34.07 -9.27 -12.74
N ALA H 192 32.99 -9.77 -13.32
CA ALA H 192 31.71 -9.94 -12.62
C ALA H 192 31.52 -11.42 -12.31
N CYS H 193 31.49 -11.74 -11.02
CA CYS H 193 31.32 -13.12 -10.57
C CYS H 193 29.89 -13.29 -10.05
N ILE H 194 29.43 -14.54 -9.96
CA ILE H 194 28.10 -14.81 -9.42
C ILE H 194 27.92 -16.29 -9.13
N TRP H 195 27.18 -16.59 -8.07
CA TRP H 195 26.76 -17.95 -7.74
C TRP H 195 25.31 -18.14 -8.16
N VAL H 196 25.05 -19.16 -8.97
CA VAL H 196 23.74 -19.37 -9.56
C VAL H 196 23.32 -20.83 -9.41
N LYS H 197 22.02 -21.04 -9.22
CA LYS H 197 21.42 -22.37 -9.21
C LYS H 197 20.10 -22.26 -9.95
N ALA H 198 20.07 -22.72 -11.20
CA ALA H 198 18.93 -22.50 -12.08
C ALA H 198 17.99 -23.70 -12.06
N THR H 199 16.73 -23.47 -11.73
CA THR H 199 15.75 -24.56 -11.73
C THR H 199 15.37 -24.95 -13.16
N ASP H 200 15.19 -23.97 -14.04
CA ASP H 200 14.86 -24.22 -15.44
C ASP H 200 15.53 -23.19 -16.31
N VAL H 201 16.21 -23.65 -17.35
CA VAL H 201 16.98 -22.79 -18.25
C VAL H 201 16.38 -22.89 -19.63
N LEU H 202 16.02 -21.75 -20.21
CA LEU H 202 15.39 -21.69 -21.52
C LEU H 202 16.44 -21.38 -22.60
N ASN H 203 15.96 -21.08 -23.80
CA ASN H 203 16.83 -20.60 -24.87
C ASN H 203 17.61 -19.35 -24.47
N LYS H 204 17.09 -18.57 -23.52
CA LYS H 204 17.72 -17.32 -23.13
C LYS H 204 17.23 -16.99 -21.72
N THR H 205 18.10 -17.14 -20.73
CA THR H 205 17.74 -16.84 -19.33
C THR H 205 18.80 -15.92 -18.75
N ILE H 206 18.38 -14.72 -18.34
CA ILE H 206 19.30 -13.68 -17.93
C ILE H 206 19.67 -13.87 -16.46
N LEU H 207 20.96 -14.00 -16.17
CA LEU H 207 21.41 -14.00 -14.78
C LEU H 207 21.52 -12.57 -14.26
N PHE H 208 22.39 -11.77 -14.89
CA PHE H 208 22.49 -10.35 -14.60
C PHE H 208 22.70 -9.61 -15.90
N SER H 209 22.31 -8.34 -15.91
CA SER H 209 22.37 -7.54 -17.14
C SER H 209 22.45 -6.07 -16.80
N TYR H 210 23.41 -5.37 -17.39
CA TYR H 210 23.53 -3.93 -17.30
C TYR H 210 23.23 -3.32 -18.66
N GLY H 211 22.30 -2.36 -18.68
CA GLY H 211 21.89 -1.76 -19.95
C GLY H 211 21.53 -0.30 -19.84
N THR H 212 22.10 0.53 -20.71
CA THR H 212 21.80 1.95 -20.74
C THR H 212 20.59 2.20 -21.62
N LYS H 213 20.16 3.47 -21.68
CA LYS H 213 19.00 3.83 -22.48
C LYS H 213 19.26 3.56 -23.96
N ARG H 214 20.43 3.95 -24.46
CA ARG H 214 20.71 3.80 -25.88
C ARG H 214 20.93 2.33 -26.26
N ASN H 215 21.71 1.61 -25.46
CA ASN H 215 22.09 0.24 -25.77
C ASN H 215 21.78 -0.62 -24.55
N PRO H 216 20.74 -1.46 -24.59
CA PRO H 216 20.40 -2.26 -23.40
C PRO H 216 21.30 -3.47 -23.17
N TYR H 217 22.26 -3.75 -24.05
CA TYR H 217 23.08 -4.94 -23.98
C TYR H 217 24.53 -4.62 -23.61
N GLU H 218 24.72 -3.67 -22.69
CA GLU H 218 26.08 -3.30 -22.29
C GLU H 218 26.80 -4.49 -21.70
N ILE H 219 26.32 -4.98 -20.55
CA ILE H 219 26.81 -6.20 -19.93
C ILE H 219 25.62 -7.12 -19.71
N GLN H 220 25.76 -8.37 -20.10
CA GLN H 220 24.65 -9.31 -19.97
C GLN H 220 25.20 -10.74 -19.93
N LEU H 221 25.13 -11.36 -18.76
CA LEU H 221 25.45 -12.77 -18.61
C LEU H 221 24.15 -13.55 -18.61
N TYR H 222 24.05 -14.56 -19.47
CA TYR H 222 22.83 -15.35 -19.54
C TYR H 222 23.19 -16.79 -19.87
N LEU H 223 22.14 -17.62 -19.90
CA LEU H 223 22.27 -19.05 -20.11
C LEU H 223 21.41 -19.46 -21.29
N SER H 224 21.99 -20.21 -22.21
CA SER H 224 21.23 -20.88 -23.26
C SER H 224 20.75 -22.22 -22.72
N TYR H 225 20.25 -23.09 -23.61
CA TYR H 225 19.73 -24.37 -23.17
C TYR H 225 20.75 -25.11 -22.32
N GLN H 226 22.02 -25.12 -22.75
CA GLN H 226 23.08 -25.80 -22.01
C GLN H 226 24.35 -24.99 -21.88
N SER H 227 24.50 -23.89 -22.61
CA SER H 227 25.73 -23.10 -22.60
C SER H 227 25.54 -21.80 -21.83
N ILE H 228 26.67 -21.14 -21.59
CA ILE H 228 26.72 -19.87 -20.87
C ILE H 228 27.23 -18.82 -21.83
N VAL H 229 26.54 -17.68 -21.90
CA VAL H 229 26.84 -16.62 -22.85
C VAL H 229 27.13 -15.34 -22.10
N PHE H 230 28.22 -14.67 -22.49
CA PHE H 230 28.64 -13.40 -21.91
C PHE H 230 28.63 -12.36 -23.01
N VAL H 231 27.86 -11.29 -22.81
CA VAL H 231 27.70 -10.23 -23.79
C VAL H 231 28.25 -8.94 -23.20
N VAL H 232 29.15 -8.29 -23.93
CA VAL H 232 29.74 -7.04 -23.50
C VAL H 232 29.73 -6.07 -24.68
N GLY H 233 29.30 -4.84 -24.43
CA GLY H 233 29.25 -3.83 -25.47
C GLY H 233 28.00 -3.88 -26.31
N GLY H 234 27.90 -4.90 -27.17
CA GLY H 234 26.74 -5.03 -28.03
C GLY H 234 26.28 -6.47 -28.08
N GLU H 235 25.03 -6.65 -28.51
CA GLU H 235 24.45 -7.99 -28.56
C GLU H 235 25.21 -8.89 -29.53
N GLU H 236 25.86 -8.30 -30.54
CA GLU H 236 26.61 -9.11 -31.50
C GLU H 236 27.91 -9.64 -30.92
N ASN H 237 28.52 -8.92 -29.97
CA ASN H 237 29.77 -9.34 -29.35
C ASN H 237 29.46 -10.23 -28.15
N LYS H 238 29.56 -11.54 -28.33
CA LYS H 238 29.26 -12.49 -27.27
C LYS H 238 30.31 -13.59 -27.26
N LEU H 239 30.52 -14.16 -26.07
CA LEU H 239 31.38 -15.31 -25.86
C LEU H 239 30.54 -16.43 -25.30
N VAL H 240 30.67 -17.63 -25.89
CA VAL H 240 29.83 -18.77 -25.53
C VAL H 240 30.72 -19.89 -25.02
N ALA H 241 30.36 -20.46 -23.88
CA ALA H 241 31.00 -21.63 -23.32
C ALA H 241 29.98 -22.75 -23.24
N GLU H 242 30.27 -23.87 -23.89
CA GLU H 242 29.26 -24.91 -24.15
C GLU H 242 29.21 -25.93 -23.02
N ALA H 243 28.00 -26.14 -22.49
CA ALA H 243 27.64 -27.33 -21.72
C ALA H 243 28.55 -27.55 -20.51
N MET H 244 28.50 -26.58 -19.59
CA MET H 244 29.07 -26.79 -18.26
C MET H 244 28.23 -26.15 -17.17
N VAL H 245 26.91 -26.11 -17.35
CA VAL H 245 25.98 -25.62 -16.33
C VAL H 245 24.97 -26.70 -16.04
N SER H 246 24.83 -27.05 -14.76
CA SER H 246 23.82 -27.99 -14.30
C SER H 246 22.68 -27.22 -13.64
N LEU H 247 21.50 -27.85 -13.63
CA LEU H 247 20.30 -27.13 -13.19
C LEU H 247 20.27 -26.96 -11.68
N GLY H 248 20.21 -28.06 -10.94
CA GLY H 248 19.97 -27.98 -9.51
C GLY H 248 21.21 -27.85 -8.65
N ARG H 249 22.34 -27.49 -9.25
CA ARG H 249 23.61 -27.39 -8.55
CA ARG H 249 23.61 -27.39 -8.55
C ARG H 249 24.16 -25.98 -8.66
N TRP H 250 24.72 -25.48 -7.56
CA TRP H 250 25.34 -24.18 -7.56
C TRP H 250 26.59 -24.19 -8.43
N THR H 251 26.78 -23.13 -9.20
CA THR H 251 27.97 -22.98 -10.03
C THR H 251 28.44 -21.54 -9.95
N HIS H 252 29.75 -21.35 -9.89
CA HIS H 252 30.36 -20.03 -9.77
C HIS H 252 30.72 -19.54 -11.17
N LEU H 253 29.72 -19.04 -11.89
CA LEU H 253 29.94 -18.45 -13.20
C LEU H 253 30.52 -17.07 -13.01
N CYS H 254 31.62 -16.77 -13.72
CA CYS H 254 32.23 -15.47 -13.57
C CYS H 254 32.86 -15.06 -14.90
N GLY H 255 32.71 -13.80 -15.24
CA GLY H 255 33.15 -13.31 -16.55
C GLY H 255 34.03 -12.09 -16.43
N THR H 256 35.18 -12.15 -17.09
CA THR H 256 36.18 -11.09 -17.06
C THR H 256 36.30 -10.45 -18.43
N TRP H 257 36.59 -9.15 -18.45
CA TRP H 257 36.73 -8.43 -19.72
C TRP H 257 37.53 -7.16 -19.49
N ASN H 258 38.51 -6.91 -20.36
CA ASN H 258 39.29 -5.69 -20.36
C ASN H 258 39.23 -5.06 -21.74
N SER H 259 39.10 -3.73 -21.78
CA SER H 259 38.87 -3.03 -23.03
C SER H 259 40.15 -2.77 -23.82
N GLU H 260 41.32 -3.09 -23.28
CA GLU H 260 42.56 -2.83 -24.00
C GLU H 260 42.59 -3.57 -25.33
N GLU H 261 42.21 -4.85 -25.32
CA GLU H 261 42.11 -5.62 -26.55
C GLU H 261 40.89 -6.53 -26.57
N GLY H 262 39.91 -6.31 -25.69
CA GLY H 262 38.74 -7.15 -25.67
C GLY H 262 38.99 -8.56 -25.20
N LEU H 263 40.03 -8.79 -24.42
CA LEU H 263 40.34 -10.13 -23.94
C LEU H 263 39.32 -10.55 -22.88
N THR H 264 38.28 -11.26 -23.31
CA THR H 264 37.21 -11.67 -22.42
C THR H 264 37.35 -13.16 -22.09
N SER H 265 36.91 -13.52 -20.89
CA SER H 265 37.00 -14.89 -20.42
C SER H 265 35.78 -15.23 -19.57
N LEU H 266 35.44 -16.53 -19.55
CA LEU H 266 34.44 -17.06 -18.64
C LEU H 266 35.07 -18.20 -17.86
N TRP H 267 35.03 -18.10 -16.54
CA TRP H 267 35.46 -19.15 -15.62
C TRP H 267 34.22 -19.74 -14.97
N VAL H 268 34.13 -21.07 -14.99
CA VAL H 268 33.03 -21.79 -14.34
C VAL H 268 33.64 -22.64 -13.24
N ASN H 269 33.19 -22.40 -12.00
CA ASN H 269 33.64 -23.14 -10.83
C ASN H 269 35.14 -22.98 -10.57
N GLY H 270 35.76 -21.95 -11.13
CA GLY H 270 37.14 -21.63 -10.88
C GLY H 270 38.10 -22.00 -11.99
N GLU H 271 37.71 -22.89 -12.90
CA GLU H 271 38.55 -23.27 -14.02
C GLU H 271 38.05 -22.62 -15.30
N LEU H 272 38.99 -22.26 -16.18
CA LEU H 272 38.63 -21.57 -17.41
C LEU H 272 37.59 -22.35 -18.19
N ALA H 273 36.53 -21.67 -18.59
CA ALA H 273 35.50 -22.28 -19.42
C ALA H 273 35.59 -21.82 -20.87
N ALA H 274 35.88 -20.54 -21.10
CA ALA H 274 36.02 -20.04 -22.45
C ALA H 274 36.80 -18.74 -22.45
N THR H 275 37.30 -18.36 -23.62
CA THR H 275 38.07 -17.13 -23.75
C THR H 275 38.10 -16.70 -25.21
N THR H 276 38.10 -15.38 -25.43
CA THR H 276 38.25 -14.82 -26.76
C THR H 276 38.96 -13.47 -26.65
N VAL H 277 39.43 -12.98 -27.79
CA VAL H 277 40.18 -11.73 -27.84
C VAL H 277 39.58 -10.86 -28.95
N GLU H 278 39.78 -9.55 -28.80
CA GLU H 278 39.25 -8.56 -29.73
C GLU H 278 37.74 -8.77 -29.97
N MET H 279 36.98 -8.64 -28.89
CA MET H 279 35.53 -8.57 -28.96
C MET H 279 35.07 -7.40 -28.10
N ALA H 280 34.34 -6.48 -28.73
CA ALA H 280 33.97 -5.21 -28.08
C ALA H 280 35.19 -4.42 -27.65
N THR H 281 36.29 -4.57 -28.38
CA THR H 281 37.54 -3.89 -28.04
C THR H 281 37.37 -2.38 -28.17
N GLY H 282 38.12 -1.65 -27.35
CA GLY H 282 38.04 -0.20 -27.39
C GLY H 282 36.64 0.32 -27.09
N HIS H 283 35.94 -0.33 -26.16
CA HIS H 283 34.58 0.05 -25.79
C HIS H 283 34.54 0.39 -24.31
N ILE H 284 33.69 1.35 -23.97
CA ILE H 284 33.51 1.80 -22.59
C ILE H 284 32.02 1.77 -22.28
N VAL H 285 31.64 1.01 -21.26
CA VAL H 285 30.26 0.96 -20.82
C VAL H 285 29.96 2.26 -20.08
N PRO H 286 28.98 3.06 -20.50
CA PRO H 286 28.77 4.36 -19.88
C PRO H 286 27.97 4.24 -18.58
N GLU H 287 27.69 5.39 -17.99
CA GLU H 287 26.98 5.46 -16.73
C GLU H 287 25.48 5.62 -16.97
N GLY H 288 24.72 5.68 -15.88
CA GLY H 288 23.28 5.87 -15.97
C GLY H 288 22.50 4.64 -16.37
N GLY H 289 23.17 3.54 -16.68
CA GLY H 289 22.46 2.34 -17.06
C GLY H 289 21.86 1.62 -15.88
N ILE H 290 20.87 0.79 -16.17
CA ILE H 290 20.15 0.03 -15.16
C ILE H 290 20.74 -1.37 -15.11
N LEU H 291 21.09 -1.83 -13.91
CA LEU H 291 21.64 -3.15 -13.70
C LEU H 291 20.66 -3.99 -12.91
N GLN H 292 20.34 -5.17 -13.43
CA GLN H 292 19.37 -6.06 -12.81
C GLN H 292 19.93 -7.46 -12.76
N ILE H 293 19.33 -8.27 -11.88
CA ILE H 293 19.64 -9.69 -11.77
C ILE H 293 18.36 -10.45 -12.08
N GLY H 294 18.46 -11.43 -12.98
CA GLY H 294 17.33 -12.25 -13.33
C GLY H 294 16.49 -11.73 -14.48
N GLN H 295 16.79 -10.55 -15.01
CA GLN H 295 16.03 -9.99 -16.12
C GLN H 295 16.91 -9.03 -16.90
N GLU H 296 16.37 -8.52 -18.00
CA GLU H 296 17.03 -7.53 -18.83
C GLU H 296 16.26 -6.21 -18.77
N LYS H 297 16.91 -5.16 -19.26
CA LYS H 297 16.36 -3.80 -19.17
C LYS H 297 15.12 -3.70 -20.04
N ASN H 298 13.94 -3.69 -19.41
CA ASN H 298 12.70 -3.45 -20.14
C ASN H 298 11.83 -2.43 -19.40
N GLY H 299 12.01 -2.31 -18.10
CA GLY H 299 11.22 -1.37 -17.32
C GLY H 299 9.94 -1.99 -16.80
N CYS H 300 9.45 -1.46 -15.68
CA CYS H 300 8.25 -1.95 -15.02
C CYS H 300 7.34 -0.80 -14.64
N CYS H 301 7.12 0.12 -15.57
CA CYS H 301 6.17 1.21 -15.41
C CYS H 301 4.79 0.86 -15.95
N VAL H 302 4.59 -0.38 -16.38
CA VAL H 302 3.29 -0.86 -16.83
C VAL H 302 2.76 -1.99 -15.97
N GLY H 303 3.42 -2.31 -14.86
CA GLY H 303 3.03 -3.44 -14.03
C GLY H 303 3.77 -4.69 -14.43
N GLY H 304 5.02 -4.52 -14.86
CA GLY H 304 5.81 -5.63 -15.37
C GLY H 304 6.34 -5.33 -16.76
N GLY H 305 5.88 -6.10 -17.75
CA GLY H 305 6.30 -5.91 -19.12
C GLY H 305 7.53 -6.68 -19.51
N PHE H 306 8.31 -7.18 -18.54
CA PHE H 306 9.48 -7.98 -18.86
C PHE H 306 9.05 -9.23 -19.62
N ASP H 307 9.89 -9.67 -20.55
CA ASP H 307 9.61 -10.90 -21.27
C ASP H 307 9.74 -12.08 -20.32
N GLU H 308 8.69 -12.89 -20.24
CA GLU H 308 8.69 -14.02 -19.32
C GLU H 308 9.80 -15.00 -19.66
N THR H 309 9.99 -15.30 -20.96
CA THR H 309 11.00 -16.27 -21.36
C THR H 309 12.39 -15.83 -20.95
N LEU H 310 12.63 -14.51 -20.88
CA LEU H 310 13.93 -14.00 -20.47
C LEU H 310 14.19 -14.14 -18.98
N ALA H 311 13.15 -14.30 -18.18
CA ALA H 311 13.30 -14.27 -16.74
C ALA H 311 14.20 -15.40 -16.26
N PHE H 312 14.59 -15.32 -15.00
CA PHE H 312 15.38 -16.35 -14.33
C PHE H 312 14.59 -16.90 -13.15
N SER H 313 14.54 -18.21 -13.03
CA SER H 313 13.85 -18.88 -11.94
C SER H 313 14.85 -19.82 -11.25
N GLY H 314 15.19 -19.51 -10.00
CA GLY H 314 16.16 -20.31 -9.27
C GLY H 314 16.67 -19.60 -8.04
N ARG H 315 17.98 -19.62 -7.83
CA ARG H 315 18.60 -18.97 -6.69
C ARG H 315 19.88 -18.28 -7.12
N LEU H 316 20.11 -17.09 -6.57
CA LEU H 316 21.30 -16.31 -6.87
C LEU H 316 21.94 -15.84 -5.57
N THR H 317 23.27 -15.80 -5.56
CA THR H 317 24.01 -15.33 -4.40
C THR H 317 25.39 -14.89 -4.84
N GLY H 318 26.07 -14.15 -3.97
CA GLY H 318 27.44 -13.75 -4.25
C GLY H 318 27.63 -12.99 -5.54
N PHE H 319 26.76 -12.02 -5.81
CA PHE H 319 26.87 -11.20 -7.01
C PHE H 319 27.88 -10.09 -6.76
N ASN H 320 29.04 -10.17 -7.43
CA ASN H 320 30.11 -9.19 -7.26
C ASN H 320 30.59 -8.71 -8.62
N ILE H 321 30.89 -7.42 -8.71
CA ILE H 321 31.45 -6.82 -9.91
C ILE H 321 32.67 -6.01 -9.50
N TRP H 322 33.78 -6.21 -10.20
CA TRP H 322 35.03 -5.52 -9.91
C TRP H 322 35.34 -4.49 -10.99
N ASP H 323 36.19 -3.53 -10.62
CA ASP H 323 36.63 -2.49 -11.55
C ASP H 323 37.91 -2.88 -12.28
N SER H 324 38.48 -4.03 -11.98
CA SER H 324 39.72 -4.48 -12.61
C SER H 324 39.62 -5.97 -12.90
N VAL H 325 40.42 -6.42 -13.87
CA VAL H 325 40.46 -7.83 -14.21
C VAL H 325 41.10 -8.60 -13.05
N LEU H 326 40.32 -9.48 -12.44
CA LEU H 326 40.83 -10.28 -11.34
C LEU H 326 41.93 -11.23 -11.83
N SER H 327 42.91 -11.45 -10.97
CA SER H 327 43.97 -12.41 -11.27
C SER H 327 43.43 -13.84 -11.16
N ASN H 328 44.17 -14.78 -11.75
CA ASN H 328 43.71 -16.16 -11.79
C ASN H 328 43.45 -16.70 -10.39
N GLU H 329 44.40 -16.47 -9.47
CA GLU H 329 44.21 -16.93 -8.10
C GLU H 329 43.02 -16.25 -7.45
N GLU H 330 42.81 -14.96 -7.74
CA GLU H 330 41.67 -14.26 -7.18
C GLU H 330 40.36 -14.87 -7.66
N ILE H 331 40.27 -15.20 -8.96
CA ILE H 331 39.06 -15.83 -9.47
C ILE H 331 38.87 -17.20 -8.83
N ARG H 332 39.96 -17.94 -8.65
CA ARG H 332 39.85 -19.25 -8.02
CA ARG H 332 39.85 -19.25 -8.02
C ARG H 332 39.34 -19.14 -6.59
N GLU H 333 39.85 -18.17 -5.84
CA GLU H 333 39.46 -18.01 -4.44
C GLU H 333 38.14 -17.28 -4.26
N THR H 334 37.59 -16.69 -5.32
CA THR H 334 36.28 -16.07 -5.21
C THR H 334 35.19 -17.12 -5.05
N GLY H 335 35.37 -18.28 -5.68
CA GLY H 335 34.38 -19.35 -5.62
C GLY H 335 34.83 -20.52 -4.78
N GLY H 336 35.48 -20.25 -3.66
CA GLY H 336 35.96 -21.28 -2.76
C GLY H 336 34.93 -21.73 -1.76
N ALA H 337 35.41 -22.23 -0.61
CA ALA H 337 34.54 -22.71 0.44
C ALA H 337 34.15 -21.59 1.40
N GLU H 338 35.13 -21.00 2.08
CA GLU H 338 34.91 -19.81 2.89
C GLU H 338 35.31 -18.57 2.09
N SER H 339 34.56 -18.35 1.00
CA SER H 339 34.90 -17.31 0.04
C SER H 339 33.81 -16.25 -0.11
N CYS H 340 32.77 -16.27 0.72
CA CYS H 340 31.72 -15.27 0.63
C CYS H 340 32.03 -14.07 1.53
N HIS H 341 33.26 -13.57 1.41
CA HIS H 341 33.65 -12.31 2.02
C HIS H 341 34.54 -11.50 1.12
N ILE H 342 34.81 -11.97 -0.10
CA ILE H 342 35.54 -11.21 -1.11
C ILE H 342 34.50 -10.60 -2.03
N ARG H 343 34.32 -9.29 -1.94
CA ARG H 343 33.27 -8.59 -2.68
C ARG H 343 33.89 -7.49 -3.52
N GLY H 344 33.27 -7.20 -4.65
CA GLY H 344 33.78 -6.20 -5.54
C GLY H 344 33.55 -4.79 -5.05
N ASN H 345 34.34 -3.87 -5.60
CA ASN H 345 34.23 -2.47 -5.19
C ASN H 345 32.99 -1.82 -5.79
N ILE H 346 32.63 -2.20 -7.02
CA ILE H 346 31.46 -1.60 -7.67
C ILE H 346 30.18 -2.17 -7.10
N VAL H 347 29.98 -3.48 -7.24
CA VAL H 347 28.84 -4.19 -6.68
C VAL H 347 29.37 -5.27 -5.76
N GLY H 348 28.93 -5.24 -4.51
CA GLY H 348 29.36 -6.23 -3.53
C GLY H 348 28.20 -6.91 -2.84
N TRP H 349 28.16 -8.23 -2.88
CA TRP H 349 27.06 -8.96 -2.25
C TRP H 349 27.05 -8.68 -0.76
N GLY H 350 25.86 -8.35 -0.25
CA GLY H 350 25.71 -7.99 1.15
C GLY H 350 26.10 -6.58 1.49
N VAL H 351 26.49 -5.78 0.51
CA VAL H 351 26.87 -4.38 0.70
C VAL H 351 26.03 -3.45 -0.17
N THR H 352 25.88 -3.80 -1.44
CA THR H 352 25.15 -2.96 -2.38
C THR H 352 23.64 -3.17 -2.24
N GLU H 353 22.89 -2.17 -2.70
CA GLU H 353 21.43 -2.22 -2.66
C GLU H 353 20.95 -3.12 -3.79
N ILE H 354 20.60 -4.36 -3.44
CA ILE H 354 19.97 -5.30 -4.35
C ILE H 354 18.55 -5.53 -3.82
N GLN H 355 17.57 -4.87 -4.42
CA GLN H 355 16.20 -5.02 -3.96
C GLN H 355 15.43 -5.87 -4.96
N PRO H 356 14.90 -7.04 -4.56
CA PRO H 356 14.12 -7.84 -5.49
C PRO H 356 12.72 -7.28 -5.68
N HIS H 357 12.10 -7.67 -6.80
CA HIS H 357 10.76 -7.21 -7.14
C HIS H 357 10.06 -8.31 -7.92
N GLY H 358 8.72 -8.33 -7.79
CA GLY H 358 7.88 -9.21 -8.57
C GLY H 358 7.63 -10.57 -7.97
N GLY H 359 8.27 -10.90 -6.85
CA GLY H 359 8.10 -12.21 -6.27
C GLY H 359 9.42 -12.80 -5.79
N ALA H 360 10.52 -12.17 -6.18
CA ALA H 360 11.83 -12.59 -5.69
C ALA H 360 11.96 -12.28 -4.21
N GLN H 361 12.68 -13.15 -3.50
CA GLN H 361 12.74 -13.10 -2.05
C GLN H 361 14.16 -13.33 -1.58
N TYR H 362 14.47 -12.79 -0.40
CA TYR H 362 15.70 -13.14 0.32
C TYR H 362 15.43 -14.40 1.14
N VAL H 363 16.01 -15.51 0.69
CA VAL H 363 15.96 -16.75 1.44
C VAL H 363 17.19 -16.81 2.33
N SER H 364 17.09 -16.20 3.52
CA SER H 364 18.22 -16.17 4.44
C SER H 364 18.61 -17.58 4.87
#